data_1YY0
# 
_entry.id   1YY0 
# 
_audit_conform.dict_name       mmcif_pdbx.dic 
_audit_conform.dict_version    5.387 
_audit_conform.dict_location   http://mmcif.pdb.org/dictionaries/ascii/mmcif_pdbx.dic 
# 
loop_
_database_2.database_id 
_database_2.database_code 
_database_2.pdbx_database_accession 
_database_2.pdbx_DOI 
PDB   1YY0         pdb_00001yy0 10.2210/pdb1yy0/pdb 
NDB   AR0058       ?            ?                   
RCSB  RCSB032054   ?            ?                   
WWPDB D_1000032054 ?            ?                   
# 
loop_
_pdbx_audit_revision_history.ordinal 
_pdbx_audit_revision_history.data_content_type 
_pdbx_audit_revision_history.major_revision 
_pdbx_audit_revision_history.minor_revision 
_pdbx_audit_revision_history.revision_date 
1 'Structure model' 1 0 2005-10-18 
2 'Structure model' 1 1 2008-04-30 
3 'Structure model' 1 2 2011-07-13 
4 'Structure model' 1 3 2011-11-16 
5 'Structure model' 1 4 2024-02-14 
# 
_pdbx_audit_revision_details.ordinal             1 
_pdbx_audit_revision_details.revision_ordinal    1 
_pdbx_audit_revision_details.data_content_type   'Structure model' 
_pdbx_audit_revision_details.provider            repository 
_pdbx_audit_revision_details.type                'Initial release' 
_pdbx_audit_revision_details.description         ? 
_pdbx_audit_revision_details.details             ? 
# 
loop_
_pdbx_audit_revision_group.ordinal 
_pdbx_audit_revision_group.revision_ordinal 
_pdbx_audit_revision_group.data_content_type 
_pdbx_audit_revision_group.group 
1 2 'Structure model' 'Version format compliance' 
2 3 'Structure model' 'Version format compliance' 
3 4 'Structure model' 'Atomic model'              
4 5 'Structure model' 'Data collection'           
5 5 'Structure model' 'Database references'       
6 5 'Structure model' 'Derived calculations'      
# 
loop_
_pdbx_audit_revision_category.ordinal 
_pdbx_audit_revision_category.revision_ordinal 
_pdbx_audit_revision_category.data_content_type 
_pdbx_audit_revision_category.category 
1 5 'Structure model' chem_comp_atom         
2 5 'Structure model' chem_comp_bond         
3 5 'Structure model' database_2             
4 5 'Structure model' pdbx_struct_conn_angle 
5 5 'Structure model' struct_conn            
6 5 'Structure model' struct_site            
# 
loop_
_pdbx_audit_revision_item.ordinal 
_pdbx_audit_revision_item.revision_ordinal 
_pdbx_audit_revision_item.data_content_type 
_pdbx_audit_revision_item.item 
1  5 'Structure model' '_database_2.pdbx_DOI'                      
2  5 'Structure model' '_database_2.pdbx_database_accession'       
3  5 'Structure model' '_pdbx_struct_conn_angle.ptnr1_auth_seq_id' 
4  5 'Structure model' '_pdbx_struct_conn_angle.ptnr1_symmetry'    
5  5 'Structure model' '_pdbx_struct_conn_angle.ptnr3_auth_seq_id' 
6  5 'Structure model' '_pdbx_struct_conn_angle.ptnr3_symmetry'    
7  5 'Structure model' '_pdbx_struct_conn_angle.value'             
8  5 'Structure model' '_struct_conn.conn_type_id'                 
9  5 'Structure model' '_struct_conn.id'                           
10 5 'Structure model' '_struct_conn.pdbx_dist_value'              
11 5 'Structure model' '_struct_conn.pdbx_leaving_atom_flag'       
12 5 'Structure model' '_struct_conn.ptnr1_auth_asym_id'           
13 5 'Structure model' '_struct_conn.ptnr1_auth_comp_id'           
14 5 'Structure model' '_struct_conn.ptnr1_auth_seq_id'            
15 5 'Structure model' '_struct_conn.ptnr1_label_asym_id'          
16 5 'Structure model' '_struct_conn.ptnr1_label_atom_id'          
17 5 'Structure model' '_struct_conn.ptnr1_label_comp_id'          
18 5 'Structure model' '_struct_conn.ptnr1_label_seq_id'           
19 5 'Structure model' '_struct_conn.ptnr2_auth_asym_id'           
20 5 'Structure model' '_struct_conn.ptnr2_auth_comp_id'           
21 5 'Structure model' '_struct_conn.ptnr2_auth_seq_id'            
22 5 'Structure model' '_struct_conn.ptnr2_label_asym_id'          
23 5 'Structure model' '_struct_conn.ptnr2_label_atom_id'          
24 5 'Structure model' '_struct_conn.ptnr2_label_comp_id'          
25 5 'Structure model' '_struct_conn.ptnr2_label_seq_id'           
26 5 'Structure model' '_struct_conn.ptnr2_symmetry'               
27 5 'Structure model' '_struct_site.pdbx_auth_asym_id'            
28 5 'Structure model' '_struct_site.pdbx_auth_comp_id'            
29 5 'Structure model' '_struct_site.pdbx_auth_seq_id'             
# 
_pdbx_database_status.status_code                     REL 
_pdbx_database_status.entry_id                        1YY0 
_pdbx_database_status.recvd_initial_deposition_date   2005-02-23 
_pdbx_database_status.deposit_site                    RCSB 
_pdbx_database_status.process_site                    RCSB 
_pdbx_database_status.status_code_sf                  REL 
_pdbx_database_status.status_code_mr                  ? 
_pdbx_database_status.SG_entry                        ? 
_pdbx_database_status.pdb_format_compatible           Y 
_pdbx_database_status.status_code_cs                  ? 
_pdbx_database_status.status_code_nmr_data            ? 
_pdbx_database_status.methods_development_category    ? 
# 
loop_
_audit_author.name 
_audit_author.pdbx_ordinal 
'Gherghe, C.M.' 1 
'Krahn, J.M.'   2 
'Weeks, K.M.'   3 
# 
_citation.id                        primary 
_citation.title                     
;Crystal structures, reactivity and inferred acylation transition States for 2'-amine substituted RNA.
;
_citation.journal_abbrev            J.Am.Chem.Soc. 
_citation.journal_volume            127 
_citation.page_first                13622 
_citation.page_last                 13628 
_citation.year                      2005 
_citation.journal_id_ASTM           JACSAT 
_citation.country                   US 
_citation.journal_id_ISSN           0002-7863 
_citation.journal_id_CSD            0004 
_citation.book_publisher            ? 
_citation.pdbx_database_id_PubMed   16190727 
_citation.pdbx_database_id_DOI      10.1021/ja053647y 
# 
loop_
_citation_author.citation_id 
_citation_author.name 
_citation_author.ordinal 
_citation_author.identifier_ORCID 
primary 'Gherghe, C.M.' 1 ? 
primary 'Krahn, J.M.'   2 ? 
primary 'Weeks, K.M.'   3 ? 
# 
loop_
_entity.id 
_entity.type 
_entity.src_method 
_entity.pdbx_description 
_entity.formula_weight 
_entity.pdbx_number_of_molecules 
_entity.pdbx_ec 
_entity.pdbx_mutation 
_entity.pdbx_fragment 
_entity.details 
1 polymer     syn "5'-R(*GP*CP*AP*GP*AP*(A5M)P*UP*UP*AP*AP*AP*UP*CP*UP*GP*C)-3'" 5081.094 2 ? ? ? ? 
2 polymer     syn "5'-R(*GP*CP*AP*GP*AP*(M5M)P*UP*UP*AP*AP*AP*UP*CP*UP*GP*C)-3'" 5123.130 1 ? ? ? ? 
3 non-polymer syn 'CALCIUM ION'                                                  40.078   2 ? ? ? ? 
4 water       nat water                                                          18.015   8 ? ? ? ? 
# 
loop_
_entity_poly.entity_id 
_entity_poly.type 
_entity_poly.nstd_linkage 
_entity_poly.nstd_monomer 
_entity_poly.pdbx_seq_one_letter_code 
_entity_poly.pdbx_seq_one_letter_code_can 
_entity_poly.pdbx_strand_id 
_entity_poly.pdbx_target_identifier 
1 polyribonucleotide no yes 'GCAGA(A5M)UUAAAUCUGC' GCAGACUUAAAUCUGC A,C ? 
2 polyribonucleotide no yes 'GCAGA(M5M)UUAAAUCUGC' GCAGACUUAAAUCUGC B   ? 
# 
loop_
_pdbx_entity_nonpoly.entity_id 
_pdbx_entity_nonpoly.name 
_pdbx_entity_nonpoly.comp_id 
3 'CALCIUM ION' CA  
4 water         HOH 
# 
loop_
_entity_poly_seq.entity_id 
_entity_poly_seq.num 
_entity_poly_seq.mon_id 
_entity_poly_seq.hetero 
1 1  G   n 
1 2  C   n 
1 3  A   n 
1 4  G   n 
1 5  A   n 
1 6  A5M n 
1 7  U   n 
1 8  U   n 
1 9  A   n 
1 10 A   n 
1 11 A   n 
1 12 U   n 
1 13 C   n 
1 14 U   n 
1 15 G   n 
1 16 C   n 
2 1  G   n 
2 2  C   n 
2 3  A   n 
2 4  G   n 
2 5  A   n 
2 6  M5M n 
2 7  U   n 
2 8  U   n 
2 9  A   n 
2 10 A   n 
2 11 A   n 
2 12 U   n 
2 13 C   n 
2 14 U   n 
2 15 G   n 
2 16 C   n 
# 
_pdbx_entity_src_syn.entity_id              1 
_pdbx_entity_src_syn.pdbx_src_id            1 
_pdbx_entity_src_syn.pdbx_alt_source_flag   sample 
_pdbx_entity_src_syn.pdbx_beg_seq_num       ? 
_pdbx_entity_src_syn.pdbx_end_seq_num       ? 
_pdbx_entity_src_syn.organism_scientific    ? 
_pdbx_entity_src_syn.organism_common_name   ? 
_pdbx_entity_src_syn.ncbi_taxonomy_id       ? 
_pdbx_entity_src_syn.details                'chemically synthesized' 
# 
loop_
_chem_comp.id 
_chem_comp.type 
_chem_comp.mon_nstd_flag 
_chem_comp.name 
_chem_comp.pdbx_synonyms 
_chem_comp.formula 
_chem_comp.formula_weight 
A   'RNA linking' y "ADENOSINE-5'-MONOPHOSPHATE"                 ? 'C10 H14 N5 O7 P' 347.221 
A5M 'RNA linking' n "2'-AMINE-CYTIDINE-5'-MONOPHOSPHATE"         ? 'C9 H15 N4 O7 P'  322.212 
C   'RNA linking' y "CYTIDINE-5'-MONOPHOSPHATE"                  ? 'C9 H14 N3 O8 P'  323.197 
CA  non-polymer   . 'CALCIUM ION'                                ? 'Ca 2'            40.078  
G   'RNA linking' y "GUANOSINE-5'-MONOPHOSPHATE"                 ? 'C10 H14 N5 O8 P' 363.221 
HOH non-polymer   . WATER                                        ? 'H2 O'            18.015  
M5M 'RNA linking' n "2'-(N-ACETAMIDE)-CYTIDINE-5'-MONOPHOSPHATE" ? 'C11 H17 N4 O8 P' 364.248 
U   'RNA linking' y "URIDINE-5'-MONOPHOSPHATE"                   ? 'C9 H13 N2 O9 P'  324.181 
# 
loop_
_pdbx_poly_seq_scheme.asym_id 
_pdbx_poly_seq_scheme.entity_id 
_pdbx_poly_seq_scheme.seq_id 
_pdbx_poly_seq_scheme.mon_id 
_pdbx_poly_seq_scheme.ndb_seq_num 
_pdbx_poly_seq_scheme.pdb_seq_num 
_pdbx_poly_seq_scheme.auth_seq_num 
_pdbx_poly_seq_scheme.pdb_mon_id 
_pdbx_poly_seq_scheme.auth_mon_id 
_pdbx_poly_seq_scheme.pdb_strand_id 
_pdbx_poly_seq_scheme.pdb_ins_code 
_pdbx_poly_seq_scheme.hetero 
A 1 1  G   1  1  1  G   G A . n 
A 1 2  C   2  2  2  C   C A . n 
A 1 3  A   3  3  3  A   A A . n 
A 1 4  G   4  4  4  G   G A . n 
A 1 5  A   5  5  5  A   A A . n 
A 1 6  A5M 6  6  6  A5M C A . n 
A 1 7  U   7  7  7  U   U A . n 
A 1 8  U   8  8  8  U   U A . n 
A 1 9  A   9  9  9  A   A A . n 
A 1 10 A   10 10 10 A   A A . n 
A 1 11 A   11 11 11 A   A A . n 
A 1 12 U   12 12 12 U   U A . n 
A 1 13 C   13 13 13 C   C A . n 
A 1 14 U   14 14 14 U   U A . n 
A 1 15 G   15 15 15 G   G A . n 
A 1 16 C   16 16 16 C   C A . n 
B 2 1  G   1  1  1  G   G B . n 
B 2 2  C   2  2  2  C   C B . n 
B 2 3  A   3  3  3  A   A B . n 
B 2 4  G   4  4  4  G   G B . n 
B 2 5  A   5  5  5  A   A B . n 
B 2 6  M5M 6  6  6  M5M C B . n 
B 2 7  U   7  7  7  U   U B . n 
B 2 8  U   8  8  8  U   U B . n 
B 2 9  A   9  9  9  A   A B . n 
B 2 10 A   10 10 10 A   A B . n 
B 2 11 A   11 11 11 A   A B . n 
B 2 12 U   12 12 12 U   U B . n 
B 2 13 C   13 13 13 C   C B . n 
B 2 14 U   14 14 14 U   U B . n 
B 2 15 G   15 15 15 G   G B . n 
B 2 16 C   16 16 16 C   C B . n 
C 1 1  G   1  1  1  G   G C . n 
C 1 2  C   2  2  2  C   C C . n 
C 1 3  A   3  3  3  A   A C . n 
C 1 4  G   4  4  4  G   G C . n 
C 1 5  A   5  5  5  A   A C . n 
C 1 6  A5M 6  6  6  A5M C C . n 
C 1 7  U   7  7  7  U   U C . n 
C 1 8  U   8  8  8  U   U C . n 
C 1 9  A   9  9  9  A   A C . n 
C 1 10 A   10 10 10 A   A C . n 
C 1 11 A   11 11 11 A   A C . n 
C 1 12 U   12 12 12 U   U C . n 
C 1 13 C   13 13 13 C   C C . n 
C 1 14 U   14 14 14 U   U C . n 
C 1 15 G   15 15 15 G   G C . n 
C 1 16 C   16 16 16 C   C C . n 
# 
loop_
_pdbx_nonpoly_scheme.asym_id 
_pdbx_nonpoly_scheme.entity_id 
_pdbx_nonpoly_scheme.mon_id 
_pdbx_nonpoly_scheme.ndb_seq_num 
_pdbx_nonpoly_scheme.pdb_seq_num 
_pdbx_nonpoly_scheme.auth_seq_num 
_pdbx_nonpoly_scheme.pdb_mon_id 
_pdbx_nonpoly_scheme.auth_mon_id 
_pdbx_nonpoly_scheme.pdb_strand_id 
_pdbx_nonpoly_scheme.pdb_ins_code 
D 3 CA  1 17 9  CA  CA  A . 
E 3 CA  1 17 1  CA  CA  C . 
F 4 HOH 1 18 6  HOH HOH A . 
F 4 HOH 2 19 7  HOH HOH A . 
F 4 HOH 3 20 8  HOH HOH A . 
G 4 HOH 1 17 10 HOH HOH B . 
H 4 HOH 1 18 2  HOH HOH C . 
H 4 HOH 2 19 3  HOH HOH C . 
H 4 HOH 3 20 4  HOH HOH C . 
H 4 HOH 4 21 5  HOH HOH C . 
# 
loop_
_software.name 
_software.classification 
_software.version 
_software.citation_id 
_software.pdbx_ordinal 
CNS          refinement       1.1            ? 1 
CrystalClear 'data reduction' '(MSC/RIGAKU)' ? 2 
SCALEPACK    'data scaling'   .              ? 3 
AMoRE        phasing          .              ? 4 
# 
_cell.entry_id           1YY0 
_cell.length_a           42.600 
_cell.length_b           42.600 
_cell.length_c           121.000 
_cell.angle_alpha        90.00 
_cell.angle_beta         90.00 
_cell.angle_gamma        120.00 
_cell.Z_PDB              12 
_cell.pdbx_unique_axis   ? 
# 
_symmetry.entry_id                         1YY0 
_symmetry.space_group_name_H-M             'P 31 2 1' 
_symmetry.pdbx_full_space_group_name_H-M   ? 
_symmetry.cell_setting                     ? 
_symmetry.Int_Tables_number                152 
_symmetry.space_group_name_Hall            ? 
# 
_exptl.entry_id          1YY0 
_exptl.method            'X-RAY DIFFRACTION' 
_exptl.crystals_number   1 
# 
_exptl_crystal.id                    1 
_exptl_crystal.density_meas          ? 
_exptl_crystal.density_Matthews      2.07 
_exptl_crystal.density_percent_sol   40.68 
_exptl_crystal.description           ? 
_exptl_crystal.F_000                 ? 
_exptl_crystal.preparation           ? 
# 
_exptl_crystal_grow.crystal_id      1 
_exptl_crystal_grow.method          'VAPOR DIFFUSION, SITTING DROP' 
_exptl_crystal_grow.temp            273 
_exptl_crystal_grow.temp_details    ? 
_exptl_crystal_grow.pH              8.0 
_exptl_crystal_grow.pdbx_details    
'MPD, sodium cacodylate, spermidine, calcium chloride, magnesium chloride, pH 8.0, VAPOR DIFFUSION, SITTING DROP, temperature 273K' 
_exptl_crystal_grow.pdbx_pH_range   . 
# 
loop_
_exptl_crystal_grow_comp.crystal_id 
_exptl_crystal_grow_comp.id 
_exptl_crystal_grow_comp.sol_id 
_exptl_crystal_grow_comp.name 
_exptl_crystal_grow_comp.volume 
_exptl_crystal_grow_comp.conc 
_exptl_crystal_grow_comp.details 
1 1  1 MPD                  ? ? ? 
1 2  1 'sodium cacodylate'  ? ? ? 
1 3  1 spermidine           ? ? ? 
1 4  1 'calcium chloride'   ? ? ? 
1 5  1 'magnesium chloride' ? ? ? 
1 6  1 H2O                  ? ? ? 
1 7  2 MPD                  ? ? ? 
1 8  2 'sodium cacodylate'  ? ? ? 
1 9  2 'calcium chloride'   ? ? ? 
1 10 2 'magnesium chloride' ? ? ? 
# 
_diffrn.id                     1 
_diffrn.ambient_temp           100 
_diffrn.ambient_temp_details   ? 
_diffrn.crystal_id             1 
# 
_diffrn_detector.diffrn_id              1 
_diffrn_detector.detector               'IMAGE PLATE' 
_diffrn_detector.type                   'RIGAKU RAXIS IV' 
_diffrn_detector.pdbx_collection_date   2003-05-18 
_diffrn_detector.details                ? 
# 
_diffrn_radiation.diffrn_id                        1 
_diffrn_radiation.wavelength_id                    1 
_diffrn_radiation.pdbx_monochromatic_or_laue_m_l   M 
_diffrn_radiation.monochromator                    ? 
_diffrn_radiation.pdbx_diffrn_protocol             'SINGLE WAVELENGTH' 
_diffrn_radiation.pdbx_scattering_type             x-ray 
# 
_diffrn_radiation_wavelength.id           1 
_diffrn_radiation_wavelength.wavelength   1.5418 
_diffrn_radiation_wavelength.wt           1.0 
# 
_diffrn_source.diffrn_id                   1 
_diffrn_source.source                      'ROTATING ANODE' 
_diffrn_source.type                        RIGAKU 
_diffrn_source.pdbx_synchrotron_site       ? 
_diffrn_source.pdbx_synchrotron_beamline   ? 
_diffrn_source.pdbx_wavelength             1.5418 
_diffrn_source.pdbx_wavelength_list        ? 
# 
_reflns.entry_id                     1YY0 
_reflns.observed_criterion_sigma_I   3 
_reflns.observed_criterion_sigma_F   ? 
_reflns.d_resolution_low             35.3 
_reflns.d_resolution_high            2.9 
_reflns.number_obs                   3450 
_reflns.number_all                   3530 
_reflns.percent_possible_obs         97.8 
_reflns.pdbx_Rmerge_I_obs            0.15 
_reflns.pdbx_Rsym_value              0.13 
_reflns.pdbx_netI_over_sigmaI        12.85 
_reflns.B_iso_Wilson_estimate        ? 
_reflns.pdbx_redundancy              ? 
_reflns.R_free_details               ? 
_reflns.pdbx_chi_squared             ? 
_reflns.pdbx_scaling_rejects         ? 
_reflns.pdbx_diffrn_id               1 
_reflns.pdbx_ordinal                 1 
# 
_reflns_shell.d_res_high             2.9 
_reflns_shell.d_res_low              3.0 
_reflns_shell.percent_possible_all   97.6 
_reflns_shell.Rmerge_I_obs           0.45 
_reflns_shell.pdbx_Rsym_value        0.27 
_reflns_shell.meanI_over_sigI_obs    2.52 
_reflns_shell.pdbx_redundancy        ? 
_reflns_shell.percent_possible_obs   ? 
_reflns_shell.number_unique_all      330 
_reflns_shell.number_measured_all    ? 
_reflns_shell.number_measured_obs    ? 
_reflns_shell.number_unique_obs      ? 
_reflns_shell.pdbx_chi_squared       ? 
_reflns_shell.pdbx_diffrn_id         ? 
_reflns_shell.pdbx_ordinal           1 
# 
_refine.entry_id                                 1YY0 
_refine.ls_number_reflns_obs                     2217 
_refine.ls_number_reflns_all                     2225 
_refine.pdbx_ls_sigma_I                          ? 
_refine.pdbx_ls_sigma_F                          0.0 
_refine.pdbx_data_cutoff_high_absF               831504.89 
_refine.pdbx_data_cutoff_low_absF                0.000000 
_refine.pdbx_data_cutoff_high_rms_absF           ? 
_refine.ls_d_res_low                             8.99 
_refine.ls_d_res_high                            3.20 
_refine.ls_percent_reflns_obs                    99.6 
_refine.ls_R_factor_obs                          0.232 
_refine.ls_R_factor_all                          0.252 
_refine.ls_R_factor_R_work                       0.232 
_refine.ls_R_factor_R_free                       0.264 
_refine.ls_R_factor_R_free_error                 0.025 
_refine.ls_R_factor_R_free_error_details         ? 
_refine.ls_percent_reflns_R_free                 5.2 
_refine.ls_number_reflns_R_free                  115 
_refine.ls_number_parameters                     ? 
_refine.ls_number_restraints                     ? 
_refine.occupancy_min                            ? 
_refine.occupancy_max                            ? 
_refine.correlation_coeff_Fo_to_Fc               ? 
_refine.correlation_coeff_Fo_to_Fc_free          ? 
_refine.B_iso_mean                               54.0 
_refine.aniso_B[1][1]                            11.32 
_refine.aniso_B[2][2]                            11.32 
_refine.aniso_B[3][3]                            -22.64 
_refine.aniso_B[1][2]                            -1.18 
_refine.aniso_B[1][3]                            0.00 
_refine.aniso_B[2][3]                            0.00 
_refine.solvent_model_details                    'FLAT MODEL' 
_refine.solvent_model_param_ksol                 0.265431 
_refine.solvent_model_param_bsol                 57.7872 
_refine.pdbx_solvent_vdw_probe_radii             ? 
_refine.pdbx_solvent_ion_probe_radii             ? 
_refine.pdbx_solvent_shrinkage_radii             ? 
_refine.pdbx_ls_cross_valid_method               THROUGHOUT 
_refine.details                                  ? 
_refine.pdbx_starting_model                      ? 
_refine.pdbx_method_to_determine_struct          'MOLECULAR REPLACEMENT' 
_refine.pdbx_isotropic_thermal_model             RESTRAINED 
_refine.pdbx_stereochemistry_target_values       ? 
_refine.pdbx_stereochem_target_val_spec_case     ? 
_refine.pdbx_R_Free_selection_details            RANDOM 
_refine.pdbx_overall_ESU_R                       ? 
_refine.pdbx_overall_ESU_R_Free                  ? 
_refine.overall_SU_ML                            ? 
_refine.overall_SU_B                             ? 
_refine.ls_redundancy_reflns_obs                 ? 
_refine.overall_SU_R_Cruickshank_DPI             ? 
_refine.overall_SU_R_free                        ? 
_refine.ls_wR_factor_R_free                      ? 
_refine.ls_wR_factor_R_work                      ? 
_refine.overall_FOM_free_R_set                   ? 
_refine.overall_FOM_work_R_set                   ? 
_refine.pdbx_refine_id                           'X-RAY DIFFRACTION' 
_refine.pdbx_diffrn_id                           1 
_refine.pdbx_TLS_residual_ADP_flag               ? 
_refine.pdbx_overall_phase_error                 ? 
_refine.pdbx_overall_SU_R_free_Cruickshank_DPI   ? 
_refine.pdbx_overall_SU_R_Blow_DPI               ? 
_refine.pdbx_overall_SU_R_free_Blow_DPI          ? 
# 
_refine_analyze.entry_id                        1YY0 
_refine_analyze.Luzzati_coordinate_error_obs    0.37 
_refine_analyze.Luzzati_sigma_a_obs             0.17 
_refine_analyze.Luzzati_d_res_low_obs           5.00 
_refine_analyze.Luzzati_coordinate_error_free   0.47 
_refine_analyze.Luzzati_sigma_a_free            ? 
_refine_analyze.Luzzati_d_res_low_free          ? 
_refine_analyze.number_disordered_residues      ? 
_refine_analyze.occupancy_sum_hydrogen          ? 
_refine_analyze.occupancy_sum_non_hydrogen      ? 
_refine_analyze.pdbx_refine_id                  'X-RAY DIFFRACTION' 
# 
_refine_hist.pdbx_refine_id                   'X-RAY DIFFRACTION' 
_refine_hist.cycle_id                         LAST 
_refine_hist.pdbx_number_atoms_protein        0 
_refine_hist.pdbx_number_atoms_nucleic_acid   1011 
_refine_hist.pdbx_number_atoms_ligand         2 
_refine_hist.number_atoms_solvent             8 
_refine_hist.number_atoms_total               1021 
_refine_hist.d_res_high                       3.20 
_refine_hist.d_res_low                        8.99 
# 
loop_
_refine_ls_restr.type 
_refine_ls_restr.dev_ideal 
_refine_ls_restr.dev_ideal_target 
_refine_ls_restr.weight 
_refine_ls_restr.number 
_refine_ls_restr.pdbx_refine_id 
_refine_ls_restr.pdbx_restraint_function 
c_bond_d           0.006 ?    ? ? 'X-RAY DIFFRACTION' ? 
c_angle_deg        1.2   ?    ? ? 'X-RAY DIFFRACTION' ? 
c_dihedral_angle_d 9.7   ?    ? ? 'X-RAY DIFFRACTION' ? 
c_improper_angle_d 1.46  ?    ? ? 'X-RAY DIFFRACTION' ? 
c_mcbond_it        0.00  1.50 ? ? 'X-RAY DIFFRACTION' ? 
c_mcangle_it       0.00  2.00 ? ? 'X-RAY DIFFRACTION' ? 
c_scbond_it        0.63  2.00 ? ? 'X-RAY DIFFRACTION' ? 
c_scangle_it       1.08  2.50 ? ? 'X-RAY DIFFRACTION' ? 
# 
_refine_ls_shell.pdbx_total_number_of_bins_used   6 
_refine_ls_shell.d_res_high                       3.20 
_refine_ls_shell.d_res_low                        3.39 
_refine_ls_shell.number_reflns_R_work             329 
_refine_ls_shell.R_factor_R_work                  0.235 
_refine_ls_shell.percent_reflns_obs               100.0 
_refine_ls_shell.R_factor_R_free                  0.246 
_refine_ls_shell.R_factor_R_free_error            0.051 
_refine_ls_shell.percent_reflns_R_free            6.5 
_refine_ls_shell.number_reflns_R_free             23 
_refine_ls_shell.redundancy_reflns_obs            ? 
_refine_ls_shell.pdbx_refine_id                   'X-RAY DIFFRACTION' 
_refine_ls_shell.number_reflns_all                ? 
_refine_ls_shell.R_factor_all                     ? 
# 
loop_
_pdbx_xplor_file.serial_no 
_pdbx_xplor_file.param_file 
_pdbx_xplor_file.topol_file 
_pdbx_xplor_file.pdbx_refine_id 
1 C2N.PARAM     C2N.TOP     'X-RAY DIFFRACTION' 
2 DNA-RNA.PARAM DNA-RNA.TOP 'X-RAY DIFFRACTION' 
3 WATER.PARAM   WATER.TOP   'X-RAY DIFFRACTION' 
4 ION.PARAM     ION.TOP     'X-RAY DIFFRACTION' 
5 2PA.PARAM     2PA.TOP     'X-RAY DIFFRACTION' 
# 
_struct.entry_id                  1YY0 
_struct.title                     
;Crystal structure of an RNA duplex containing a 2'-amine substitution and a 2'-amide product produced by in-crystal acylation at a C-A mismatch
;
_struct.pdbx_model_details        ? 
_struct.pdbx_CASP_flag            ? 
_struct.pdbx_model_type_details   ? 
# 
_struct_keywords.entry_id        1YY0 
_struct_keywords.pdbx_keywords   RNA 
_struct_keywords.text            
;2'-AMINE, RNA, DUPLEX, MISMATCH, 2-AMIDE, IN-CRYSTAL REACTION
;
# 
loop_
_struct_asym.id 
_struct_asym.pdbx_blank_PDB_chainid_flag 
_struct_asym.pdbx_modified 
_struct_asym.entity_id 
_struct_asym.details 
A N N 1 ? 
B N N 2 ? 
C N N 1 ? 
D N N 3 ? 
E N N 3 ? 
F N N 4 ? 
G N N 4 ? 
H N N 4 ? 
# 
loop_
_struct_ref.id 
_struct_ref.entity_id 
_struct_ref.db_name 
_struct_ref.db_code 
_struct_ref.pdbx_db_accession 
_struct_ref.pdbx_db_isoform 
_struct_ref.pdbx_seq_one_letter_code 
_struct_ref.pdbx_align_begin 
1 1 PDB 1YY0 1YY0 ? ? ? 
2 2 PDB 1YY0 1YY0 ? ? ? 
# 
loop_
_struct_ref_seq.align_id 
_struct_ref_seq.ref_id 
_struct_ref_seq.pdbx_PDB_id_code 
_struct_ref_seq.pdbx_strand_id 
_struct_ref_seq.seq_align_beg 
_struct_ref_seq.pdbx_seq_align_beg_ins_code 
_struct_ref_seq.seq_align_end 
_struct_ref_seq.pdbx_seq_align_end_ins_code 
_struct_ref_seq.pdbx_db_accession 
_struct_ref_seq.db_align_beg 
_struct_ref_seq.pdbx_db_align_beg_ins_code 
_struct_ref_seq.db_align_end 
_struct_ref_seq.pdbx_db_align_end_ins_code 
_struct_ref_seq.pdbx_auth_seq_align_beg 
_struct_ref_seq.pdbx_auth_seq_align_end 
1 1 1YY0 A 1 ? 16 ? 1YY0 1 ? 16 ? 1 16 
2 2 1YY0 B 1 ? 16 ? 1YY0 1 ? 16 ? 1 16 
3 1 1YY0 C 1 ? 16 ? 1YY0 1 ? 16 ? 1 16 
# 
loop_
_pdbx_struct_assembly.id 
_pdbx_struct_assembly.details 
_pdbx_struct_assembly.method_details 
_pdbx_struct_assembly.oligomeric_details 
_pdbx_struct_assembly.oligomeric_count 
1 author_defined_assembly ? dimeric 2 
2 author_defined_assembly ? dimeric 2 
# 
loop_
_pdbx_struct_assembly_gen.assembly_id 
_pdbx_struct_assembly_gen.oper_expression 
_pdbx_struct_assembly_gen.asym_id_list 
1 1   A,B,D,F,G 
2 1,2 C,E,H     
# 
loop_
_pdbx_struct_oper_list.id 
_pdbx_struct_oper_list.type 
_pdbx_struct_oper_list.name 
_pdbx_struct_oper_list.symmetry_operation 
_pdbx_struct_oper_list.matrix[1][1] 
_pdbx_struct_oper_list.matrix[1][2] 
_pdbx_struct_oper_list.matrix[1][3] 
_pdbx_struct_oper_list.vector[1] 
_pdbx_struct_oper_list.matrix[2][1] 
_pdbx_struct_oper_list.matrix[2][2] 
_pdbx_struct_oper_list.matrix[2][3] 
_pdbx_struct_oper_list.vector[2] 
_pdbx_struct_oper_list.matrix[3][1] 
_pdbx_struct_oper_list.matrix[3][2] 
_pdbx_struct_oper_list.matrix[3][3] 
_pdbx_struct_oper_list.vector[3] 
1 'identity operation'         1_555 x,y,z              1.0000000000  0.0000000000 0.0000000000  0.0000000000   0.0000000000 1.0000000000 0.0000000000  0.0000000000 0.0000000000  0.0000000000  1.0000000000  0.0000000000   
2 'crystal symmetry operation' 6_765 -x+2,-x+y+1,-z+1/3 -0.9365168009 0.3186423504 -0.1462987838 -58.0336889923 0.3186423504 0.5993672172 -0.7343200879 6.9235628460 -0.1462987838 -0.7343200879 -0.6628504163 -10.1027763586 
# 
loop_
_struct_biol.id 
_struct_biol.pdbx_parent_biol_id 
_struct_biol.details 
1 ? ? 
2 ? ? 
# 
loop_
_struct_conn.id 
_struct_conn.conn_type_id 
_struct_conn.pdbx_leaving_atom_flag 
_struct_conn.pdbx_PDB_id 
_struct_conn.ptnr1_label_asym_id 
_struct_conn.ptnr1_label_comp_id 
_struct_conn.ptnr1_label_seq_id 
_struct_conn.ptnr1_label_atom_id 
_struct_conn.pdbx_ptnr1_label_alt_id 
_struct_conn.pdbx_ptnr1_PDB_ins_code 
_struct_conn.pdbx_ptnr1_standard_comp_id 
_struct_conn.ptnr1_symmetry 
_struct_conn.ptnr2_label_asym_id 
_struct_conn.ptnr2_label_comp_id 
_struct_conn.ptnr2_label_seq_id 
_struct_conn.ptnr2_label_atom_id 
_struct_conn.pdbx_ptnr2_label_alt_id 
_struct_conn.pdbx_ptnr2_PDB_ins_code 
_struct_conn.ptnr1_auth_asym_id 
_struct_conn.ptnr1_auth_comp_id 
_struct_conn.ptnr1_auth_seq_id 
_struct_conn.ptnr2_auth_asym_id 
_struct_conn.ptnr2_auth_comp_id 
_struct_conn.ptnr2_auth_seq_id 
_struct_conn.ptnr2_symmetry 
_struct_conn.pdbx_ptnr3_label_atom_id 
_struct_conn.pdbx_ptnr3_label_seq_id 
_struct_conn.pdbx_ptnr3_label_comp_id 
_struct_conn.pdbx_ptnr3_label_asym_id 
_struct_conn.pdbx_ptnr3_label_alt_id 
_struct_conn.pdbx_ptnr3_PDB_ins_code 
_struct_conn.details 
_struct_conn.pdbx_dist_value 
_struct_conn.pdbx_value_order 
_struct_conn.pdbx_role 
covale1  covale both ? A A   5  "O3'" ? ? ? 1_555 A A5M 6  P  ? ? A A   5  A A5M 6  1_555 ? ? ? ? ? ? ?               1.607 ? ? 
covale2  covale both ? A A5M 6  "O3'" ? ? ? 1_555 A U   7  P  ? ? A A5M 6  A U   7  1_555 ? ? ? ? ? ? ?               1.604 ? ? 
covale3  covale both ? B A   5  "O3'" ? ? ? 1_555 B M5M 6  P  ? ? B A   5  B M5M 6  1_555 ? ? ? ? ? ? ?               1.599 ? ? 
covale4  covale both ? B M5M 6  "O3'" ? ? ? 1_555 B U   7  P  ? ? B M5M 6  B U   7  1_555 ? ? ? ? ? ? ?               1.611 ? ? 
covale5  covale both ? C A   5  "O3'" ? ? ? 1_555 C A5M 6  P  ? ? C A   5  C A5M 6  1_555 ? ? ? ? ? ? ?               1.607 ? ? 
covale6  covale both ? C A5M 6  "O3'" ? ? ? 1_555 C U   7  P  ? ? C A5M 6  C U   7  1_555 ? ? ? ? ? ? ?               1.606 ? ? 
metalc1  metalc ?    ? A C   16 "O2'" ? ? ? 1_555 D CA  .  CA ? ? A C   16 A CA  17 1_555 ? ? ? ? ? ? ?               2.513 ? ? 
metalc2  metalc ?    ? A C   16 "O3'" ? ? ? 1_555 D CA  .  CA ? ? A C   16 A CA  17 1_555 ? ? ? ? ? ? ?               2.767 ? ? 
metalc3  metalc ?    ? E CA  .  CA    ? ? ? 1_555 H HOH .  O  ? ? C CA  17 C HOH 19 1_555 ? ? ? ? ? ? ?               2.521 ? ? 
metalc4  metalc ?    ? E CA  .  CA    ? ? ? 1_555 H HOH .  O  ? ? C CA  17 C HOH 19 6_765 ? ? ? ? ? ? ?               2.519 ? ? 
metalc5  metalc ?    ? E CA  .  CA    ? ? ? 1_555 H HOH .  O  ? ? C CA  17 C HOH 20 1_555 ? ? ? ? ? ? ?               2.487 ? ? 
metalc6  metalc ?    ? E CA  .  CA    ? ? ? 1_555 H HOH .  O  ? ? C CA  17 C HOH 20 6_765 ? ? ? ? ? ? ?               2.490 ? ? 
hydrog1  hydrog ?    ? A G   1  N1    ? ? ? 1_555 B C   16 O2 ? ? A G   1  B C   16 1_555 ? ? ? ? ? ? 'G-C PAIR'      ?     ? ? 
hydrog2  hydrog ?    ? A C   2  N3    ? ? ? 1_555 B G   15 N1 ? ? A C   2  B G   15 1_555 ? ? ? ? ? ? WATSON-CRICK    ?     ? ? 
hydrog3  hydrog ?    ? A C   2  N4    ? ? ? 1_555 B G   15 O6 ? ? A C   2  B G   15 1_555 ? ? ? ? ? ? WATSON-CRICK    ?     ? ? 
hydrog4  hydrog ?    ? A C   2  O2    ? ? ? 1_555 B G   15 N2 ? ? A C   2  B G   15 1_555 ? ? ? ? ? ? WATSON-CRICK    ?     ? ? 
hydrog5  hydrog ?    ? A A   3  N1    ? ? ? 1_555 B U   14 N3 ? ? A A   3  B U   14 1_555 ? ? ? ? ? ? WATSON-CRICK    ?     ? ? 
hydrog6  hydrog ?    ? A A   3  N6    ? ? ? 1_555 B U   14 O4 ? ? A A   3  B U   14 1_555 ? ? ? ? ? ? WATSON-CRICK    ?     ? ? 
hydrog7  hydrog ?    ? A G   4  N1    ? ? ? 1_555 B C   13 N3 ? ? A G   4  B C   13 1_555 ? ? ? ? ? ? WATSON-CRICK    ?     ? ? 
hydrog8  hydrog ?    ? A G   4  N2    ? ? ? 1_555 B C   13 O2 ? ? A G   4  B C   13 1_555 ? ? ? ? ? ? WATSON-CRICK    ?     ? ? 
hydrog9  hydrog ?    ? A G   4  O6    ? ? ? 1_555 B C   13 N4 ? ? A G   4  B C   13 1_555 ? ? ? ? ? ? WATSON-CRICK    ?     ? ? 
hydrog10 hydrog ?    ? A A   5  N1    ? ? ? 1_555 B U   12 N3 ? ? A A   5  B U   12 1_555 ? ? ? ? ? ? WATSON-CRICK    ?     ? ? 
hydrog11 hydrog ?    ? A A   5  N6    ? ? ? 1_555 B U   12 O4 ? ? A A   5  B U   12 1_555 ? ? ? ? ? ? WATSON-CRICK    ?     ? ? 
hydrog12 hydrog ?    ? A A5M 6  N3    ? ? ? 1_555 B A   11 N6 ? ? A A5M 6  B A   11 1_555 ? ? ? ? ? ? 'A5M-A MISPAIR' ?     ? ? 
hydrog13 hydrog ?    ? A U   7  N3    ? ? ? 1_555 B A   10 N1 ? ? A U   7  B A   10 1_555 ? ? ? ? ? ? WATSON-CRICK    ?     ? ? 
hydrog14 hydrog ?    ? A U   7  O4    ? ? ? 1_555 B A   10 N6 ? ? A U   7  B A   10 1_555 ? ? ? ? ? ? WATSON-CRICK    ?     ? ? 
hydrog15 hydrog ?    ? A U   8  N3    ? ? ? 1_555 B A   9  N1 ? ? A U   8  B A   9  1_555 ? ? ? ? ? ? WATSON-CRICK    ?     ? ? 
hydrog16 hydrog ?    ? A U   8  O4    ? ? ? 1_555 B A   9  N6 ? ? A U   8  B A   9  1_555 ? ? ? ? ? ? WATSON-CRICK    ?     ? ? 
hydrog17 hydrog ?    ? A A   9  N1    ? ? ? 1_555 B U   8  N3 ? ? A A   9  B U   8  1_555 ? ? ? ? ? ? WATSON-CRICK    ?     ? ? 
hydrog18 hydrog ?    ? A A   9  N6    ? ? ? 1_555 B U   8  O4 ? ? A A   9  B U   8  1_555 ? ? ? ? ? ? WATSON-CRICK    ?     ? ? 
hydrog19 hydrog ?    ? A A   10 N1    ? ? ? 1_555 B U   7  N3 ? ? A A   10 B U   7  1_555 ? ? ? ? ? ? WATSON-CRICK    ?     ? ? 
hydrog20 hydrog ?    ? A A   10 N6    ? ? ? 1_555 B U   7  O4 ? ? A A   10 B U   7  1_555 ? ? ? ? ? ? WATSON-CRICK    ?     ? ? 
hydrog21 hydrog ?    ? A A   11 N6    ? ? ? 1_555 B M5M 6  N3 ? ? A A   11 B M5M 6  1_555 ? ? ? ? ? ? 'A-M5M MISPAIR' ?     ? ? 
hydrog22 hydrog ?    ? A U   12 N3    ? ? ? 1_555 B A   5  N1 ? ? A U   12 B A   5  1_555 ? ? ? ? ? ? 'U-A PAIR'      ?     ? ? 
hydrog23 hydrog ?    ? A C   13 N3    ? ? ? 1_555 B G   4  N1 ? ? A C   13 B G   4  1_555 ? ? ? ? ? ? WATSON-CRICK    ?     ? ? 
hydrog24 hydrog ?    ? A C   13 N4    ? ? ? 1_555 B G   4  O6 ? ? A C   13 B G   4  1_555 ? ? ? ? ? ? WATSON-CRICK    ?     ? ? 
hydrog25 hydrog ?    ? A C   13 O2    ? ? ? 1_555 B G   4  N2 ? ? A C   13 B G   4  1_555 ? ? ? ? ? ? WATSON-CRICK    ?     ? ? 
hydrog26 hydrog ?    ? A U   14 N3    ? ? ? 1_555 B A   3  N1 ? ? A U   14 B A   3  1_555 ? ? ? ? ? ? WATSON-CRICK    ?     ? ? 
hydrog27 hydrog ?    ? A U   14 O4    ? ? ? 1_555 B A   3  N6 ? ? A U   14 B A   3  1_555 ? ? ? ? ? ? WATSON-CRICK    ?     ? ? 
hydrog28 hydrog ?    ? A G   15 N1    ? ? ? 1_555 B C   2  N3 ? ? A G   15 B C   2  1_555 ? ? ? ? ? ? WATSON-CRICK    ?     ? ? 
hydrog29 hydrog ?    ? A G   15 N2    ? ? ? 1_555 B C   2  O2 ? ? A G   15 B C   2  1_555 ? ? ? ? ? ? WATSON-CRICK    ?     ? ? 
hydrog30 hydrog ?    ? A G   15 O6    ? ? ? 1_555 B C   2  N4 ? ? A G   15 B C   2  1_555 ? ? ? ? ? ? WATSON-CRICK    ?     ? ? 
hydrog31 hydrog ?    ? A C   16 N3    ? ? ? 1_555 B G   1  N1 ? ? A C   16 B G   1  1_555 ? ? ? ? ? ? WATSON-CRICK    ?     ? ? 
hydrog32 hydrog ?    ? A C   16 N4    ? ? ? 1_555 B G   1  O6 ? ? A C   16 B G   1  1_555 ? ? ? ? ? ? WATSON-CRICK    ?     ? ? 
hydrog33 hydrog ?    ? A C   16 O2    ? ? ? 1_555 B G   1  N2 ? ? A C   16 B G   1  1_555 ? ? ? ? ? ? WATSON-CRICK    ?     ? ? 
hydrog34 hydrog ?    ? C G   1  N1    ? ? ? 1_555 C C   16 N3 ? ? C G   1  C C   16 6_765 ? ? ? ? ? ? WATSON-CRICK    ?     ? ? 
hydrog35 hydrog ?    ? C G   1  N2    ? ? ? 1_555 C C   16 O2 ? ? C G   1  C C   16 6_765 ? ? ? ? ? ? WATSON-CRICK    ?     ? ? 
hydrog36 hydrog ?    ? C G   1  O6    ? ? ? 1_555 C C   16 N4 ? ? C G   1  C C   16 6_765 ? ? ? ? ? ? WATSON-CRICK    ?     ? ? 
hydrog37 hydrog ?    ? C C   2  N3    ? ? ? 1_555 C G   15 N1 ? ? C C   2  C G   15 6_765 ? ? ? ? ? ? WATSON-CRICK    ?     ? ? 
hydrog38 hydrog ?    ? C C   2  N4    ? ? ? 1_555 C G   15 O6 ? ? C C   2  C G   15 6_765 ? ? ? ? ? ? WATSON-CRICK    ?     ? ? 
hydrog39 hydrog ?    ? C C   2  O2    ? ? ? 1_555 C G   15 N2 ? ? C C   2  C G   15 6_765 ? ? ? ? ? ? WATSON-CRICK    ?     ? ? 
hydrog40 hydrog ?    ? C A   3  N1    ? ? ? 1_555 C U   14 N3 ? ? C A   3  C U   14 6_765 ? ? ? ? ? ? WATSON-CRICK    ?     ? ? 
hydrog41 hydrog ?    ? C A   3  N6    ? ? ? 1_555 C U   14 O4 ? ? C A   3  C U   14 6_765 ? ? ? ? ? ? WATSON-CRICK    ?     ? ? 
hydrog42 hydrog ?    ? C G   4  N1    ? ? ? 1_555 C C   13 N3 ? ? C G   4  C C   13 6_765 ? ? ? ? ? ? WATSON-CRICK    ?     ? ? 
hydrog43 hydrog ?    ? C G   4  N2    ? ? ? 1_555 C C   13 O2 ? ? C G   4  C C   13 6_765 ? ? ? ? ? ? WATSON-CRICK    ?     ? ? 
hydrog44 hydrog ?    ? C G   4  O6    ? ? ? 1_555 C C   13 N4 ? ? C G   4  C C   13 6_765 ? ? ? ? ? ? WATSON-CRICK    ?     ? ? 
hydrog45 hydrog ?    ? C A   5  N1    ? ? ? 1_555 C U   12 N3 ? ? C A   5  C U   12 6_765 ? ? ? ? ? ? WATSON-CRICK    ?     ? ? 
hydrog46 hydrog ?    ? C A   5  N6    ? ? ? 1_555 C U   12 O4 ? ? C A   5  C U   12 6_765 ? ? ? ? ? ? WATSON-CRICK    ?     ? ? 
hydrog47 hydrog ?    ? C A5M 6  N3    ? ? ? 1_555 C A   11 N6 ? ? C A5M 6  C A   11 6_765 ? ? ? ? ? ? 'A5M-A MISPAIR' ?     ? ? 
hydrog48 hydrog ?    ? C U   7  N3    ? ? ? 1_555 C A   10 N1 ? ? C U   7  C A   10 6_765 ? ? ? ? ? ? WATSON-CRICK    ?     ? ? 
hydrog49 hydrog ?    ? C U   7  O4    ? ? ? 1_555 C A   10 N6 ? ? C U   7  C A   10 6_765 ? ? ? ? ? ? WATSON-CRICK    ?     ? ? 
hydrog50 hydrog ?    ? C U   8  N3    ? ? ? 1_555 C A   9  N1 ? ? C U   8  C A   9  6_765 ? ? ? ? ? ? WATSON-CRICK    ?     ? ? 
hydrog51 hydrog ?    ? C U   8  O4    ? ? ? 1_555 C A   9  N6 ? ? C U   8  C A   9  6_765 ? ? ? ? ? ? WATSON-CRICK    ?     ? ? 
hydrog52 hydrog ?    ? C A   9  N1    ? ? ? 1_555 C U   8  N3 ? ? C A   9  C U   8  6_765 ? ? ? ? ? ? WATSON-CRICK    ?     ? ? 
hydrog53 hydrog ?    ? C A   9  N6    ? ? ? 1_555 C U   8  O4 ? ? C A   9  C U   8  6_765 ? ? ? ? ? ? WATSON-CRICK    ?     ? ? 
hydrog54 hydrog ?    ? C A   10 N1    ? ? ? 1_555 C U   7  N3 ? ? C A   10 C U   7  6_765 ? ? ? ? ? ? WATSON-CRICK    ?     ? ? 
hydrog55 hydrog ?    ? C A   10 N6    ? ? ? 1_555 C U   7  O4 ? ? C A   10 C U   7  6_765 ? ? ? ? ? ? WATSON-CRICK    ?     ? ? 
hydrog56 hydrog ?    ? C A   11 N6    ? ? ? 1_555 C A5M 6  N3 ? ? C A   11 C A5M 6  6_765 ? ? ? ? ? ? 'A-A5M MISPAIR' ?     ? ? 
hydrog57 hydrog ?    ? C U   12 N3    ? ? ? 1_555 C A   5  N1 ? ? C U   12 C A   5  6_765 ? ? ? ? ? ? WATSON-CRICK    ?     ? ? 
hydrog58 hydrog ?    ? C U   12 O4    ? ? ? 1_555 C A   5  N6 ? ? C U   12 C A   5  6_765 ? ? ? ? ? ? WATSON-CRICK    ?     ? ? 
hydrog59 hydrog ?    ? C C   13 N3    ? ? ? 1_555 C G   4  N1 ? ? C C   13 C G   4  6_765 ? ? ? ? ? ? WATSON-CRICK    ?     ? ? 
hydrog60 hydrog ?    ? C C   13 N4    ? ? ? 1_555 C G   4  O6 ? ? C C   13 C G   4  6_765 ? ? ? ? ? ? WATSON-CRICK    ?     ? ? 
hydrog61 hydrog ?    ? C C   13 O2    ? ? ? 1_555 C G   4  N2 ? ? C C   13 C G   4  6_765 ? ? ? ? ? ? WATSON-CRICK    ?     ? ? 
hydrog62 hydrog ?    ? C U   14 N3    ? ? ? 1_555 C A   3  N1 ? ? C U   14 C A   3  6_765 ? ? ? ? ? ? WATSON-CRICK    ?     ? ? 
hydrog63 hydrog ?    ? C U   14 O4    ? ? ? 1_555 C A   3  N6 ? ? C U   14 C A   3  6_765 ? ? ? ? ? ? WATSON-CRICK    ?     ? ? 
hydrog64 hydrog ?    ? C G   15 N1    ? ? ? 1_555 C C   2  N3 ? ? C G   15 C C   2  6_765 ? ? ? ? ? ? WATSON-CRICK    ?     ? ? 
hydrog65 hydrog ?    ? C G   15 N2    ? ? ? 1_555 C C   2  O2 ? ? C G   15 C C   2  6_765 ? ? ? ? ? ? WATSON-CRICK    ?     ? ? 
hydrog66 hydrog ?    ? C G   15 O6    ? ? ? 1_555 C C   2  N4 ? ? C G   15 C C   2  6_765 ? ? ? ? ? ? WATSON-CRICK    ?     ? ? 
hydrog67 hydrog ?    ? C C   16 N3    ? ? ? 1_555 C G   1  N1 ? ? C C   16 C G   1  6_765 ? ? ? ? ? ? WATSON-CRICK    ?     ? ? 
hydrog68 hydrog ?    ? C C   16 N4    ? ? ? 1_555 C G   1  O6 ? ? C C   16 C G   1  6_765 ? ? ? ? ? ? WATSON-CRICK    ?     ? ? 
hydrog69 hydrog ?    ? C C   16 O2    ? ? ? 1_555 C G   1  N2 ? ? C C   16 C G   1  6_765 ? ? ? ? ? ? WATSON-CRICK    ?     ? ? 
# 
loop_
_struct_conn_type.id 
_struct_conn_type.criteria 
_struct_conn_type.reference 
covale ? ? 
metalc ? ? 
hydrog ? ? 
# 
loop_
_pdbx_struct_conn_angle.id 
_pdbx_struct_conn_angle.ptnr1_label_atom_id 
_pdbx_struct_conn_angle.ptnr1_label_alt_id 
_pdbx_struct_conn_angle.ptnr1_label_asym_id 
_pdbx_struct_conn_angle.ptnr1_label_comp_id 
_pdbx_struct_conn_angle.ptnr1_label_seq_id 
_pdbx_struct_conn_angle.ptnr1_auth_atom_id 
_pdbx_struct_conn_angle.ptnr1_auth_asym_id 
_pdbx_struct_conn_angle.ptnr1_auth_comp_id 
_pdbx_struct_conn_angle.ptnr1_auth_seq_id 
_pdbx_struct_conn_angle.ptnr1_PDB_ins_code 
_pdbx_struct_conn_angle.ptnr1_symmetry 
_pdbx_struct_conn_angle.ptnr2_label_atom_id 
_pdbx_struct_conn_angle.ptnr2_label_alt_id 
_pdbx_struct_conn_angle.ptnr2_label_asym_id 
_pdbx_struct_conn_angle.ptnr2_label_comp_id 
_pdbx_struct_conn_angle.ptnr2_label_seq_id 
_pdbx_struct_conn_angle.ptnr2_auth_atom_id 
_pdbx_struct_conn_angle.ptnr2_auth_asym_id 
_pdbx_struct_conn_angle.ptnr2_auth_comp_id 
_pdbx_struct_conn_angle.ptnr2_auth_seq_id 
_pdbx_struct_conn_angle.ptnr2_PDB_ins_code 
_pdbx_struct_conn_angle.ptnr2_symmetry 
_pdbx_struct_conn_angle.ptnr3_label_atom_id 
_pdbx_struct_conn_angle.ptnr3_label_alt_id 
_pdbx_struct_conn_angle.ptnr3_label_asym_id 
_pdbx_struct_conn_angle.ptnr3_label_comp_id 
_pdbx_struct_conn_angle.ptnr3_label_seq_id 
_pdbx_struct_conn_angle.ptnr3_auth_atom_id 
_pdbx_struct_conn_angle.ptnr3_auth_asym_id 
_pdbx_struct_conn_angle.ptnr3_auth_comp_id 
_pdbx_struct_conn_angle.ptnr3_auth_seq_id 
_pdbx_struct_conn_angle.ptnr3_PDB_ins_code 
_pdbx_struct_conn_angle.ptnr3_symmetry 
_pdbx_struct_conn_angle.value 
_pdbx_struct_conn_angle.value_esd 
1 "O2'" ? A C   16 ? A C   16 ? 1_555 CA ? D CA . ? A CA 17 ? 1_555 "O3'" ? A C   16 ? A C   16 ? 1_555 67.8  ? 
2 O     ? H HOH .  ? C HOH 19 ? 1_555 CA ? E CA . ? C CA 17 ? 1_555 O     ? H HOH .  ? C HOH 19 ? 6_765 78.6  ? 
3 O     ? H HOH .  ? C HOH 19 ? 1_555 CA ? E CA . ? C CA 17 ? 1_555 O     ? H HOH .  ? C HOH 20 ? 1_555 156.0 ? 
4 O     ? H HOH .  ? C HOH 19 ? 6_765 CA ? E CA . ? C CA 17 ? 1_555 O     ? H HOH .  ? C HOH 20 ? 1_555 77.4  ? 
5 O     ? H HOH .  ? C HOH 19 ? 1_555 CA ? E CA . ? C CA 17 ? 1_555 O     ? H HOH .  ? C HOH 20 ? 6_765 77.3  ? 
6 O     ? H HOH .  ? C HOH 19 ? 6_765 CA ? E CA . ? C CA 17 ? 1_555 O     ? H HOH .  ? C HOH 20 ? 6_765 155.9 ? 
7 O     ? H HOH .  ? C HOH 20 ? 1_555 CA ? E CA . ? C CA 17 ? 1_555 O     ? H HOH .  ? C HOH 20 ? 6_765 126.7 ? 
# 
loop_
_struct_site.id 
_struct_site.pdbx_evidence_code 
_struct_site.pdbx_auth_asym_id 
_struct_site.pdbx_auth_comp_id 
_struct_site.pdbx_auth_seq_id 
_struct_site.pdbx_auth_ins_code 
_struct_site.pdbx_num_residues 
_struct_site.details 
AC1 Software C CA 17 ? 4 'BINDING SITE FOR RESIDUE CA C 17' 
AC2 Software A CA 17 ? 1 'BINDING SITE FOR RESIDUE CA A 17' 
# 
loop_
_struct_site_gen.id 
_struct_site_gen.site_id 
_struct_site_gen.pdbx_num_res 
_struct_site_gen.label_comp_id 
_struct_site_gen.label_asym_id 
_struct_site_gen.label_seq_id 
_struct_site_gen.pdbx_auth_ins_code 
_struct_site_gen.auth_comp_id 
_struct_site_gen.auth_asym_id 
_struct_site_gen.auth_seq_id 
_struct_site_gen.label_atom_id 
_struct_site_gen.label_alt_id 
_struct_site_gen.symmetry 
_struct_site_gen.details 
1 AC1 4 HOH H .  ? HOH C 19 . ? 1_555 ? 
2 AC1 4 HOH H .  ? HOH C 19 . ? 6_765 ? 
3 AC1 4 HOH H .  ? HOH C 20 . ? 1_555 ? 
4 AC1 4 HOH H .  ? HOH C 20 . ? 6_765 ? 
5 AC2 1 C   A 16 ? C   A 16 . ? 1_555 ? 
# 
_pdbx_validate_planes.id              1 
_pdbx_validate_planes.PDB_model_num   1 
_pdbx_validate_planes.auth_comp_id    U 
_pdbx_validate_planes.auth_asym_id    C 
_pdbx_validate_planes.auth_seq_id     14 
_pdbx_validate_planes.PDB_ins_code    ? 
_pdbx_validate_planes.label_alt_id    ? 
_pdbx_validate_planes.rmsd            0.071 
_pdbx_validate_planes.type            'SIDE CHAIN' 
# 
loop_
_pdbx_struct_mod_residue.id 
_pdbx_struct_mod_residue.label_asym_id 
_pdbx_struct_mod_residue.label_comp_id 
_pdbx_struct_mod_residue.label_seq_id 
_pdbx_struct_mod_residue.auth_asym_id 
_pdbx_struct_mod_residue.auth_comp_id 
_pdbx_struct_mod_residue.auth_seq_id 
_pdbx_struct_mod_residue.PDB_ins_code 
_pdbx_struct_mod_residue.parent_comp_id 
_pdbx_struct_mod_residue.details 
1 A A5M 6 A A5M 6 ? C "2'-AMINE-CYTIDINE-5'-MONOPHOSPHATE" 
2 B M5M 6 B M5M 6 ? C ?                                    
3 C A5M 6 C A5M 6 ? C "2'-AMINE-CYTIDINE-5'-MONOPHOSPHATE" 
# 
_pdbx_struct_special_symmetry.id              1 
_pdbx_struct_special_symmetry.PDB_model_num   1 
_pdbx_struct_special_symmetry.auth_asym_id    C 
_pdbx_struct_special_symmetry.auth_comp_id    CA 
_pdbx_struct_special_symmetry.auth_seq_id     17 
_pdbx_struct_special_symmetry.PDB_ins_code    ? 
_pdbx_struct_special_symmetry.label_asym_id   E 
_pdbx_struct_special_symmetry.label_comp_id   CA 
_pdbx_struct_special_symmetry.label_seq_id    . 
# 
loop_
_chem_comp_atom.comp_id 
_chem_comp_atom.atom_id 
_chem_comp_atom.type_symbol 
_chem_comp_atom.pdbx_aromatic_flag 
_chem_comp_atom.pdbx_stereo_config 
_chem_comp_atom.pdbx_ordinal 
A   OP3    O  N N 1   
A   P      P  N N 2   
A   OP1    O  N N 3   
A   OP2    O  N N 4   
A   "O5'"  O  N N 5   
A   "C5'"  C  N N 6   
A   "C4'"  C  N R 7   
A   "O4'"  O  N N 8   
A   "C3'"  C  N S 9   
A   "O3'"  O  N N 10  
A   "C2'"  C  N R 11  
A   "O2'"  O  N N 12  
A   "C1'"  C  N R 13  
A   N9     N  Y N 14  
A   C8     C  Y N 15  
A   N7     N  Y N 16  
A   C5     C  Y N 17  
A   C6     C  Y N 18  
A   N6     N  N N 19  
A   N1     N  Y N 20  
A   C2     C  Y N 21  
A   N3     N  Y N 22  
A   C4     C  Y N 23  
A   HOP3   H  N N 24  
A   HOP2   H  N N 25  
A   "H5'"  H  N N 26  
A   "H5''" H  N N 27  
A   "H4'"  H  N N 28  
A   "H3'"  H  N N 29  
A   "HO3'" H  N N 30  
A   "H2'"  H  N N 31  
A   "HO2'" H  N N 32  
A   "H1'"  H  N N 33  
A   H8     H  N N 34  
A   H61    H  N N 35  
A   H62    H  N N 36  
A   H2     H  N N 37  
A5M P      P  N N 38  
A5M OP1    O  N N 39  
A5M OP2    O  N N 40  
A5M "O5'"  O  N N 41  
A5M "C5'"  C  N N 42  
A5M "C4'"  C  N R 43  
A5M "O4'"  O  N N 44  
A5M "C1'"  C  N R 45  
A5M N1     N  N N 46  
A5M C6     C  N N 47  
A5M C2     C  N N 48  
A5M O2     O  N N 49  
A5M N3     N  N N 50  
A5M C4     C  N N 51  
A5M N4     N  N N 52  
A5M C5     C  N N 53  
A5M "C2'"  C  N R 54  
A5M "N2'"  N  N N 55  
A5M "C3'"  C  N S 56  
A5M "O3'"  O  N N 57  
A5M OP3    O  N N 58  
A5M HOP2   H  N N 59  
A5M "H5'"  H  N N 60  
A5M "H5''" H  N N 61  
A5M "H4'"  H  N N 62  
A5M "H1'"  H  N N 63  
A5M H6     H  N N 64  
A5M H41    H  N N 65  
A5M H42    H  N N 66  
A5M H5     H  N N 67  
A5M "H2'"  H  N N 68  
A5M "H'1N" H  N N 69  
A5M "H'2N" H  N N 70  
A5M "H3'"  H  N N 71  
A5M "HO3'" H  N N 72  
A5M HOP3   H  N N 73  
C   OP3    O  N N 74  
C   P      P  N N 75  
C   OP1    O  N N 76  
C   OP2    O  N N 77  
C   "O5'"  O  N N 78  
C   "C5'"  C  N N 79  
C   "C4'"  C  N R 80  
C   "O4'"  O  N N 81  
C   "C3'"  C  N S 82  
C   "O3'"  O  N N 83  
C   "C2'"  C  N R 84  
C   "O2'"  O  N N 85  
C   "C1'"  C  N R 86  
C   N1     N  N N 87  
C   C2     C  N N 88  
C   O2     O  N N 89  
C   N3     N  N N 90  
C   C4     C  N N 91  
C   N4     N  N N 92  
C   C5     C  N N 93  
C   C6     C  N N 94  
C   HOP3   H  N N 95  
C   HOP2   H  N N 96  
C   "H5'"  H  N N 97  
C   "H5''" H  N N 98  
C   "H4'"  H  N N 99  
C   "H3'"  H  N N 100 
C   "HO3'" H  N N 101 
C   "H2'"  H  N N 102 
C   "HO2'" H  N N 103 
C   "H1'"  H  N N 104 
C   H41    H  N N 105 
C   H42    H  N N 106 
C   H5     H  N N 107 
C   H6     H  N N 108 
CA  CA     CA N N 109 
G   OP3    O  N N 110 
G   P      P  N N 111 
G   OP1    O  N N 112 
G   OP2    O  N N 113 
G   "O5'"  O  N N 114 
G   "C5'"  C  N N 115 
G   "C4'"  C  N R 116 
G   "O4'"  O  N N 117 
G   "C3'"  C  N S 118 
G   "O3'"  O  N N 119 
G   "C2'"  C  N R 120 
G   "O2'"  O  N N 121 
G   "C1'"  C  N R 122 
G   N9     N  Y N 123 
G   C8     C  Y N 124 
G   N7     N  Y N 125 
G   C5     C  Y N 126 
G   C6     C  N N 127 
G   O6     O  N N 128 
G   N1     N  N N 129 
G   C2     C  N N 130 
G   N2     N  N N 131 
G   N3     N  N N 132 
G   C4     C  Y N 133 
G   HOP3   H  N N 134 
G   HOP2   H  N N 135 
G   "H5'"  H  N N 136 
G   "H5''" H  N N 137 
G   "H4'"  H  N N 138 
G   "H3'"  H  N N 139 
G   "HO3'" H  N N 140 
G   "H2'"  H  N N 141 
G   "HO2'" H  N N 142 
G   "H1'"  H  N N 143 
G   H8     H  N N 144 
G   H1     H  N N 145 
G   H21    H  N N 146 
G   H22    H  N N 147 
HOH O      O  N N 148 
HOH H1     H  N N 149 
HOH H2     H  N N 150 
M5M P      P  N N 151 
M5M "N2'"  N  N N 152 
M5M "C6'"  C  N N 153 
M5M "C7'"  C  N N 154 
M5M "O8'"  O  N N 155 
M5M OP1    O  N N 156 
M5M OP2    O  N N 157 
M5M "O5'"  O  N N 158 
M5M "C5'"  C  N N 159 
M5M "C4'"  C  N R 160 
M5M "O4'"  O  N N 161 
M5M "C1'"  C  N R 162 
M5M N1     N  N N 163 
M5M C6     C  N N 164 
M5M C2     C  N N 165 
M5M O2     O  N N 166 
M5M N3     N  N N 167 
M5M C4     C  N N 168 
M5M N4     N  N N 169 
M5M C5     C  N N 170 
M5M "C2'"  C  N R 171 
M5M "C3'"  C  N S 172 
M5M "O3'"  O  N N 173 
M5M OP3    O  N N 174 
M5M "HN'2" H  N N 175 
M5M "H7'1" H  N N 176 
M5M "H7'2" H  N N 177 
M5M "H7'3" H  N N 178 
M5M HOP2   H  N N 179 
M5M "H5'"  H  N N 180 
M5M "H5''" H  N N 181 
M5M "H4'"  H  N N 182 
M5M "H1'"  H  N N 183 
M5M H6     H  N N 184 
M5M HN41   H  N N 185 
M5M HN42   H  N N 186 
M5M H5     H  N N 187 
M5M "H2'"  H  N N 188 
M5M "H3'"  H  N N 189 
M5M "HO3'" H  N N 190 
M5M HOP3   H  N N 191 
U   OP3    O  N N 192 
U   P      P  N N 193 
U   OP1    O  N N 194 
U   OP2    O  N N 195 
U   "O5'"  O  N N 196 
U   "C5'"  C  N N 197 
U   "C4'"  C  N R 198 
U   "O4'"  O  N N 199 
U   "C3'"  C  N S 200 
U   "O3'"  O  N N 201 
U   "C2'"  C  N R 202 
U   "O2'"  O  N N 203 
U   "C1'"  C  N R 204 
U   N1     N  N N 205 
U   C2     C  N N 206 
U   O2     O  N N 207 
U   N3     N  N N 208 
U   C4     C  N N 209 
U   O4     O  N N 210 
U   C5     C  N N 211 
U   C6     C  N N 212 
U   HOP3   H  N N 213 
U   HOP2   H  N N 214 
U   "H5'"  H  N N 215 
U   "H5''" H  N N 216 
U   "H4'"  H  N N 217 
U   "H3'"  H  N N 218 
U   "HO3'" H  N N 219 
U   "H2'"  H  N N 220 
U   "HO2'" H  N N 221 
U   "H1'"  H  N N 222 
U   H3     H  N N 223 
U   H5     H  N N 224 
U   H6     H  N N 225 
# 
loop_
_chem_comp_bond.comp_id 
_chem_comp_bond.atom_id_1 
_chem_comp_bond.atom_id_2 
_chem_comp_bond.value_order 
_chem_comp_bond.pdbx_aromatic_flag 
_chem_comp_bond.pdbx_stereo_config 
_chem_comp_bond.pdbx_ordinal 
A   OP3   P      sing N N 1   
A   OP3   HOP3   sing N N 2   
A   P     OP1    doub N N 3   
A   P     OP2    sing N N 4   
A   P     "O5'"  sing N N 5   
A   OP2   HOP2   sing N N 6   
A   "O5'" "C5'"  sing N N 7   
A   "C5'" "C4'"  sing N N 8   
A   "C5'" "H5'"  sing N N 9   
A   "C5'" "H5''" sing N N 10  
A   "C4'" "O4'"  sing N N 11  
A   "C4'" "C3'"  sing N N 12  
A   "C4'" "H4'"  sing N N 13  
A   "O4'" "C1'"  sing N N 14  
A   "C3'" "O3'"  sing N N 15  
A   "C3'" "C2'"  sing N N 16  
A   "C3'" "H3'"  sing N N 17  
A   "O3'" "HO3'" sing N N 18  
A   "C2'" "O2'"  sing N N 19  
A   "C2'" "C1'"  sing N N 20  
A   "C2'" "H2'"  sing N N 21  
A   "O2'" "HO2'" sing N N 22  
A   "C1'" N9     sing N N 23  
A   "C1'" "H1'"  sing N N 24  
A   N9    C8     sing Y N 25  
A   N9    C4     sing Y N 26  
A   C8    N7     doub Y N 27  
A   C8    H8     sing N N 28  
A   N7    C5     sing Y N 29  
A   C5    C6     sing Y N 30  
A   C5    C4     doub Y N 31  
A   C6    N6     sing N N 32  
A   C6    N1     doub Y N 33  
A   N6    H61    sing N N 34  
A   N6    H62    sing N N 35  
A   N1    C2     sing Y N 36  
A   C2    N3     doub Y N 37  
A   C2    H2     sing N N 38  
A   N3    C4     sing Y N 39  
A5M P     OP1    doub N N 40  
A5M P     OP2    sing N N 41  
A5M P     "O5'"  sing N N 42  
A5M P     OP3    sing N N 43  
A5M OP2   HOP2   sing N N 44  
A5M "O5'" "C5'"  sing N N 45  
A5M "C5'" "C4'"  sing N N 46  
A5M "C5'" "H5'"  sing N N 47  
A5M "C5'" "H5''" sing N N 48  
A5M "C4'" "O4'"  sing N N 49  
A5M "C4'" "C3'"  sing N N 50  
A5M "C4'" "H4'"  sing N N 51  
A5M "O4'" "C1'"  sing N N 52  
A5M "C1'" N1     sing N N 53  
A5M "C1'" "C2'"  sing N N 54  
A5M "C1'" "H1'"  sing N N 55  
A5M N1    C6     sing N N 56  
A5M N1    C2     sing N N 57  
A5M C6    C5     doub N N 58  
A5M C6    H6     sing N N 59  
A5M C2    O2     doub N N 60  
A5M C2    N3     sing N N 61  
A5M N3    C4     doub N N 62  
A5M C4    N4     sing N N 63  
A5M C4    C5     sing N N 64  
A5M N4    H41    sing N N 65  
A5M N4    H42    sing N N 66  
A5M C5    H5     sing N N 67  
A5M "C2'" "N2'"  sing N N 68  
A5M "C2'" "C3'"  sing N N 69  
A5M "C2'" "H2'"  sing N N 70  
A5M "N2'" "H'1N" sing N N 71  
A5M "N2'" "H'2N" sing N N 72  
A5M "C3'" "O3'"  sing N N 73  
A5M "C3'" "H3'"  sing N N 74  
A5M "O3'" "HO3'" sing N N 75  
A5M OP3   HOP3   sing N N 76  
C   OP3   P      sing N N 77  
C   OP3   HOP3   sing N N 78  
C   P     OP1    doub N N 79  
C   P     OP2    sing N N 80  
C   P     "O5'"  sing N N 81  
C   OP2   HOP2   sing N N 82  
C   "O5'" "C5'"  sing N N 83  
C   "C5'" "C4'"  sing N N 84  
C   "C5'" "H5'"  sing N N 85  
C   "C5'" "H5''" sing N N 86  
C   "C4'" "O4'"  sing N N 87  
C   "C4'" "C3'"  sing N N 88  
C   "C4'" "H4'"  sing N N 89  
C   "O4'" "C1'"  sing N N 90  
C   "C3'" "O3'"  sing N N 91  
C   "C3'" "C2'"  sing N N 92  
C   "C3'" "H3'"  sing N N 93  
C   "O3'" "HO3'" sing N N 94  
C   "C2'" "O2'"  sing N N 95  
C   "C2'" "C1'"  sing N N 96  
C   "C2'" "H2'"  sing N N 97  
C   "O2'" "HO2'" sing N N 98  
C   "C1'" N1     sing N N 99  
C   "C1'" "H1'"  sing N N 100 
C   N1    C2     sing N N 101 
C   N1    C6     sing N N 102 
C   C2    O2     doub N N 103 
C   C2    N3     sing N N 104 
C   N3    C4     doub N N 105 
C   C4    N4     sing N N 106 
C   C4    C5     sing N N 107 
C   N4    H41    sing N N 108 
C   N4    H42    sing N N 109 
C   C5    C6     doub N N 110 
C   C5    H5     sing N N 111 
C   C6    H6     sing N N 112 
G   OP3   P      sing N N 113 
G   OP3   HOP3   sing N N 114 
G   P     OP1    doub N N 115 
G   P     OP2    sing N N 116 
G   P     "O5'"  sing N N 117 
G   OP2   HOP2   sing N N 118 
G   "O5'" "C5'"  sing N N 119 
G   "C5'" "C4'"  sing N N 120 
G   "C5'" "H5'"  sing N N 121 
G   "C5'" "H5''" sing N N 122 
G   "C4'" "O4'"  sing N N 123 
G   "C4'" "C3'"  sing N N 124 
G   "C4'" "H4'"  sing N N 125 
G   "O4'" "C1'"  sing N N 126 
G   "C3'" "O3'"  sing N N 127 
G   "C3'" "C2'"  sing N N 128 
G   "C3'" "H3'"  sing N N 129 
G   "O3'" "HO3'" sing N N 130 
G   "C2'" "O2'"  sing N N 131 
G   "C2'" "C1'"  sing N N 132 
G   "C2'" "H2'"  sing N N 133 
G   "O2'" "HO2'" sing N N 134 
G   "C1'" N9     sing N N 135 
G   "C1'" "H1'"  sing N N 136 
G   N9    C8     sing Y N 137 
G   N9    C4     sing Y N 138 
G   C8    N7     doub Y N 139 
G   C8    H8     sing N N 140 
G   N7    C5     sing Y N 141 
G   C5    C6     sing N N 142 
G   C5    C4     doub Y N 143 
G   C6    O6     doub N N 144 
G   C6    N1     sing N N 145 
G   N1    C2     sing N N 146 
G   N1    H1     sing N N 147 
G   C2    N2     sing N N 148 
G   C2    N3     doub N N 149 
G   N2    H21    sing N N 150 
G   N2    H22    sing N N 151 
G   N3    C4     sing N N 152 
HOH O     H1     sing N N 153 
HOH O     H2     sing N N 154 
M5M P     OP1    doub N N 155 
M5M P     OP2    sing N N 156 
M5M P     "O5'"  sing N N 157 
M5M P     OP3    sing N N 158 
M5M "N2'" "C6'"  sing N N 159 
M5M "N2'" "C2'"  sing N N 160 
M5M "N2'" "HN'2" sing N N 161 
M5M "C6'" "C7'"  sing N N 162 
M5M "C6'" "O8'"  doub N N 163 
M5M "C7'" "H7'1" sing N N 164 
M5M "C7'" "H7'2" sing N N 165 
M5M "C7'" "H7'3" sing N N 166 
M5M OP2   HOP2   sing N N 167 
M5M "O5'" "C5'"  sing N N 168 
M5M "C5'" "C4'"  sing N N 169 
M5M "C5'" "H5'"  sing N N 170 
M5M "C5'" "H5''" sing N N 171 
M5M "C4'" "O4'"  sing N N 172 
M5M "C4'" "C3'"  sing N N 173 
M5M "C4'" "H4'"  sing N N 174 
M5M "O4'" "C1'"  sing N N 175 
M5M "C1'" N1     sing N N 176 
M5M "C1'" "C2'"  sing N N 177 
M5M "C1'" "H1'"  sing N N 178 
M5M N1    C6     sing N N 179 
M5M N1    C2     sing N N 180 
M5M C6    C5     doub N N 181 
M5M C6    H6     sing N N 182 
M5M C2    O2     doub N N 183 
M5M C2    N3     sing N N 184 
M5M N3    C4     doub N N 185 
M5M C4    N4     sing N N 186 
M5M C4    C5     sing N N 187 
M5M N4    HN41   sing N N 188 
M5M N4    HN42   sing N N 189 
M5M C5    H5     sing N N 190 
M5M "C2'" "C3'"  sing N N 191 
M5M "C2'" "H2'"  sing N N 192 
M5M "C3'" "O3'"  sing N N 193 
M5M "C3'" "H3'"  sing N N 194 
M5M "O3'" "HO3'" sing N N 195 
M5M OP3   HOP3   sing N N 196 
U   OP3   P      sing N N 197 
U   OP3   HOP3   sing N N 198 
U   P     OP1    doub N N 199 
U   P     OP2    sing N N 200 
U   P     "O5'"  sing N N 201 
U   OP2   HOP2   sing N N 202 
U   "O5'" "C5'"  sing N N 203 
U   "C5'" "C4'"  sing N N 204 
U   "C5'" "H5'"  sing N N 205 
U   "C5'" "H5''" sing N N 206 
U   "C4'" "O4'"  sing N N 207 
U   "C4'" "C3'"  sing N N 208 
U   "C4'" "H4'"  sing N N 209 
U   "O4'" "C1'"  sing N N 210 
U   "C3'" "O3'"  sing N N 211 
U   "C3'" "C2'"  sing N N 212 
U   "C3'" "H3'"  sing N N 213 
U   "O3'" "HO3'" sing N N 214 
U   "C2'" "O2'"  sing N N 215 
U   "C2'" "C1'"  sing N N 216 
U   "C2'" "H2'"  sing N N 217 
U   "O2'" "HO2'" sing N N 218 
U   "C1'" N1     sing N N 219 
U   "C1'" "H1'"  sing N N 220 
U   N1    C2     sing N N 221 
U   N1    C6     sing N N 222 
U   C2    O2     doub N N 223 
U   C2    N3     sing N N 224 
U   N3    C4     sing N N 225 
U   N3    H3     sing N N 226 
U   C4    O4     doub N N 227 
U   C4    C5     sing N N 228 
U   C5    C6     doub N N 229 
U   C5    H5     sing N N 230 
U   C6    H6     sing N N 231 
# 
loop_
_ndb_struct_conf_na.entry_id 
_ndb_struct_conf_na.feature 
1YY0 'a-form double helix'  
1YY0 'mismatched base pair' 
# 
loop_
_ndb_struct_na_base_pair.model_number 
_ndb_struct_na_base_pair.i_label_asym_id 
_ndb_struct_na_base_pair.i_label_comp_id 
_ndb_struct_na_base_pair.i_label_seq_id 
_ndb_struct_na_base_pair.i_symmetry 
_ndb_struct_na_base_pair.j_label_asym_id 
_ndb_struct_na_base_pair.j_label_comp_id 
_ndb_struct_na_base_pair.j_label_seq_id 
_ndb_struct_na_base_pair.j_symmetry 
_ndb_struct_na_base_pair.shear 
_ndb_struct_na_base_pair.stretch 
_ndb_struct_na_base_pair.stagger 
_ndb_struct_na_base_pair.buckle 
_ndb_struct_na_base_pair.propeller 
_ndb_struct_na_base_pair.opening 
_ndb_struct_na_base_pair.pair_number 
_ndb_struct_na_base_pair.pair_name 
_ndb_struct_na_base_pair.i_auth_asym_id 
_ndb_struct_na_base_pair.i_auth_seq_id 
_ndb_struct_na_base_pair.i_PDB_ins_code 
_ndb_struct_na_base_pair.j_auth_asym_id 
_ndb_struct_na_base_pair.j_auth_seq_id 
_ndb_struct_na_base_pair.j_PDB_ins_code 
_ndb_struct_na_base_pair.hbond_type_28 
_ndb_struct_na_base_pair.hbond_type_12 
1 A G   1  1_555 B C   16 1_555 -1.334 -0.387 -0.333 -12.668 -9.647  -11.025 1  A_G1:C16_B   A 1  ? B 16 ? ?  1 
1 A C   2  1_555 B G   15 1_555 -0.308 -0.064 0.635  -5.073  -7.690  5.040   2  A_C2:G15_B   A 2  ? B 15 ? 19 1 
1 A A   3  1_555 B U   14 1_555 0.464  -0.288 0.423  8.838   -18.400 9.329   3  A_A3:U14_B   A 3  ? B 14 ? 20 1 
1 A G   4  1_555 B C   13 1_555 -1.031 -0.499 0.043  1.159   -12.481 2.727   4  A_G4:C13_B   A 4  ? B 13 ? 19 1 
1 A A   5  1_555 B U   12 1_555 -0.140 -0.271 0.356  1.126   -11.283 8.071   5  A_A5:U12_B   A 5  ? B 12 ? 20 1 
1 A A5M 6  1_555 B A   11 1_555 1.955  -0.063 0.864  -1.192  -11.398 14.284  6  A_A5M6:A11_B A 6  ? B 11 ? ?  1 
1 A U   7  1_555 B A   10 1_555 0.337  -0.242 0.270  2.699   -15.930 4.512   7  A_U7:A10_B   A 7  ? B 10 ? 20 1 
1 A U   8  1_555 B A   9  1_555 -1.499 -0.219 0.486  6.813   -12.586 5.570   8  A_U8:A9_B    A 8  ? B 9  ? 20 1 
1 A A   9  1_555 B U   8  1_555 -0.392 -0.425 -0.203 0.982   -7.986  3.155   9  A_A9:U8_B    A 9  ? B 8  ? 20 1 
1 A A   10 1_555 B U   7  1_555 -0.711 -0.254 0.216  0.202   -3.956  0.475   10 A_A10:U7_B   A 10 ? B 7  ? 20 1 
1 A A   11 1_555 B M5M 6  1_555 -1.181 -0.146 0.130  10.276  -16.529 -1.554  11 A_A11:M5M6_B A 11 ? B 6  ? ?  ? 
1 A U   12 1_555 B A   5  1_555 0.286  0.214  0.172  1.620   -9.233  5.512   12 A_U12:A5_B   A 12 ? B 5  ? ?  ? 
1 A C   13 1_555 B G   4  1_555 0.141  0.202  -0.380 11.885  -16.937 2.675   13 A_C13:G4_B   A 13 ? B 4  ? 19 1 
1 A U   14 1_555 B A   3  1_555 -0.641 -0.273 0.747  -5.771  0.287   2.469   14 A_U14:A3_B   A 14 ? B 3  ? 20 1 
1 A G   15 1_555 B C   2  1_555 0.458  -0.102 0.000  -3.904  -8.579  -1.594  15 A_G15:C2_B   A 15 ? B 2  ? 19 1 
1 A C   16 1_555 B G   1  1_555 0.791  -0.245 -0.054 -0.255  0.057   0.161   16 A_C16:G1_B   A 16 ? B 1  ? 19 1 
1 C G   1  1_555 C C   16 6_765 -0.669 -0.087 -0.191 -9.556  -6.724  0.207   17 C_G1:C16_C   C 1  ? C 16 ? 19 1 
1 C C   2  1_555 C G   15 6_765 -0.422 -0.124 0.212  -3.885  -4.273  1.643   18 C_C2:G15_C   C 2  ? C 15 ? 19 1 
1 C A   3  1_555 C U   14 6_765 -0.046 -0.037 -0.107 -1.190  -6.363  5.265   19 C_A3:U14_C   C 3  ? C 14 ? 20 1 
1 C G   4  1_555 C C   13 6_765 -0.433 -0.267 0.403  4.135   0.939   3.783   20 C_G4:C13_C   C 4  ? C 13 ? 19 1 
1 C A   5  1_555 C U   12 6_765 0.129  -0.135 -0.144 -4.028  -13.734 -0.811  21 C_A5:U12_C   C 5  ? C 12 ? 20 1 
1 C A5M 6  1_555 C A   11 6_765 1.501  -0.423 0.608  -9.414  -6.321  -1.473  22 C_A5M6:A11_C C 6  ? C 11 ? ?  1 
1 C U   7  1_555 C A   10 6_765 -0.188 -0.385 -0.014 -2.130  -9.633  -11.623 23 C_U7:A10_C   C 7  ? C 10 ? 20 1 
1 C U   8  1_555 C A   9  6_765 -0.178 0.001  0.170  -0.050  -15.131 -0.020  24 C_U8:A9_C    C 8  ? C 9  ? 20 1 
1 C A   9  1_555 C U   8  6_765 0.178  0.001  0.170  0.050   -15.131 -0.020  25 C_A9:U8_C    C 9  ? C 8  ? 20 1 
1 C A   10 1_555 C U   7  6_765 0.188  -0.385 -0.014 2.130   -9.633  -11.623 26 C_A10:U7_C   C 10 ? C 7  ? 20 1 
1 C A   11 1_555 C A5M 6  6_765 -1.501 -0.423 0.608  9.414   -6.321  -1.473  27 C_A11:A5M6_C C 11 ? C 6  ? ?  1 
1 C U   12 1_555 C A   5  6_765 -0.129 -0.135 -0.144 4.028   -13.734 -0.811  28 C_U12:A5_C   C 12 ? C 5  ? 20 1 
1 C C   13 1_555 C G   4  6_765 0.433  -0.267 0.403  -4.135  0.939   3.783   29 C_C13:G4_C   C 13 ? C 4  ? 19 1 
1 C U   14 1_555 C A   3  6_765 0.046  -0.037 -0.107 1.190   -6.363  5.265   30 C_U14:A3_C   C 14 ? C 3  ? 20 1 
1 C G   15 1_555 C C   2  6_765 0.422  -0.124 0.212  3.885   -4.273  1.643   31 C_G15:C2_C   C 15 ? C 2  ? 19 1 
1 C C   16 1_555 C G   1  6_765 0.669  -0.087 -0.191 9.556   -6.724  0.207   32 C_C16:G1_C   C 16 ? C 1  ? 19 1 
# 
loop_
_ndb_struct_na_base_pair_step.model_number 
_ndb_struct_na_base_pair_step.i_label_asym_id_1 
_ndb_struct_na_base_pair_step.i_label_comp_id_1 
_ndb_struct_na_base_pair_step.i_label_seq_id_1 
_ndb_struct_na_base_pair_step.i_symmetry_1 
_ndb_struct_na_base_pair_step.j_label_asym_id_1 
_ndb_struct_na_base_pair_step.j_label_comp_id_1 
_ndb_struct_na_base_pair_step.j_label_seq_id_1 
_ndb_struct_na_base_pair_step.j_symmetry_1 
_ndb_struct_na_base_pair_step.i_label_asym_id_2 
_ndb_struct_na_base_pair_step.i_label_comp_id_2 
_ndb_struct_na_base_pair_step.i_label_seq_id_2 
_ndb_struct_na_base_pair_step.i_symmetry_2 
_ndb_struct_na_base_pair_step.j_label_asym_id_2 
_ndb_struct_na_base_pair_step.j_label_comp_id_2 
_ndb_struct_na_base_pair_step.j_label_seq_id_2 
_ndb_struct_na_base_pair_step.j_symmetry_2 
_ndb_struct_na_base_pair_step.shift 
_ndb_struct_na_base_pair_step.slide 
_ndb_struct_na_base_pair_step.rise 
_ndb_struct_na_base_pair_step.tilt 
_ndb_struct_na_base_pair_step.roll 
_ndb_struct_na_base_pair_step.twist 
_ndb_struct_na_base_pair_step.x_displacement 
_ndb_struct_na_base_pair_step.y_displacement 
_ndb_struct_na_base_pair_step.helical_rise 
_ndb_struct_na_base_pair_step.inclination 
_ndb_struct_na_base_pair_step.tip 
_ndb_struct_na_base_pair_step.helical_twist 
_ndb_struct_na_base_pair_step.step_number 
_ndb_struct_na_base_pair_step.step_name 
_ndb_struct_na_base_pair_step.i_auth_asym_id_1 
_ndb_struct_na_base_pair_step.i_auth_seq_id_1 
_ndb_struct_na_base_pair_step.i_PDB_ins_code_1 
_ndb_struct_na_base_pair_step.j_auth_asym_id_1 
_ndb_struct_na_base_pair_step.j_auth_seq_id_1 
_ndb_struct_na_base_pair_step.j_PDB_ins_code_1 
_ndb_struct_na_base_pair_step.i_auth_asym_id_2 
_ndb_struct_na_base_pair_step.i_auth_seq_id_2 
_ndb_struct_na_base_pair_step.i_PDB_ins_code_2 
_ndb_struct_na_base_pair_step.j_auth_asym_id_2 
_ndb_struct_na_base_pair_step.j_auth_seq_id_2 
_ndb_struct_na_base_pair_step.j_PDB_ins_code_2 
1 A G   1  1_555 B C   16 1_555 A C   2  1_555 B G   15 1_555 0.187  -1.298 3.140 -6.385 -4.164 34.857 -1.529 -1.212 3.186 -6.850 
10.503  35.655 1  AA_G1C2:G15C16_BB   A 1  ? B 16 ? A 2  ? B 15 ? 
1 A C   2  1_555 B G   15 1_555 A A   3  1_555 B U   14 1_555 0.299  -0.986 2.723 3.749  6.528  34.231 -2.435 -0.039 2.516 10.928 
-6.275  35.025 2  AA_C2A3:U14G15_BB   A 2  ? B 15 ? A 3  ? B 14 ? 
1 A A   3  1_555 B U   14 1_555 A G   4  1_555 B C   13 1_555 0.153  -1.438 3.097 -0.806 11.895 25.185 -5.419 -0.483 2.199 25.533 
1.730   27.823 3  AA_A3G4:C13U14_BB   A 3  ? B 14 ? A 4  ? B 13 ? 
1 A G   4  1_555 B C   13 1_555 A A   5  1_555 B U   12 1_555 1.089  -1.412 3.109 -1.883 3.780  34.672 -2.878 -2.077 2.882 6.313  
3.145   34.920 4  AA_G4A5:U12C13_BB   A 4  ? B 13 ? A 5  ? B 12 ? 
1 A A   5  1_555 B U   12 1_555 A A5M 6  1_555 B A   11 1_555 0.355  -1.347 3.220 -0.897 6.251  37.907 -2.788 -0.646 2.961 9.541  
1.370   38.410 5  AA_A5A5M6:A11U12_BB A 5  ? B 12 ? A 6  ? B 11 ? 
1 A A5M 6  1_555 B A   11 1_555 A U   7  1_555 B A   10 1_555 -1.799 -2.026 2.830 5.435  14.015 20.265 -7.173 5.105  0.784 34.374 
-13.330 25.185 6  AA_A5M6U7:A10A11_BB A 6  ? B 11 ? A 7  ? B 10 ? 
1 A U   7  1_555 B A   10 1_555 A U   8  1_555 B A   9  1_555 0.492  -1.993 2.930 -7.343 16.031 25.560 -5.938 -1.931 1.298 31.854 
14.590  30.968 7  AA_U7U8:A9A10_BB    A 7  ? B 10 ? A 8  ? B 9  ? 
1 A U   8  1_555 B A   9  1_555 A A   9  1_555 B U   8  1_555 -0.312 -1.138 3.074 -0.205 12.926 39.097 -2.869 0.425  2.588 18.703 
0.297   41.099 8  AA_U8A9:U8A9_BB     A 8  ? B 9  ? A 9  ? B 8  ? 
1 A A   9  1_555 B U   8  1_555 A A   10 1_555 B U   7  1_555 -0.082 -1.878 3.321 -4.169 -1.620 27.769 -3.472 -0.841 3.398 -3.347 
8.617   28.120 9  AA_A9A10:U7U8_BB    A 9  ? B 8  ? A 10 ? B 7  ? 
1 A A   10 1_555 B U   7  1_555 A A   11 1_555 B M5M 6  1_555 -0.075 -2.005 2.977 2.159  4.550  30.655 -4.501 0.499  2.648 8.534  
-4.049  31.056 10 AA_A10A11:M5M6U7_BB A 10 ? B 7  ? A 11 ? B 6  ? 
1 A A   11 1_555 B M5M 6  1_555 A U   12 1_555 B A   5  1_555 0.808  -1.039 3.569 -1.883 3.925  34.057 -2.416 -1.684 3.383 6.667  
3.199   34.325 11 AA_A11U12:A5M5M6_BB A 11 ? B 6  ? A 12 ? B 5  ? 
1 A U   12 1_555 B A   5  1_555 A C   13 1_555 B G   4  1_555 -0.419 -1.628 2.868 4.245  6.951  35.314 -3.423 1.166  2.449 11.273 
-6.885  36.212 12 AA_U12C13:G4A5_BB   A 12 ? B 5  ? A 13 ? B 4  ? 
1 A C   13 1_555 B G   4  1_555 A U   14 1_555 B A   3  1_555 -0.109 -1.811 3.432 -8.518 20.139 26.067 -5.960 -1.020 1.625 37.376 
15.809  33.902 13 AA_C13U14:A3G4_BB   A 13 ? B 4  ? A 14 ? B 3  ? 
1 A U   14 1_555 B A   3  1_555 A G   15 1_555 B C   2  1_555 -0.473 -1.837 2.858 4.367  13.952 38.118 -3.834 1.054  2.027 20.467 
-6.407  40.728 14 AA_U14G15:C2A3_BB   A 14 ? B 3  ? A 15 ? B 2  ? 
1 A G   15 1_555 B C   2  1_555 A C   16 1_555 B G   1  1_555 0.259  -1.180 3.014 1.065  6.618  36.508 -2.644 -0.279 2.771 10.455 
-1.682  37.097 15 AA_G15C16:G1C2_BB   A 15 ? B 2  ? A 16 ? B 1  ? 
1 C G   1  1_555 C C   16 6_765 C C   2  1_555 C G   15 6_765 -0.438 -1.638 3.084 -3.787 0.527  30.634 -3.175 0.127  3.086 0.993  
7.133   30.866 16 CC_G1C2:G15C16_CC   C 1  ? C 16 ? C 2  ? C 15 ? 
1 C C   2  1_555 C G   15 6_765 C A   3  1_555 C U   14 6_765 0.586  -1.433 3.067 2.558  5.274  33.871 -3.177 -0.627 2.853 8.969  
-4.350  34.360 17 CC_C2A3:U14G15_CC   C 2  ? C 15 ? C 3  ? C 14 ? 
1 C A   3  1_555 C U   14 6_765 C G   4  1_555 C C   13 6_765 -0.215 -1.566 2.950 -4.217 7.260  26.998 -4.637 -0.389 2.458 15.094 
8.767   28.250 18 CC_A3G4:C13U14_CC   C 3  ? C 14 ? C 4  ? C 13 ? 
1 C G   4  1_555 C C   13 6_765 C A   5  1_555 C U   12 6_765 -0.104 -1.786 3.353 4.509  13.139 38.270 -3.945 0.620  2.600 19.283 
-6.617  40.624 19 CC_G4A5:U12C13_CC   C 4  ? C 13 ? C 5  ? C 12 ? 
1 C A   5  1_555 C U   12 6_765 C A5M 6  1_555 C A   11 6_765 -0.210 -1.707 3.265 -3.216 14.028 37.103 -4.005 -0.033 2.493 21.098 
4.837   39.704 20 CC_A5A5M6:A11U12_CC C 5  ? C 12 ? C 6  ? C 11 ? 
1 C A5M 6  1_555 C A   11 6_765 C U   7  1_555 C A   10 6_765 -0.493 -2.258 2.842 3.604  8.928  23.898 -6.917 1.852  1.802 20.526 
-8.285  25.738 21 CC_A5M6U7:A10A11_CC C 6  ? C 11 ? C 7  ? C 10 ? 
1 C U   7  1_555 C A   10 6_765 C U   8  1_555 C A   9  6_765 0.446  -1.678 3.247 -1.763 4.332  32.533 -3.676 -1.077 2.977 7.683  
3.126   32.859 22 CC_U7U8:A9A10_CC    C 7  ? C 10 ? C 8  ? C 9  ? 
1 C U   8  1_555 C A   9  6_765 C A   9  1_555 C U   8  6_765 0.000  -1.650 2.997 0.000  12.431 35.132 -3.968 0.000  2.302 19.843 
0.000   37.201 23 CC_U8A9:U8A9_CC     C 8  ? C 9  ? C 9  ? C 8  ? 
1 C A   9  1_555 C U   8  6_765 C A   10 1_555 C U   7  6_765 -0.446 -1.678 3.247 1.763  4.332  32.533 -3.676 1.077  2.977 7.683  
-3.126  32.859 24 CC_A9A10:U7U8_CC    C 9  ? C 8  ? C 10 ? C 7  ? 
1 C A   10 1_555 C U   7  6_765 C A   11 1_555 C A5M 6  6_765 0.493  -2.258 2.842 -3.604 8.928  23.898 -6.917 -1.852 1.802 20.526 
8.285   25.738 25 CC_A10A11:A5M6U7_CC C 10 ? C 7  ? C 11 ? C 6  ? 
1 C A   11 1_555 C A5M 6  6_765 C U   12 1_555 C A   5  6_765 0.210  -1.707 3.265 3.216  14.028 37.103 -4.005 0.033  2.493 21.098 
-4.837  39.704 26 CC_A11U12:A5A5M6_CC C 11 ? C 6  ? C 12 ? C 5  ? 
1 C U   12 1_555 C A   5  6_765 C C   13 1_555 C G   4  6_765 0.104  -1.786 3.353 -4.509 13.139 38.270 -3.945 -0.620 2.600 19.283 
6.617   40.624 27 CC_U12C13:G4A5_CC   C 12 ? C 5  ? C 13 ? C 4  ? 
1 C C   13 1_555 C G   4  6_765 C U   14 1_555 C A   3  6_765 0.215  -1.566 2.950 4.217  7.260  26.998 -4.637 0.389  2.458 15.094 
-8.767  28.250 28 CC_C13U14:A3G4_CC   C 13 ? C 4  ? C 14 ? C 3  ? 
1 C U   14 1_555 C A   3  6_765 C G   15 1_555 C C   2  6_765 -0.586 -1.433 3.067 -2.558 5.274  33.871 -3.177 0.627  2.853 8.969  
4.350   34.360 29 CC_U14G15:C2A3_CC   C 14 ? C 3  ? C 15 ? C 2  ? 
1 C G   15 1_555 C C   2  6_765 C C   16 1_555 C G   1  6_765 0.438  -1.638 3.084 3.787  0.527  30.634 -3.175 -0.127 3.086 0.993  
-7.133  30.866 30 CC_G15C16:G1C2_CC   C 15 ? C 2  ? C 16 ? C 1  ? 
# 
_atom_sites.entry_id                    1YY0 
_atom_sites.fract_transf_matrix[1][1]   -0.01300840 
_atom_sites.fract_transf_matrix[1][2]   -0.00773287 
_atom_sites.fract_transf_matrix[1][3]   -0.02248770 
_atom_sites.fract_transf_matrix[2][1]   -0.00232207 
_atom_sites.fract_transf_matrix[2][2]   0.01712546 
_atom_sites.fract_transf_matrix[2][3]   -0.02088209 
_atom_sites.fract_transf_matrix[3][1]   0.00709905 
_atom_sites.fract_transf_matrix[3][2]   -0.00284986 
_atom_sites.fract_transf_matrix[3][3]   -0.00312658 
_atom_sites.fract_transf_vector[1]      0.535715 
_atom_sites.fract_transf_vector[2]      0.779959 
_atom_sites.fract_transf_vector[3]      0.366721 
# 
loop_
_atom_type.symbol 
C  
CA 
N  
O  
P  
# 
loop_
_atom_site.group_PDB 
_atom_site.id 
_atom_site.type_symbol 
_atom_site.label_atom_id 
_atom_site.label_alt_id 
_atom_site.label_comp_id 
_atom_site.label_asym_id 
_atom_site.label_entity_id 
_atom_site.label_seq_id 
_atom_site.pdbx_PDB_ins_code 
_atom_site.Cartn_x 
_atom_site.Cartn_y 
_atom_site.Cartn_z 
_atom_site.occupancy 
_atom_site.B_iso_or_equiv 
_atom_site.pdbx_formal_charge 
_atom_site.auth_seq_id 
_atom_site.auth_comp_id 
_atom_site.auth_asym_id 
_atom_site.auth_atom_id 
_atom_site.pdbx_PDB_model_num 
ATOM   1    O  "O5'" . G   A 1 1  ? -4.842  -2.666  3.825   1.00 82.43 ? 1  G   A "O5'" 1 
ATOM   2    C  "C5'" . G   A 1 1  ? -4.012  -1.539  3.499   1.00 83.07 ? 1  G   A "C5'" 1 
ATOM   3    C  "C4'" . G   A 1 1  ? -4.602  -0.639  2.431   1.00 83.56 ? 1  G   A "C4'" 1 
ATOM   4    O  "O4'" . G   A 1 1  ? -5.630  0.215   3.003   1.00 83.31 ? 1  G   A "O4'" 1 
ATOM   5    C  "C3'" . G   A 1 1  ? -3.612  0.317   1.791   1.00 83.67 ? 1  G   A "C3'" 1 
ATOM   6    O  "O3'" . G   A 1 1  ? -2.976  -0.335  0.699   1.00 83.81 ? 1  G   A "O3'" 1 
ATOM   7    C  "C2'" . G   A 1 1  ? -4.507  1.453   1.318   1.00 83.77 ? 1  G   A "C2'" 1 
ATOM   8    O  "O2'" . G   A 1 1  ? -5.149  1.152   0.099   1.00 84.35 ? 1  G   A "O2'" 1 
ATOM   9    C  "C1'" . G   A 1 1  ? -5.546  1.515   2.441   1.00 83.45 ? 1  G   A "C1'" 1 
ATOM   10   N  N9    . G   A 1 1  ? -5.222  2.444   3.524   1.00 82.66 ? 1  G   A N9    1 
ATOM   11   C  C8    . G   A 1 1  ? -5.042  2.113   4.845   1.00 82.67 ? 1  G   A C8    1 
ATOM   12   N  N7    . G   A 1 1  ? -4.767  3.141   5.600   1.00 81.99 ? 1  G   A N7    1 
ATOM   13   C  C5    . G   A 1 1  ? -4.761  4.219   4.728   1.00 82.04 ? 1  G   A C5    1 
ATOM   14   C  C6    . G   A 1 1  ? -4.524  5.589   4.979   1.00 81.59 ? 1  G   A C6    1 
ATOM   15   O  O6    . G   A 1 1  ? -4.247  6.136   6.053   1.00 81.51 ? 1  G   A O6    1 
ATOM   16   N  N1    . G   A 1 1  ? -4.631  6.349   3.820   1.00 81.38 ? 1  G   A N1    1 
ATOM   17   C  C2    . G   A 1 1  ? -4.917  5.851   2.578   1.00 81.51 ? 1  G   A C2    1 
ATOM   18   N  N2    . G   A 1 1  ? -4.976  6.751   1.583   1.00 80.90 ? 1  G   A N2    1 
ATOM   19   N  N3    . G   A 1 1  ? -5.129  4.568   2.327   1.00 81.91 ? 1  G   A N3    1 
ATOM   20   C  C4    . G   A 1 1  ? -5.040  3.812   3.442   1.00 82.03 ? 1  G   A C4    1 
ATOM   21   P  P     . C   A 1 2  ? -1.462  0.042   0.312   1.00 83.81 ? 2  C   A P     1 
ATOM   22   O  OP1   . C   A 1 2  ? -1.112  -0.747  -0.904  1.00 83.64 ? 2  C   A OP1   1 
ATOM   23   O  OP2   . C   A 1 2  ? -0.619  -0.076  1.534   1.00 83.76 ? 2  C   A OP2   1 
ATOM   24   O  "O5'" . C   A 1 2  ? -1.550  1.581   -0.092  1.00 84.17 ? 2  C   A "O5'" 1 
ATOM   25   C  "C5'" . C   A 1 2  ? -2.163  1.978   -1.310  1.00 84.49 ? 2  C   A "C5'" 1 
ATOM   26   C  "C4'" . C   A 1 2  ? -2.126  3.478   -1.445  1.00 84.76 ? 2  C   A "C4'" 1 
ATOM   27   O  "O4'" . C   A 1 2  ? -2.943  4.084   -0.407  1.00 85.01 ? 2  C   A "O4'" 1 
ATOM   28   C  "C3'" . C   A 1 2  ? -0.773  4.121   -1.217  1.00 84.70 ? 2  C   A "C3'" 1 
ATOM   29   O  "O3'" . C   A 1 2  ? 0.072   4.019   -2.346  1.00 84.12 ? 2  C   A "O3'" 1 
ATOM   30   C  "C2'" . C   A 1 2  ? -1.181  5.552   -0.940  1.00 84.98 ? 2  C   A "C2'" 1 
ATOM   31   O  "O2'" . C   A 1 2  ? -1.633  6.177   -2.123  1.00 85.28 ? 2  C   A "O2'" 1 
ATOM   32   C  "C1'" . C   A 1 2  ? -2.366  5.320   -0.009  1.00 85.03 ? 2  C   A "C1'" 1 
ATOM   33   N  N1    . C   A 1 2  ? -1.953  5.210   1.404   1.00 85.04 ? 2  C   A N1    1 
ATOM   34   C  C2    . C   A 1 2  ? -1.619  6.379   2.101   1.00 84.95 ? 2  C   A C2    1 
ATOM   35   O  O2    . C   A 1 2  ? -1.640  7.464   1.504   1.00 84.88 ? 2  C   A O2    1 
ATOM   36   N  N3    . C   A 1 2  ? -1.275  6.295   3.403   1.00 84.64 ? 2  C   A N3    1 
ATOM   37   C  C4    . C   A 1 2  ? -1.242  5.109   4.005   1.00 84.54 ? 2  C   A C4    1 
ATOM   38   N  N4    . C   A 1 2  ? -0.905  5.081   5.294   1.00 84.54 ? 2  C   A N4    1 
ATOM   39   C  C5    . C   A 1 2  ? -1.552  3.902   3.316   1.00 84.52 ? 2  C   A C5    1 
ATOM   40   C  C6    . C   A 1 2  ? -1.901  3.998   2.029   1.00 84.88 ? 2  C   A C6    1 
ATOM   41   P  P     . A   A 1 3  ? 1.653   3.842   -2.122  1.00 83.67 ? 3  A   A P     1 
ATOM   42   O  OP1   . A   A 1 3  ? 2.240   3.309   -3.379  1.00 83.80 ? 3  A   A OP1   1 
ATOM   43   O  OP2   . A   A 1 3  ? 1.868   3.111   -0.849  1.00 83.67 ? 3  A   A OP2   1 
ATOM   44   O  "O5'" . A   A 1 3  ? 2.174   5.324   -1.870  1.00 83.07 ? 3  A   A "O5'" 1 
ATOM   45   C  "C5'" . A   A 1 3  ? 1.687   6.422   -2.623  1.00 82.33 ? 3  A   A "C5'" 1 
ATOM   46   C  "C4'" . A   A 1 3  ? 2.035   7.702   -1.917  1.00 81.63 ? 3  A   A "C4'" 1 
ATOM   47   O  "O4'" . A   A 1 3  ? 1.139   7.920   -0.788  1.00 81.60 ? 3  A   A "O4'" 1 
ATOM   48   C  "C3'" . A   A 1 3  ? 3.394   7.665   -1.258  1.00 81.11 ? 3  A   A "C3'" 1 
ATOM   49   O  "O3'" . A   A 1 3  ? 4.466   7.792   -2.170  1.00 80.35 ? 3  A   A "O3'" 1 
ATOM   50   C  "C2'" . A   A 1 3  ? 3.271   8.777   -0.228  1.00 81.44 ? 3  A   A "C2'" 1 
ATOM   51   O  "O2'" . A   A 1 3  ? 3.372   10.075  -0.775  1.00 81.46 ? 3  A   A "O2'" 1 
ATOM   52   C  "C1'" . A   A 1 3  ? 1.853   8.529   0.286   1.00 81.09 ? 3  A   A "C1'" 1 
ATOM   53   N  N9    . A   A 1 3  ? 1.878   7.600   1.415   1.00 80.43 ? 3  A   A N9    1 
ATOM   54   C  C8    . A   A 1 3  ? 1.887   6.227   1.362   1.00 80.06 ? 3  A   A C8    1 
ATOM   55   N  N7    . A   A 1 3  ? 1.953   5.652   2.537   1.00 79.87 ? 3  A   A N7    1 
ATOM   56   C  C5    . A   A 1 3  ? 1.977   6.718   3.427   1.00 79.63 ? 3  A   A C5    1 
ATOM   57   C  C6    . A   A 1 3  ? 2.047   6.776   4.834   1.00 79.40 ? 3  A   A C6    1 
ATOM   58   N  N6    . A   A 1 3  ? 2.098   5.698   5.619   1.00 79.09 ? 3  A   A N6    1 
ATOM   59   N  N1    . A   A 1 3  ? 2.065   7.998   5.411   1.00 79.39 ? 3  A   A N1    1 
ATOM   60   C  C2    . A   A 1 3  ? 2.012   9.083   4.623   1.00 79.36 ? 3  A   A C2    1 
ATOM   61   N  N3    . A   A 1 3  ? 1.938   9.156   3.293   1.00 79.69 ? 3  A   A N3    1 
ATOM   62   C  C4    . A   A 1 3  ? 1.926   7.924   2.750   1.00 80.01 ? 3  A   A C4    1 
ATOM   63   P  P     . G   A 1 4  ? 5.863   7.069   -1.833  1.00 79.62 ? 4  G   A P     1 
ATOM   64   O  OP1   . G   A 1 4  ? 6.604   6.855   -3.105  1.00 79.84 ? 4  G   A OP1   1 
ATOM   65   O  OP2   . G   A 1 4  ? 5.587   5.911   -0.949  1.00 79.82 ? 4  G   A OP2   1 
ATOM   66   O  "O5'" . G   A 1 4  ? 6.619   8.152   -0.950  1.00 79.10 ? 4  G   A "O5'" 1 
ATOM   67   C  "C5'" . G   A 1 4  ? 6.370   9.526   -1.167  1.00 78.10 ? 4  G   A "C5'" 1 
ATOM   68   C  "C4'" . G   A 1 4  ? 6.572   10.298  0.104   1.00 77.27 ? 4  G   A "C4'" 1 
ATOM   69   O  "O4'" . G   A 1 4  ? 5.433   10.182  0.992   1.00 77.12 ? 4  G   A "O4'" 1 
ATOM   70   C  "C3'" . G   A 1 4  ? 7.704   9.804   0.964   1.00 76.54 ? 4  G   A "C3'" 1 
ATOM   71   O  "O3'" . G   A 1 4  ? 8.933   10.209  0.421   1.00 75.23 ? 4  G   A "O3'" 1 
ATOM   72   C  "C2'" . G   A 1 4  ? 7.389   10.499  2.276   1.00 76.74 ? 4  G   A "C2'" 1 
ATOM   73   O  "O2'" . G   A 1 4  ? 7.689   11.881  2.225   1.00 77.18 ? 4  G   A "O2'" 1 
ATOM   74   C  "C1'" . G   A 1 4  ? 5.873   10.308  2.339   1.00 76.53 ? 4  G   A "C1'" 1 
ATOM   75   N  N9    . G   A 1 4  ? 5.522   9.085   3.053   1.00 75.98 ? 4  G   A N9    1 
ATOM   76   C  C8    . G   A 1 4  ? 5.164   7.877   2.504   1.00 75.59 ? 4  G   A C8    1 
ATOM   77   N  N7    . G   A 1 4  ? 4.944   6.952   3.398   1.00 75.47 ? 4  G   A N7    1 
ATOM   78   C  C5    . G   A 1 4  ? 5.163   7.589   4.612   1.00 75.36 ? 4  G   A C5    1 
ATOM   79   C  C6    . G   A 1 4  ? 5.081   7.091   5.929   1.00 75.41 ? 4  G   A C6    1 
ATOM   80   O  O6    . G   A 1 4  ? 4.799   5.947   6.302   1.00 75.02 ? 4  G   A O6    1 
ATOM   81   N  N1    . G   A 1 4  ? 5.378   8.076   6.864   1.00 75.54 ? 4  G   A N1    1 
ATOM   82   C  C2    . G   A 1 4  ? 5.721   9.372   6.570   1.00 75.64 ? 4  G   A C2    1 
ATOM   83   N  N2    . G   A 1 4  ? 5.992   10.175  7.618   1.00 75.85 ? 4  G   A N2    1 
ATOM   84   N  N3    . G   A 1 4  ? 5.798   9.848   5.340   1.00 75.53 ? 4  G   A N3    1 
ATOM   85   C  C4    . G   A 1 4  ? 5.509   8.908   4.416   1.00 75.77 ? 4  G   A C4    1 
ATOM   86   P  P     . A   A 1 5  ? 10.162  9.202   0.468   1.00 74.16 ? 5  A   A P     1 
ATOM   87   O  OP1   . A   A 1 5  ? 11.251  9.759   -0.382  1.00 74.33 ? 5  A   A OP1   1 
ATOM   88   O  OP2   . A   A 1 5  ? 9.591   7.868   0.164   1.00 74.21 ? 5  A   A OP2   1 
ATOM   89   O  "O5'" . A   A 1 5  ? 10.609  9.273   1.991   1.00 73.00 ? 5  A   A "O5'" 1 
ATOM   90   C  "C5'" . A   A 1 5  ? 10.712  10.536  2.620   1.00 71.00 ? 5  A   A "C5'" 1 
ATOM   91   C  "C4'" . A   A 1 5  ? 10.601  10.397  4.110   1.00 69.68 ? 5  A   A "C4'" 1 
ATOM   92   O  "O4'" . A   A 1 5  ? 9.270   9.974   4.503   1.00 69.20 ? 5  A   A "O4'" 1 
ATOM   93   C  "C3'" . A   A 1 5  ? 11.488  9.351   4.739   1.00 68.92 ? 5  A   A "C3'" 1 
ATOM   94   O  "O3'" . A   A 1 5  ? 12.827  9.813   4.827   1.00 67.67 ? 5  A   A "O3'" 1 
ATOM   95   C  "C2'" . A   A 1 5  ? 10.838  9.207   6.107   1.00 68.87 ? 5  A   A "C2'" 1 
ATOM   96   O  "O2'" . A   A 1 5  ? 11.191  10.282  6.960   1.00 68.96 ? 5  A   A "O2'" 1 
ATOM   97   C  "C1'" . A   A 1 5  ? 9.351   9.276   5.735   1.00 68.61 ? 5  A   A "C1'" 1 
ATOM   98   N  N9    . A   A 1 5  ? 8.791   7.946   5.538   1.00 67.95 ? 5  A   A N9    1 
ATOM   99   C  C8    . A   A 1 5  ? 8.492   7.329   4.348   1.00 67.59 ? 5  A   A C8    1 
ATOM   100  N  N7    . A   A 1 5  ? 8.043   6.104   4.485   1.00 67.50 ? 5  A   A N7    1 
ATOM   101  C  C5    . A   A 1 5  ? 8.040   5.903   5.859   1.00 67.18 ? 5  A   A C5    1 
ATOM   102  C  C6    . A   A 1 5  ? 7.683   4.796   6.655   1.00 67.05 ? 5  A   A C6    1 
ATOM   103  N  N6    . A   A 1 5  ? 7.278   3.628   6.152   1.00 66.59 ? 5  A   A N6    1 
ATOM   104  N  N1    . A   A 1 5  ? 7.771   4.929   7.996   1.00 66.91 ? 5  A   A N1    1 
ATOM   105  C  C2    . A   A 1 5  ? 8.209   6.091   8.492   1.00 67.19 ? 5  A   A C2    1 
ATOM   106  N  N3    . A   A 1 5  ? 8.594   7.196   7.848   1.00 67.18 ? 5  A   A N3    1 
ATOM   107  C  C4    . A   A 1 5  ? 8.481   7.036   6.520   1.00 67.51 ? 5  A   A C4    1 
HETATM 108  P  P     . A5M A 1 6  ? 14.025  8.849   4.362   1.00 66.50 ? 6  A5M A P     1 
HETATM 109  O  OP1   . A5M A 1 6  ? 15.197  9.732   4.101   1.00 66.51 ? 6  A5M A OP1   1 
HETATM 110  O  OP2   . A5M A 1 6  ? 13.514  7.944   3.288   1.00 66.21 ? 6  A5M A OP2   1 
HETATM 111  O  "O5'" . A5M A 1 6  ? 14.340  7.976   5.655   1.00 65.20 ? 6  A5M A "O5'" 1 
HETATM 112  C  "C5'" . A5M A 1 6  ? 14.615  8.616   6.884   1.00 63.43 ? 6  A5M A "C5'" 1 
HETATM 113  C  "C4'" . A5M A 1 6  ? 14.175  7.748   8.028   1.00 62.16 ? 6  A5M A "C4'" 1 
HETATM 114  O  "O4'" . A5M A 1 6  ? 12.731  7.568   8.015   1.00 61.59 ? 6  A5M A "O4'" 1 
HETATM 115  C  "C1'" . A5M A 1 6  ? 12.407  6.292   8.540   1.00 61.07 ? 6  A5M A "C1'" 1 
HETATM 116  N  N1    . A5M A 1 6  ? 11.810  5.491   7.471   1.00 60.21 ? 6  A5M A N1    1 
HETATM 117  C  C6    . A5M A 1 6  ? 11.820  5.919   6.178   1.00 59.96 ? 6  A5M A C6    1 
HETATM 118  C  C2    . A5M A 1 6  ? 11.254  4.257   7.801   1.00 59.69 ? 6  A5M A C2    1 
HETATM 119  O  O2    . A5M A 1 6  ? 11.216  3.923   9.001   1.00 59.21 ? 6  A5M A O2    1 
HETATM 120  N  N3    . A5M A 1 6  ? 10.768  3.465   6.819   1.00 59.91 ? 6  A5M A N3    1 
HETATM 121  C  C4    . A5M A 1 6  ? 10.816  3.875   5.555   1.00 60.02 ? 6  A5M A C4    1 
HETATM 122  N  N4    . A5M A 1 6  ? 10.367  3.048   4.615   1.00 60.05 ? 6  A5M A N4    1 
HETATM 123  C  C5    . A5M A 1 6  ? 11.336  5.149   5.197   1.00 60.10 ? 6  A5M A C5    1 
HETATM 124  C  "C2'" . A5M A 1 6  ? 13.726  5.675   8.990   1.00 61.51 ? 6  A5M A "C2'" 1 
HETATM 125  N  "N2'" . A5M A 1 6  ? 13.947  6.120   10.369  1.00 61.35 ? 6  A5M A "N2'" 1 
HETATM 126  C  "C3'" . A5M A 1 6  ? 14.680  6.323   7.999   1.00 61.58 ? 6  A5M A "C3'" 1 
HETATM 127  O  "O3'" . A5M A 1 6  ? 16.043  6.275   8.400   1.00 60.96 ? 6  A5M A "O3'" 1 
ATOM   128  P  P     . U   A 1 7  ? 17.033  5.209   7.724   1.00 60.42 ? 7  U   A P     1 
ATOM   129  O  OP1   . U   A 1 7  ? 18.346  5.890   7.559   1.00 60.41 ? 7  U   A OP1   1 
ATOM   130  O  OP2   . U   A 1 7  ? 16.354  4.627   6.534   1.00 60.37 ? 7  U   A OP2   1 
ATOM   131  O  "O5'" . U   A 1 7  ? 17.153  4.091   8.852   1.00 59.50 ? 7  U   A "O5'" 1 
ATOM   132  C  "C5'" . U   A 1 7  ? 17.369  4.475   10.206  1.00 58.10 ? 7  U   A "C5'" 1 
ATOM   133  C  "C4'" . U   A 1 7  ? 16.982  3.360   11.150  1.00 57.25 ? 7  U   A "C4'" 1 
ATOM   134  O  "O4'" . U   A 1 7  ? 15.541  3.217   11.219  1.00 56.70 ? 7  U   A "O4'" 1 
ATOM   135  C  "C3'" . U   A 1 7  ? 17.468  1.984   10.748  1.00 56.86 ? 7  U   A "C3'" 1 
ATOM   136  O  "O3'" . U   A 1 7  ? 18.816  1.799   11.122  1.00 56.97 ? 7  U   A "O3'" 1 
ATOM   137  C  "C2'" . U   A 1 7  ? 16.515  1.083   11.509  1.00 56.54 ? 7  U   A "C2'" 1 
ATOM   138  O  "O2'" . U   A 1 7  ? 16.808  1.025   12.888  1.00 56.90 ? 7  U   A "O2'" 1 
ATOM   139  C  "C1'" . U   A 1 7  ? 15.204  1.840   11.310  1.00 56.13 ? 7  U   A "C1'" 1 
ATOM   140  N  N1    . U   A 1 7  ? 14.521  1.461   10.065  1.00 54.67 ? 7  U   A N1    1 
ATOM   141  C  C2    . U   A 1 7  ? 13.743  0.330   10.086  1.00 54.10 ? 7  U   A C2    1 
ATOM   142  O  O2    . U   A 1 7  ? 13.643  -0.387  11.066  1.00 53.79 ? 7  U   A O2    1 
ATOM   143  N  N3    . U   A 1 7  ? 13.085  0.062   8.918   1.00 53.78 ? 7  U   A N3    1 
ATOM   144  C  C4    . U   A 1 7  ? 13.128  0.780   7.761   1.00 53.47 ? 7  U   A C4    1 
ATOM   145  O  O4    . U   A 1 7  ? 12.426  0.429   6.811   1.00 53.33 ? 7  U   A O4    1 
ATOM   146  C  C5    . U   A 1 7  ? 13.985  1.924   7.805   1.00 53.72 ? 7  U   A C5    1 
ATOM   147  C  C6    . U   A 1 7  ? 14.638  2.216   8.927   1.00 54.42 ? 7  U   A C6    1 
ATOM   148  P  P     . U   A 1 8  ? 19.793  1.006   10.133  1.00 57.05 ? 8  U   A P     1 
ATOM   149  O  OP1   . U   A 1 8  ? 21.169  1.052   10.706  1.00 56.92 ? 8  U   A OP1   1 
ATOM   150  O  OP2   . U   A 1 8  ? 19.551  1.516   8.753   1.00 56.63 ? 8  U   A OP2   1 
ATOM   151  O  "O5'" . U   A 1 8  ? 19.246  -0.482  10.270  1.00 57.07 ? 8  U   A "O5'" 1 
ATOM   152  C  "C5'" . U   A 1 8  ? 19.236  -1.115  11.550  1.00 56.96 ? 8  U   A "C5'" 1 
ATOM   153  C  "C4'" . U   A 1 8  ? 18.631  -2.491  11.455  1.00 56.13 ? 8  U   A "C4'" 1 
ATOM   154  O  "O4'" . U   A 1 8  ? 17.197  -2.368  11.264  1.00 55.72 ? 8  U   A "O4'" 1 
ATOM   155  C  "C3'" . U   A 1 8  ? 19.055  -3.312  10.249  1.00 55.76 ? 8  U   A "C3'" 1 
ATOM   156  O  "O3'" . U   A 1 8  ? 20.340  -3.929  10.338  1.00 55.43 ? 8  U   A "O3'" 1 
ATOM   157  C  "C2'" . U   A 1 8  ? 17.942  -4.344  10.179  1.00 55.60 ? 8  U   A "C2'" 1 
ATOM   158  O  "O2'" . U   A 1 8  ? 18.139  -5.370  11.132  1.00 56.24 ? 8  U   A "O2'" 1 
ATOM   159  C  "C1'" . U   A 1 8  ? 16.724  -3.497  10.550  1.00 55.29 ? 8  U   A "C1'" 1 
ATOM   160  N  N1    . U   A 1 8  ? 15.989  -3.049  9.361   1.00 55.02 ? 8  U   A N1    1 
ATOM   161  C  C2    . U   A 1 8  ? 15.105  -3.952  8.812   1.00 54.52 ? 8  U   A C2    1 
ATOM   162  O  O2    . U   A 1 8  ? 14.931  -5.055  9.279   1.00 54.36 ? 8  U   A O2    1 
ATOM   163  N  N3    . U   A 1 8  ? 14.441  -3.525  7.697   1.00 54.64 ? 8  U   A N3    1 
ATOM   164  C  C4    . U   A 1 8  ? 14.579  -2.318  7.075   1.00 54.96 ? 8  U   A C4    1 
ATOM   165  O  O4    . U   A 1 8  ? 13.965  -2.115  6.036   1.00 55.06 ? 8  U   A O4    1 
ATOM   166  C  C5    . U   A 1 8  ? 15.514  -1.419  7.702   1.00 55.42 ? 8  U   A C5    1 
ATOM   167  C  C6    . U   A 1 8  ? 16.169  -1.808  8.806   1.00 55.27 ? 8  U   A C6    1 
ATOM   168  P  P     . A   A 1 9  ? 21.058  -4.429  8.979   1.00 54.95 ? 9  A   A P     1 
ATOM   169  O  OP1   . A   A 1 9  ? 22.402  -4.984  9.275   1.00 55.34 ? 9  A   A OP1   1 
ATOM   170  O  OP2   . A   A 1 9  ? 20.921  -3.359  7.951   1.00 55.16 ? 9  A   A OP2   1 
ATOM   171  O  "O5'" . A   A 1 9  ? 20.160  -5.654  8.515   1.00 54.35 ? 9  A   A "O5'" 1 
ATOM   172  C  "C5'" . A   A 1 9  ? 20.109  -6.822  9.295   1.00 52.78 ? 9  A   A "C5'" 1 
ATOM   173  C  "C4'" . A   A 1 9  ? 19.241  -7.834  8.622   1.00 51.77 ? 9  A   A "C4'" 1 
ATOM   174  O  "O4'" . A   A 1 9  ? 17.884  -7.354  8.570   1.00 50.05 ? 9  A   A "O4'" 1 
ATOM   175  C  "C3'" . A   A 1 9  ? 19.581  -8.098  7.175   1.00 51.86 ? 9  A   A "C3'" 1 
ATOM   176  O  "O3'" . A   A 1 9  ? 20.649  -9.023  7.136   1.00 54.08 ? 9  A   A "O3'" 1 
ATOM   177  C  "C2'" . A   A 1 9  ? 18.279  -8.689  6.657   1.00 49.93 ? 9  A   A "C2'" 1 
ATOM   178  O  "O2'" . A   A 1 9  ? 18.102  -10.027 7.049   1.00 49.41 ? 9  A   A "O2'" 1 
ATOM   179  C  "C1'" . A   A 1 9  ? 17.258  -7.841  7.406   1.00 47.95 ? 9  A   A "C1'" 1 
ATOM   180  N  N9    . A   A 1 9  ? 16.820  -6.685  6.654   1.00 45.76 ? 9  A   A N9    1 
ATOM   181  C  C8    . A   A 1 9  ? 17.240  -5.400  6.843   1.00 44.43 ? 9  A   A C8    1 
ATOM   182  N  N7    . A   A 1 9  ? 16.646  -4.533  6.062   1.00 43.97 ? 9  A   A N7    1 
ATOM   183  C  C5    . A   A 1 9  ? 15.778  -5.308  5.300   1.00 43.16 ? 9  A   A C5    1 
ATOM   184  C  C6    . A   A 1 9  ? 14.831  -4.980  4.319   1.00 42.88 ? 9  A   A C6    1 
ATOM   185  N  N6    . A   A 1 9  ? 14.575  -3.732  3.936   1.00 41.54 ? 9  A   A N6    1 
ATOM   186  N  N1    . A   A 1 9  ? 14.131  -5.992  3.758   1.00 42.60 ? 9  A   A N1    1 
ATOM   187  C  C2    . A   A 1 9  ? 14.368  -7.245  4.180   1.00 42.70 ? 9  A   A C2    1 
ATOM   188  N  N3    . A   A 1 9  ? 15.214  -7.673  5.108   1.00 43.07 ? 9  A   A N3    1 
ATOM   189  C  C4    . A   A 1 9  ? 15.894  -6.641  5.639   1.00 43.83 ? 9  A   A C4    1 
ATOM   190  P  P     . A   A 1 10 ? 21.413  -9.302  5.755   1.00 55.95 ? 10 A   A P     1 
ATOM   191  O  OP1   . A   A 1 10 ? 22.275  -10.489 6.026   1.00 55.96 ? 10 A   A OP1   1 
ATOM   192  O  OP2   . A   A 1 10 ? 22.030  -8.035  5.286   1.00 56.06 ? 10 A   A OP2   1 
ATOM   193  O  "O5'" . A   A 1 10 ? 20.258  -9.711  4.733   1.00 57.18 ? 10 A   A "O5'" 1 
ATOM   194  C  "C5'" . A   A 1 10 ? 19.895  -11.071 4.564   1.00 58.77 ? 10 A   A "C5'" 1 
ATOM   195  C  "C4'" . A   A 1 10 ? 18.814  -11.203 3.521   1.00 60.08 ? 10 A   A "C4'" 1 
ATOM   196  O  "O4'" . A   A 1 10 ? 17.807  -10.193 3.784   1.00 60.45 ? 10 A   A "O4'" 1 
ATOM   197  C  "C3'" . A   A 1 10 ? 19.178  -10.901 2.076   1.00 60.87 ? 10 A   A "C3'" 1 
ATOM   198  O  "O3'" . A   A 1 10 ? 19.888  -11.963 1.423   1.00 61.14 ? 10 A   A "O3'" 1 
ATOM   199  C  "C2'" . A   A 1 10 ? 17.799  -10.677 1.466   1.00 60.67 ? 10 A   A "C2'" 1 
ATOM   200  O  "O2'" . A   A 1 10 ? 17.080  -11.882 1.280   1.00 61.10 ? 10 A   A "O2'" 1 
ATOM   201  C  "C1'" . A   A 1 10 ? 17.113  -9.896  2.580   1.00 60.19 ? 10 A   A "C1'" 1 
ATOM   202  N  N9    . A   A 1 10 ? 17.143  -8.455  2.344   1.00 60.20 ? 10 A   A N9    1 
ATOM   203  C  C8    . A   A 1 10 ? 17.860  -7.480  2.995   1.00 59.99 ? 10 A   A C8    1 
ATOM   204  N  N7    . A   A 1 10 ? 17.649  -6.268  2.532   1.00 59.73 ? 10 A   A N7    1 
ATOM   205  C  C5    . A   A 1 10 ? 16.734  -6.460  1.505   1.00 59.67 ? 10 A   A C5    1 
ATOM   206  C  C6    . A   A 1 10 ? 16.091  -5.565  0.618   1.00 59.86 ? 10 A   A C6    1 
ATOM   207  N  N6    . A   A 1 10 ? 16.291  -4.240  0.625   1.00 60.06 ? 10 A   A N6    1 
ATOM   208  N  N1    . A   A 1 10 ? 15.221  -6.085  -0.282  1.00 59.88 ? 10 A   A N1    1 
ATOM   209  C  C2    . A   A 1 10 ? 15.013  -7.411  -0.283  1.00 59.82 ? 10 A   A C2    1 
ATOM   210  N  N3    . A   A 1 10 ? 15.553  -8.353  0.499   1.00 59.85 ? 10 A   A N3    1 
ATOM   211  C  C4    . A   A 1 10 ? 16.414  -7.804  1.378   1.00 59.87 ? 10 A   A C4    1 
ATOM   212  P  P     . A   A 1 11 ? 20.882  -11.606 0.201   1.00 61.00 ? 11 A   A P     1 
ATOM   213  O  OP1   . A   A 1 11 ? 21.784  -12.756 -0.060  1.00 61.19 ? 11 A   A OP1   1 
ATOM   214  O  OP2   . A   A 1 11 ? 21.475  -10.268 0.493   1.00 61.11 ? 11 A   A OP2   1 
ATOM   215  O  "O5'" . A   A 1 11 ? 19.907  -11.412 -1.045  1.00 60.23 ? 11 A   A "O5'" 1 
ATOM   216  C  "C5'" . A   A 1 11 ? 18.970  -12.408 -1.389  1.00 59.21 ? 11 A   A "C5'" 1 
ATOM   217  C  "C4'" . A   A 1 11 ? 18.097  -11.922 -2.510  1.00 58.71 ? 11 A   A "C4'" 1 
ATOM   218  O  "O4'" . A   A 1 11 ? 17.312  -10.788 -2.049  1.00 58.15 ? 11 A   A "O4'" 1 
ATOM   219  C  "C3'" . A   A 1 11 ? 18.813  -11.339 -3.712  1.00 58.38 ? 11 A   A "C3'" 1 
ATOM   220  O  "O3'" . A   A 1 11 ? 19.383  -12.334 -4.557  1.00 59.60 ? 11 A   A "O3'" 1 
ATOM   221  C  "C2'" . A   A 1 11 ? 17.674  -10.572 -4.377  1.00 58.07 ? 11 A   A "C2'" 1 
ATOM   222  O  "O2'" . A   A 1 11 ? 16.752  -11.443 -5.026  1.00 57.95 ? 11 A   A "O2'" 1 
ATOM   223  C  "C1'" . A   A 1 11 ? 16.997  -9.944  -3.154  1.00 57.16 ? 11 A   A "C1'" 1 
ATOM   224  N  N9    . A   A 1 11 ? 17.408  -8.566  -2.835  1.00 55.12 ? 11 A   A N9    1 
ATOM   225  C  C8    . A   A 1 11 ? 18.391  -8.175  -1.965  1.00 54.41 ? 11 A   A C8    1 
ATOM   226  N  N7    . A   A 1 11 ? 18.521  -6.873  -1.857  1.00 54.00 ? 11 A   A N7    1 
ATOM   227  C  C5    . A   A 1 11 ? 17.564  -6.368  -2.721  1.00 53.61 ? 11 A   A C5    1 
ATOM   228  C  C6    . A   A 1 11 ? 17.195  -5.052  -3.063  1.00 52.76 ? 11 A   A C6    1 
ATOM   229  N  N6    . A   A 1 11 ? 17.797  -3.970  -2.582  1.00 52.15 ? 11 A   A N6    1 
ATOM   230  N  N1    . A   A 1 11 ? 16.183  -4.887  -3.936  1.00 52.55 ? 11 A   A N1    1 
ATOM   231  C  C2    . A   A 1 11 ? 15.604  -5.977  -4.456  1.00 52.98 ? 11 A   A C2    1 
ATOM   232  N  N3    . A   A 1 11 ? 15.868  -7.266  -4.227  1.00 53.57 ? 11 A   A N3    1 
ATOM   233  C  C4    . A   A 1 11 ? 16.868  -7.396  -3.334  1.00 54.15 ? 11 A   A C4    1 
ATOM   234  P  P     . U   A 1 12 ? 20.800  -12.043 -5.271  1.00 59.43 ? 12 U   A P     1 
ATOM   235  O  OP1   . U   A 1 12 ? 21.221  -13.293 -5.985  1.00 59.77 ? 12 U   A OP1   1 
ATOM   236  O  OP2   . U   A 1 12 ? 21.705  -11.442 -4.250  1.00 59.18 ? 12 U   A OP2   1 
ATOM   237  O  "O5'" . U   A 1 12 ? 20.434  -10.952 -6.377  1.00 59.58 ? 12 U   A "O5'" 1 
ATOM   238  C  "C5'" . U   A 1 12 ? 19.534  -11.289 -7.420  1.00 59.46 ? 12 U   A "C5'" 1 
ATOM   239  C  "C4'" . U   A 1 12 ? 18.867  -10.056 -7.970  1.00 58.96 ? 12 U   A "C4'" 1 
ATOM   240  O  "O4'" . U   A 1 12 ? 18.271  -9.285  -6.891  1.00 58.51 ? 12 U   A "O4'" 1 
ATOM   241  C  "C3'" . U   A 1 12 ? 19.753  -9.035  -8.648  1.00 58.86 ? 12 U   A "C3'" 1 
ATOM   242  O  "O3'" . U   A 1 12 ? 20.103  -9.461  -9.956  1.00 58.71 ? 12 U   A "O3'" 1 
ATOM   243  C  "C2'" . U   A 1 12 ? 18.830  -7.825  -8.656  1.00 58.56 ? 12 U   A "C2'" 1 
ATOM   244  O  "O2'" . U   A 1 12 ? 17.780  -8.009  -9.586  1.00 58.80 ? 12 U   A "O2'" 1 
ATOM   245  C  "C1'" . U   A 1 12 ? 18.235  -7.910  -7.250  1.00 57.92 ? 12 U   A "C1'" 1 
ATOM   246  N  N1    . U   A 1 12 ? 18.988  -7.151  -6.240  1.00 57.39 ? 12 U   A N1    1 
ATOM   247  C  C2    . U   A 1 12 ? 18.931  -5.766  -6.285  1.00 56.80 ? 12 U   A C2    1 
ATOM   248  O  O2    . U   A 1 12 ? 18.252  -5.152  -7.093  1.00 56.37 ? 12 U   A O2    1 
ATOM   249  N  N3    . U   A 1 12 ? 19.698  -5.124  -5.341  1.00 56.66 ? 12 U   A N3    1 
ATOM   250  C  C4    . U   A 1 12 ? 20.493  -5.715  -4.375  1.00 56.71 ? 12 U   A C4    1 
ATOM   251  O  O4    . U   A 1 12 ? 21.210  -5.011  -3.665  1.00 56.41 ? 12 U   A O4    1 
ATOM   252  C  C5    . U   A 1 12 ? 20.471  -7.143  -4.378  1.00 56.75 ? 12 U   A C5    1 
ATOM   253  C  C6    . U   A 1 12 ? 19.739  -7.796  -5.289  1.00 57.07 ? 12 U   A C6    1 
ATOM   254  P  P     . C   A 1 13 ? 21.519  -9.023  -10.574 1.00 58.34 ? 13 C   A P     1 
ATOM   255  O  OP1   . C   A 1 13 ? 21.745  -9.866  -11.779 1.00 58.47 ? 13 C   A OP1   1 
ATOM   256  O  OP2   . C   A 1 13 ? 22.546  -9.012  -9.488  1.00 58.08 ? 13 C   A OP2   1 
ATOM   257  O  "O5'" . C   A 1 13 ? 21.252  -7.520  -11.045 1.00 57.99 ? 13 C   A "O5'" 1 
ATOM   258  C  "C5'" . C   A 1 13 ? 20.369  -7.255  -12.136 1.00 57.26 ? 13 C   A "C5'" 1 
ATOM   259  C  "C4'" . C   A 1 13 ? 20.315  -5.771  -12.444 1.00 56.42 ? 13 C   A "C4'" 1 
ATOM   260  O  "O4'" . C   A 1 13 ? 19.590  -5.072  -11.396 1.00 55.84 ? 13 C   A "O4'" 1 
ATOM   261  C  "C3'" . C   A 1 13 ? 21.645  -5.041  -12.531 1.00 55.97 ? 13 C   A "C3'" 1 
ATOM   262  O  "O3'" . C   A 1 13 ? 22.257  -5.200  -13.808 1.00 55.67 ? 13 C   A "O3'" 1 
ATOM   263  C  "C2'" . C   A 1 13 ? 21.216  -3.601  -12.275 1.00 56.03 ? 13 C   A "C2'" 1 
ATOM   264  O  "O2'" . C   A 1 13 ? 20.616  -3.015  -13.415 1.00 56.24 ? 13 C   A "O2'" 1 
ATOM   265  C  "C1'" . C   A 1 13 ? 20.177  -3.799  -11.166 1.00 55.52 ? 13 C   A "C1'" 1 
ATOM   266  N  N1    . C   A 1 13 ? 20.820  -3.839  -9.851  1.00 54.34 ? 13 C   A N1    1 
ATOM   267  C  C2    . C   A 1 13 ? 20.948  -2.668  -9.120  1.00 53.83 ? 13 C   A C2    1 
ATOM   268  O  O2    . C   A 1 13 ? 20.437  -1.634  -9.567  1.00 53.60 ? 13 C   A O2    1 
ATOM   269  N  N3    . C   A 1 13 ? 21.623  -2.687  -7.944  1.00 53.95 ? 13 C   A N3    1 
ATOM   270  C  C4    . C   A 1 13 ? 22.150  -3.830  -7.504  1.00 53.95 ? 13 C   A C4    1 
ATOM   271  N  N4    . C   A 1 13 ? 22.869  -3.809  -6.385  1.00 53.79 ? 13 C   A N4    1 
ATOM   272  C  C5    . C   A 1 13 ? 21.980  -5.050  -8.208  1.00 54.37 ? 13 C   A C5    1 
ATOM   273  C  C6    . C   A 1 13 ? 21.314  -5.010  -9.364  1.00 54.43 ? 13 C   A C6    1 
ATOM   274  P  P     . U   A 1 14 ? 23.866  -5.244  -13.922 1.00 55.24 ? 14 U   A P     1 
ATOM   275  O  OP1   . U   A 1 14 ? 24.221  -5.672  -15.300 1.00 55.19 ? 14 U   A OP1   1 
ATOM   276  O  OP2   . U   A 1 14 ? 24.393  -6.003  -12.757 1.00 55.09 ? 14 U   A OP2   1 
ATOM   277  O  "O5'" . U   A 1 14 ? 24.304  -3.722  -13.759 1.00 54.73 ? 14 U   A "O5'" 1 
ATOM   278  C  "C5'" . U   A 1 14 ? 23.943  -2.752  -14.734 1.00 53.46 ? 14 U   A "C5'" 1 
ATOM   279  C  "C4'" . U   A 1 14 ? 24.321  -1.371  -14.258 1.00 51.95 ? 14 U   A "C4'" 1 
ATOM   280  O  "O4'" . U   A 1 14 ? 23.619  -1.082  -13.017 1.00 51.85 ? 14 U   A "O4'" 1 
ATOM   281  C  "C3'" . U   A 1 14 ? 25.776  -1.198  -13.869 1.00 51.41 ? 14 U   A "C3'" 1 
ATOM   282  O  "O3'" . U   A 1 14 ? 26.597  -0.995  -14.997 1.00 50.89 ? 14 U   A "O3'" 1 
ATOM   283  C  "C2'" . U   A 1 14 ? 25.712  0.034   -12.987 1.00 50.89 ? 14 U   A "C2'" 1 
ATOM   284  O  "O2'" . U   A 1 14 ? 25.542  1.189   -13.782 1.00 51.32 ? 14 U   A "O2'" 1 
ATOM   285  C  "C1'" . U   A 1 14 ? 24.424  -0.236  -12.205 1.00 50.89 ? 14 U   A "C1'" 1 
ATOM   286  N  N1    . U   A 1 14 ? 24.639  -0.886  -10.904 1.00 50.28 ? 14 U   A N1    1 
ATOM   287  C  C2    . U   A 1 14 ? 25.320  -0.180  -9.935  1.00 49.81 ? 14 U   A C2    1 
ATOM   288  O  O2    . U   A 1 14 ? 25.708  0.952   -10.101 1.00 50.63 ? 14 U   A O2    1 
ATOM   289  N  N3    . U   A 1 14 ? 25.527  -0.850  -8.759  1.00 49.43 ? 14 U   A N3    1 
ATOM   290  C  C4    . U   A 1 14 ? 25.116  -2.123  -8.453  1.00 48.94 ? 14 U   A C4    1 
ATOM   291  O  O4    . U   A 1 14 ? 25.426  -2.617  -7.370  1.00 48.38 ? 14 U   A O4    1 
ATOM   292  C  C5    . U   A 1 14 ? 24.391  -2.776  -9.497  1.00 49.54 ? 14 U   A C5    1 
ATOM   293  C  C6    . U   A 1 14 ? 24.187  -2.149  -10.660 1.00 49.98 ? 14 U   A C6    1 
ATOM   294  P  P     . G   A 1 15 ? 28.086  -1.586  -14.990 1.00 50.97 ? 15 G   A P     1 
ATOM   295  O  OP1   . G   A 1 15 ? 28.561  -1.600  -16.392 1.00 51.14 ? 15 G   A OP1   1 
ATOM   296  O  OP2   . G   A 1 15 ? 28.108  -2.830  -14.194 1.00 50.73 ? 15 G   A OP2   1 
ATOM   297  O  "O5'" . G   A 1 15 ? 28.921  -0.537  -14.139 1.00 50.88 ? 15 G   A "O5'" 1 
ATOM   298  C  "C5'" . G   A 1 15 ? 28.769  0.869   -14.331 1.00 51.26 ? 15 G   A "C5'" 1 
ATOM   299  C  "C4'" . G   A 1 15 ? 29.520  1.614   -13.256 1.00 50.89 ? 15 G   A "C4'" 1 
ATOM   300  O  "O4'" . G   A 1 15 ? 28.715  1.698   -12.055 1.00 50.76 ? 15 G   A "O4'" 1 
ATOM   301  C  "C3'" . G   A 1 15 ? 30.789  0.922   -12.787 1.00 50.89 ? 15 G   A "C3'" 1 
ATOM   302  O  "O3'" . G   A 1 15 ? 31.912  1.124   -13.636 1.00 51.08 ? 15 G   A "O3'" 1 
ATOM   303  C  "C2'" . G   A 1 15 ? 31.002  1.546   -11.422 1.00 50.97 ? 15 G   A "C2'" 1 
ATOM   304  O  "O2'" . G   A 1 15 ? 31.559  2.833   -11.527 1.00 51.81 ? 15 G   A "O2'" 1 
ATOM   305  C  "C1'" . G   A 1 15 ? 29.565  1.651   -10.920 1.00 50.94 ? 15 G   A "C1'" 1 
ATOM   306  N  N9    . G   A 1 15 ? 29.183  0.505   -10.109 1.00 50.36 ? 15 G   A N9    1 
ATOM   307  C  C8    . G   A 1 15 ? 28.489  -0.603  -10.517 1.00 50.42 ? 15 G   A C8    1 
ATOM   308  N  N7    . G   A 1 15 ? 28.250  -1.442  -9.546  1.00 50.65 ? 15 G   A N7    1 
ATOM   309  C  C5    . G   A 1 15 ? 28.834  -0.856  -8.435  1.00 50.68 ? 15 G   A C5    1 
ATOM   310  C  C6    . G   A 1 15 ? 28.909  -1.301  -7.100  1.00 50.56 ? 15 G   A C6    1 
ATOM   311  O  O6    . G   A 1 15 ? 28.433  -2.335  -6.602  1.00 50.81 ? 15 G   A O6    1 
ATOM   312  N  N1    . G   A 1 15 ? 29.617  -0.408  -6.306  1.00 50.47 ? 15 G   A N1    1 
ATOM   313  C  C2    . G   A 1 15 ? 30.163  0.765   -6.737  1.00 50.34 ? 15 G   A C2    1 
ATOM   314  N  N2    . G   A 1 15 ? 30.779  1.503   -5.813  1.00 50.31 ? 15 G   A N2    1 
ATOM   315  N  N3    . G   A 1 15 ? 30.103  1.189   -7.981  1.00 50.37 ? 15 G   A N3    1 
ATOM   316  C  C4    . G   A 1 15 ? 29.428  0.337   -8.770  1.00 50.43 ? 15 G   A C4    1 
ATOM   317  P  P     . C   A 1 16 ? 33.299  0.365   -13.307 1.00 50.95 ? 16 C   A P     1 
ATOM   318  O  OP1   . C   A 1 16 ? 34.326  0.806   -14.285 1.00 50.96 ? 16 C   A OP1   1 
ATOM   319  O  OP2   . C   A 1 16 ? 33.054  -1.088  -13.101 1.00 50.77 ? 16 C   A OP2   1 
ATOM   320  O  "O5'" . C   A 1 16 ? 33.721  0.956   -11.897 1.00 51.27 ? 16 C   A "O5'" 1 
ATOM   321  C  "C5'" . C   A 1 16 ? 35.001  1.533   -11.705 1.00 51.58 ? 16 C   A "C5'" 1 
ATOM   322  C  "C4'" . C   A 1 16 ? 35.331  1.541   -10.244 1.00 51.40 ? 16 C   A "C4'" 1 
ATOM   323  O  "O4'" . C   A 1 16 ? 34.069  1.466   -9.524  1.00 51.43 ? 16 C   A "O4'" 1 
ATOM   324  C  "C3'" . C   A 1 16 ? 36.085  0.335   -9.718  1.00 51.36 ? 16 C   A "C3'" 1 
ATOM   325  O  "O3'" . C   A 1 16 ? 37.488  0.318   -10.117 1.00 51.96 ? 16 C   A "O3'" 1 
ATOM   326  C  "C2'" . C   A 1 16 ? 35.745  0.416   -8.238  1.00 51.31 ? 16 C   A "C2'" 1 
ATOM   327  O  "O2'" . C   A 1 16 ? 36.444  1.478   -7.613  1.00 51.54 ? 16 C   A "O2'" 1 
ATOM   328  C  "C1'" . C   A 1 16 ? 34.257  0.775   -8.305  1.00 51.13 ? 16 C   A "C1'" 1 
ATOM   329  N  N1    . C   A 1 16 ? 33.313  -0.360  -8.271  1.00 51.55 ? 16 C   A N1    1 
ATOM   330  C  C2    . C   A 1 16 ? 33.068  -1.016  -7.052  1.00 51.13 ? 16 C   A C2    1 
ATOM   331  O  O2    . C   A 1 16 ? 33.650  -0.631  -6.032  1.00 51.29 ? 16 C   A O2    1 
ATOM   332  N  N3    . C   A 1 16 ? 32.200  -2.049  -7.017  1.00 51.04 ? 16 C   A N3    1 
ATOM   333  C  C4    . C   A 1 16 ? 31.584  -2.442  -8.129  1.00 51.24 ? 16 C   A C4    1 
ATOM   334  N  N4    . C   A 1 16 ? 30.745  -3.467  -8.040  1.00 51.19 ? 16 C   A N4    1 
ATOM   335  C  C5    . C   A 1 16 ? 31.802  -1.797  -9.382  1.00 51.41 ? 16 C   A C5    1 
ATOM   336  C  C6    . C   A 1 16 ? 32.670  -0.768  -9.408  1.00 51.53 ? 16 C   A C6    1 
ATOM   337  O  "O5'" . G   B 2 1  ? 28.788  -6.525  0.920   1.00 73.74 ? 1  G   B "O5'" 1 
ATOM   338  C  "C5'" . G   B 2 1  ? 29.476  -6.483  2.181   1.00 73.53 ? 1  G   B "C5'" 1 
ATOM   339  C  "C4'" . G   B 2 1  ? 30.572  -5.433  2.256   1.00 73.18 ? 1  G   B "C4'" 1 
ATOM   340  O  "O4'" . G   B 2 1  ? 31.657  -5.751  1.341   1.00 73.44 ? 1  G   B "O4'" 1 
ATOM   341  C  "C3'" . G   B 2 1  ? 30.138  -4.019  1.913   1.00 72.69 ? 1  G   B "C3'" 1 
ATOM   342  O  "O3'" . G   B 2 1  ? 29.681  -3.376  3.096   1.00 71.77 ? 1  G   B "O3'" 1 
ATOM   343  C  "C2'" . G   B 2 1  ? 31.425  -3.398  1.378   1.00 73.24 ? 1  G   B "C2'" 1 
ATOM   344  O  "O2'" . G   B 2 1  ? 32.285  -2.957  2.411   1.00 73.11 ? 1  G   B "O2'" 1 
ATOM   345  C  "C1'" . G   B 2 1  ? 32.052  -4.584  0.638   1.00 73.29 ? 1  G   B "C1'" 1 
ATOM   346  N  N9    . G   B 2 1  ? 31.578  -4.747  -0.734  1.00 73.96 ? 1  G   B N9    1 
ATOM   347  C  C8    . G   B 2 1  ? 30.668  -5.688  -1.158  1.00 74.07 ? 1  G   B C8    1 
ATOM   348  N  N7    . G   B 2 1  ? 30.411  -5.617  -2.432  1.00 73.88 ? 1  G   B N7    1 
ATOM   349  C  C5    . G   B 2 1  ? 31.196  -4.568  -2.886  1.00 73.75 ? 1  G   B C5    1 
ATOM   350  C  C6    . G   B 2 1  ? 31.320  -4.030  -4.176  1.00 73.66 ? 1  G   B C6    1 
ATOM   351  O  O6    . G   B 2 1  ? 30.740  -4.384  -5.211  1.00 73.88 ? 1  G   B O6    1 
ATOM   352  N  N1    . G   B 2 1  ? 32.217  -2.968  -4.206  1.00 73.67 ? 1  G   B N1    1 
ATOM   353  C  C2    . G   B 2 1  ? 32.897  -2.481  -3.125  1.00 73.68 ? 1  G   B C2    1 
ATOM   354  N  N2    . G   B 2 1  ? 33.694  -1.431  -3.364  1.00 73.62 ? 1  G   B N2    1 
ATOM   355  N  N3    . G   B 2 1  ? 32.795  -2.981  -1.899  1.00 73.98 ? 1  G   B N3    1 
ATOM   356  C  C4    . G   B 2 1  ? 31.929  -4.017  -1.853  1.00 73.99 ? 1  G   B C4    1 
ATOM   357  P  P     . C   B 2 2  ? 28.702  -2.109  2.995   1.00 70.84 ? 2  C   B P     1 
ATOM   358  O  OP1   . C   B 2 2  ? 28.595  -1.586  4.376   1.00 71.68 ? 2  C   B OP1   1 
ATOM   359  O  OP2   . C   B 2 2  ? 27.454  -2.454  2.242   1.00 70.97 ? 2  C   B OP2   1 
ATOM   360  O  "O5'" . C   B 2 2  ? 29.555  -1.043  2.174   1.00 70.18 ? 2  C   B "O5'" 1 
ATOM   361  C  "C5'" . C   B 2 2  ? 30.607  -0.328  2.807   1.00 68.52 ? 2  C   B "C5'" 1 
ATOM   362  C  "C4'" . C   B 2 2  ? 31.161  0.723   1.876   1.00 67.27 ? 2  C   B "C4'" 1 
ATOM   363  O  "O4'" . C   B 2 2  ? 31.926  0.089   0.817   1.00 66.99 ? 2  C   B "O4'" 1 
ATOM   364  C  "C3'" . C   B 2 2  ? 30.138  1.584   1.147   1.00 66.35 ? 2  C   B "C3'" 1 
ATOM   365  O  "O3'" . C   B 2 2  ? 29.705  2.676   1.954   1.00 64.59 ? 2  C   B "O3'" 1 
ATOM   366  C  "C2'" . C   B 2 2  ? 30.951  2.061   -0.048  1.00 66.64 ? 2  C   B "C2'" 1 
ATOM   367  O  "O2'" . C   B 2 2  ? 31.860  3.091   0.293   1.00 66.64 ? 2  C   B "O2'" 1 
ATOM   368  C  "C1'" . C   B 2 2  ? 31.715  0.785   -0.401  1.00 66.55 ? 2  C   B "C1'" 1 
ATOM   369  N  N1    . C   B 2 2  ? 30.911  -0.079  -1.273  1.00 66.15 ? 2  C   B N1    1 
ATOM   370  C  C2    . C   B 2 2  ? 30.876  0.191   -2.635  1.00 65.99 ? 2  C   B C2    1 
ATOM   371  O  O2    . C   B 2 2  ? 31.530  1.156   -3.068  1.00 65.91 ? 2  C   B O2    1 
ATOM   372  N  N3    . C   B 2 2  ? 30.125  -0.594  -3.444  1.00 65.65 ? 2  C   B N3    1 
ATOM   373  C  C4    . C   B 2 2  ? 29.423  -1.606  -2.927  1.00 65.41 ? 2  C   B C4    1 
ATOM   374  N  N4    . C   B 2 2  ? 28.687  -2.347  -3.755  1.00 65.01 ? 2  C   B N4    1 
ATOM   375  C  C5    . C   B 2 2  ? 29.444  -1.898  -1.537  1.00 65.31 ? 2  C   B C5    1 
ATOM   376  C  C6    . C   B 2 2  ? 30.197  -1.122  -0.757  1.00 65.74 ? 2  C   B C6    1 
ATOM   377  P  P     . A   B 2 3  ? 28.206  3.237   1.800   1.00 62.88 ? 3  A   B P     1 
ATOM   378  O  OP1   . A   B 2 3  ? 28.126  4.424   2.701   1.00 62.77 ? 3  A   B OP1   1 
ATOM   379  O  OP2   . A   B 2 3  ? 27.232  2.123   1.959   1.00 62.80 ? 3  A   B OP2   1 
ATOM   380  O  "O5'" . A   B 2 3  ? 28.129  3.718   0.282   1.00 61.50 ? 3  A   B "O5'" 1 
ATOM   381  C  "C5'" . A   B 2 3  ? 28.858  4.862   -0.153  1.00 58.82 ? 3  A   B "C5'" 1 
ATOM   382  C  "C4'" . A   B 2 3  ? 28.504  5.208   -1.580  1.00 56.86 ? 3  A   B "C4'" 1 
ATOM   383  O  "O4'" . A   B 2 3  ? 29.091  4.259   -2.503  1.00 55.76 ? 3  A   B "O4'" 1 
ATOM   384  C  "C3'" . A   B 2 3  ? 27.027  5.161   -1.902  1.00 55.70 ? 3  A   B "C3'" 1 
ATOM   385  O  "O3'" . A   B 2 3  ? 26.403  6.360   -1.502  1.00 54.87 ? 3  A   B "O3'" 1 
ATOM   386  C  "C2'" . A   B 2 3  ? 27.042  5.028   -3.411  1.00 55.33 ? 3  A   B "C2'" 1 
ATOM   387  O  "O2'" . A   B 2 3  ? 27.301  6.258   -4.049  1.00 55.33 ? 3  A   B "O2'" 1 
ATOM   388  C  "C1'" . A   B 2 3  ? 28.217  4.070   -3.604  1.00 55.09 ? 3  A   B "C1'" 1 
ATOM   389  N  N9    . A   B 2 3  ? 27.770  2.680   -3.596  1.00 53.97 ? 3  A   B N9    1 
ATOM   390  C  C8    . A   B 2 3  ? 27.789  1.793   -2.548  1.00 53.64 ? 3  A   B C8    1 
ATOM   391  N  N7    . A   B 2 3  ? 27.292  0.620   -2.843  1.00 53.60 ? 3  A   B N7    1 
ATOM   392  C  C5    . A   B 2 3  ? 26.923  0.741   -4.178  1.00 53.19 ? 3  A   B C5    1 
ATOM   393  C  C6    . A   B 2 3  ? 26.321  -0.153  -5.082  1.00 52.80 ? 3  A   B C6    1 
ATOM   394  N  N6    . A   B 2 3  ? 25.960  -1.403  -4.766  1.00 52.00 ? 3  A   B N6    1 
ATOM   395  N  N1    . A   B 2 3  ? 26.089  0.286   -6.339  1.00 52.77 ? 3  A   B N1    1 
ATOM   396  C  C2    . A   B 2 3  ? 26.437  1.533   -6.654  1.00 52.77 ? 3  A   B C2    1 
ATOM   397  N  N3    . A   B 2 3  ? 27.003  2.463   -5.895  1.00 53.08 ? 3  A   B N3    1 
ATOM   398  C  C4    . A   B 2 3  ? 27.221  2.000   -4.654  1.00 53.35 ? 3  A   B C4    1 
ATOM   399  P  P     . G   B 2 4  ? 24.950  6.309   -0.829  1.00 54.24 ? 4  G   B P     1 
ATOM   400  O  OP1   . G   B 2 4  ? 24.777  7.661   -0.198  1.00 53.92 ? 4  G   B OP1   1 
ATOM   401  O  OP2   . G   B 2 4  ? 24.844  5.079   0.011   1.00 53.86 ? 4  G   B OP2   1 
ATOM   402  O  "O5'" . G   B 2 4  ? 23.984  6.162   -2.090  1.00 53.40 ? 4  G   B "O5'" 1 
ATOM   403  C  "C5'" . G   B 2 4  ? 23.853  7.240   -2.997  1.00 52.07 ? 4  G   B "C5'" 1 
ATOM   404  C  "C4'" . G   B 2 4  ? 23.510  6.744   -4.379  1.00 51.18 ? 4  G   B "C4'" 1 
ATOM   405  O  "O4'" . G   B 2 4  ? 24.475  5.758   -4.826  1.00 50.44 ? 4  G   B "O4'" 1 
ATOM   406  C  "C3'" . G   B 2 4  ? 22.198  6.019   -4.581  1.00 50.98 ? 4  G   B "C3'" 1 
ATOM   407  O  "O3'" . G   B 2 4  ? 21.114  6.924   -4.639  1.00 51.80 ? 4  G   B "O3'" 1 
ATOM   408  C  "C2'" . G   B 2 4  ? 22.436  5.420   -5.948  1.00 50.39 ? 4  G   B "C2'" 1 
ATOM   409  O  "O2'" . G   B 2 4  ? 22.442  6.454   -6.909  1.00 49.91 ? 4  G   B "O2'" 1 
ATOM   410  C  "C1'" . G   B 2 4  ? 23.860  4.904   -5.778  1.00 49.79 ? 4  G   B "C1'" 1 
ATOM   411  N  N9    . G   B 2 4  ? 23.851  3.543   -5.252  1.00 49.58 ? 4  G   B N9    1 
ATOM   412  C  C8    . G   B 2 4  ? 24.300  3.123   -4.025  1.00 49.03 ? 4  G   B C8    1 
ATOM   413  N  N7    . G   B 2 4  ? 24.161  1.840   -3.843  1.00 48.71 ? 4  G   B N7    1 
ATOM   414  C  C5    . G   B 2 4  ? 23.581  1.387   -5.019  1.00 48.76 ? 4  G   B C5    1 
ATOM   415  C  C6    . G   B 2 4  ? 23.188  0.083   -5.402  1.00 48.84 ? 4  G   B C6    1 
ATOM   416  O  O6    . G   B 2 4  ? 23.288  -0.967  -4.764  1.00 48.71 ? 4  G   B O6    1 
ATOM   417  N  N1    . G   B 2 4  ? 22.633  0.066   -6.675  1.00 48.84 ? 4  G   B N1    1 
ATOM   418  C  C2    . G   B 2 4  ? 22.484  1.162   -7.482  1.00 49.06 ? 4  G   B C2    1 
ATOM   419  N  N2    . G   B 2 4  ? 21.937  0.935   -8.688  1.00 49.13 ? 4  G   B N2    1 
ATOM   420  N  N3    . G   B 2 4  ? 22.847  2.388   -7.136  1.00 49.15 ? 4  G   B N3    1 
ATOM   421  C  C4    . G   B 2 4  ? 23.384  2.425   -5.898  1.00 49.04 ? 4  G   B C4    1 
ATOM   422  P  P     . A   B 2 5  ? 19.748  6.540   -3.906  1.00 52.38 ? 5  A   B P     1 
ATOM   423  O  OP1   . A   B 2 5  ? 19.037  7.824   -3.635  1.00 52.65 ? 5  A   B OP1   1 
ATOM   424  O  OP2   . A   B 2 5  ? 20.091  5.618   -2.777  1.00 52.09 ? 5  A   B OP2   1 
ATOM   425  O  "O5'" . A   B 2 5  ? 18.938  5.676   -4.977  1.00 53.00 ? 5  A   B "O5'" 1 
ATOM   426  C  "C5'" . A   B 2 5  ? 18.689  6.171   -6.278  1.00 53.99 ? 5  A   B "C5'" 1 
ATOM   427  C  "C4'" . A   B 2 5  ? 18.169  5.063   -7.149  1.00 55.08 ? 5  A   B "C4'" 1 
ATOM   428  O  "O4'" . A   B 2 5  ? 19.192  4.050   -7.314  1.00 54.32 ? 5  A   B "O4'" 1 
ATOM   429  C  "C3'" . A   B 2 5  ? 17.018  4.296   -6.537  1.00 56.26 ? 5  A   B "C3'" 1 
ATOM   430  O  "O3'" . A   B 2 5  ? 15.805  4.981   -6.797  1.00 59.70 ? 5  A   B "O3'" 1 
ATOM   431  C  "C2'" . A   B 2 5  ? 17.080  2.972   -7.284  1.00 55.38 ? 5  A   B "C2'" 1 
ATOM   432  O  "O2'" . A   B 2 5  ? 16.494  3.079   -8.562  1.00 54.85 ? 5  A   B "O2'" 1 
ATOM   433  C  "C1'" . A   B 2 5  ? 18.590  2.773   -7.420  1.00 53.83 ? 5  A   B "C1'" 1 
ATOM   434  N  N9    . A   B 2 5  ? 19.155  1.936   -6.368  1.00 52.95 ? 5  A   B N9    1 
ATOM   435  C  C8    . A   B 2 5  ? 19.814  2.360   -5.242  1.00 52.29 ? 5  A   B C8    1 
ATOM   436  N  N7    . A   B 2 5  ? 20.223  1.381   -4.471  1.00 52.02 ? 5  A   B N7    1 
ATOM   437  C  C5    . A   B 2 5  ? 19.798  0.237   -5.133  1.00 51.67 ? 5  A   B C5    1 
ATOM   438  C  C6    . A   B 2 5  ? 19.916  -1.127  -4.826  1.00 51.40 ? 5  A   B C6    1 
ATOM   439  N  N6    . A   B 2 5  ? 20.512  -1.578  -3.717  1.00 51.32 ? 5  A   B N6    1 
ATOM   440  N  N1    . A   B 2 5  ? 19.389  -2.023  -5.698  1.00 51.11 ? 5  A   B N1    1 
ATOM   441  C  C2    . A   B 2 5  ? 18.781  -1.561  -6.792  1.00 51.58 ? 5  A   B C2    1 
ATOM   442  N  N3    . A   B 2 5  ? 18.601  -0.296  -7.190  1.00 52.23 ? 5  A   B N3    1 
ATOM   443  C  C4    . A   B 2 5  ? 19.141  0.563   -6.305  1.00 52.38 ? 5  A   B C4    1 
HETATM 444  P  P     . M5M B 2 6  ? 14.592  4.845   -5.764  1.00 62.15 ? 6  M5M B P     1 
HETATM 445  N  "N2'" . M5M B 2 6  ? 12.568  -1.052  -8.281  1.00 72.68 ? 6  M5M B "N2'" 1 
HETATM 446  C  "C6'" . M5M B 2 6  ? 12.127  -2.281  -8.532  1.00 73.30 ? 6  M5M B "C6'" 1 
HETATM 447  C  "C7'" . M5M B 2 6  ? 10.977  -2.361  -9.497  1.00 73.53 ? 6  M5M B "C7'" 1 
HETATM 448  O  "O8'" . M5M B 2 6  ? 12.636  -3.292  -8.040  1.00 73.74 ? 6  M5M B "O8'" 1 
HETATM 449  O  OP1   . M5M B 2 6  ? 13.571  5.855   -6.128  1.00 62.05 ? 6  M5M B OP1   1 
HETATM 450  O  OP2   . M5M B 2 6  ? 15.202  4.875   -4.413  1.00 62.17 ? 6  M5M B OP2   1 
HETATM 451  O  "O5'" . M5M B 2 6  ? 14.004  3.392   -6.082  1.00 64.41 ? 6  M5M B "O5'" 1 
HETATM 452  C  "C5'" . M5M B 2 6  ? 13.358  3.139   -7.332  1.00 68.02 ? 6  M5M B "C5'" 1 
HETATM 453  C  "C4'" . M5M B 2 6  ? 13.288  1.654   -7.629  1.00 70.11 ? 6  M5M B "C4'" 1 
HETATM 454  O  "O4'" . M5M B 2 6  ? 14.624  1.090   -7.572  1.00 70.93 ? 6  M5M B "O4'" 1 
HETATM 455  C  "C1'" . M5M B 2 6  ? 14.552  -0.259  -7.143  1.00 71.92 ? 6  M5M B "C1'" 1 
HETATM 456  N  N1    . M5M B 2 6  ? 15.289  -0.377  -5.882  1.00 72.24 ? 6  M5M B N1    1 
HETATM 457  C  C6    . M5M B 2 6  ? 15.684  0.731   -5.191  1.00 72.53 ? 6  M5M B C6    1 
HETATM 458  C  C2    . M5M B 2 6  ? 15.570  -1.648  -5.393  1.00 72.45 ? 6  M5M B C2    1 
HETATM 459  O  O2    . M5M B 2 6  ? 15.219  -2.632  -6.058  1.00 72.80 ? 6  M5M B O2    1 
HETATM 460  N  N3    . M5M B 2 6  ? 16.216  -1.779  -4.218  1.00 72.45 ? 6  M5M B N3    1 
HETATM 461  C  C4    . M5M B 2 6  ? 16.581  -0.693  -3.540  1.00 72.51 ? 6  M5M B C4    1 
HETATM 462  N  N4    . M5M B 2 6  ? 17.195  -0.865  -2.368  1.00 72.49 ? 6  M5M B N4    1 
HETATM 463  C  C5    . M5M B 2 6  ? 16.328  0.619   -4.027  1.00 72.68 ? 6  M5M B C5    1 
HETATM 464  C  "C2'" . M5M B 2 6  ? 13.072  -0.608  -6.992  1.00 71.92 ? 6  M5M B "C2'" 1 
HETATM 465  C  "C3'" . M5M B 2 6  ? 12.477  0.762   -6.698  1.00 70.95 ? 6  M5M B "C3'" 1 
HETATM 466  O  "O3'" . M5M B 2 6  ? 11.089  0.772   -7.023  1.00 71.09 ? 6  M5M B "O3'" 1 
ATOM   467  P  P     . U   B 2 7  ? 10.004  0.498   -5.864  1.00 70.51 ? 7  U   B P     1 
ATOM   468  O  OP1   . U   B 2 7  ? 8.651   0.618   -6.473  1.00 71.04 ? 7  U   B OP1   1 
ATOM   469  O  OP2   . U   B 2 7  ? 10.375  1.366   -4.707  1.00 70.68 ? 7  U   B OP2   1 
ATOM   470  O  "O5'" . U   B 2 7  ? 10.219  -1.030  -5.444  1.00 70.18 ? 7  U   B "O5'" 1 
ATOM   471  C  "C5'" . U   B 2 7  ? 9.594   -2.072  -6.182  1.00 69.09 ? 7  U   B "C5'" 1 
ATOM   472  C  "C4'" . U   B 2 7  ? 9.965   -3.439  -5.635  1.00 68.18 ? 7  U   B "C4'" 1 
ATOM   473  O  "O4'" . U   B 2 7  ? 11.412  -3.598  -5.578  1.00 68.13 ? 7  U   B "O4'" 1 
ATOM   474  C  "C3'" . U   B 2 7  ? 9.547   -3.812  -4.225  1.00 67.41 ? 7  U   B "C3'" 1 
ATOM   475  O  "O3'" . U   B 2 7  ? 8.176   -4.179  -4.153  1.00 66.01 ? 7  U   B "O3'" 1 
ATOM   476  C  "C2'" . U   B 2 7  ? 10.421  -5.036  -4.005  1.00 67.74 ? 7  U   B "C2'" 1 
ATOM   477  O  "O2'" . U   B 2 7  ? 9.988   -6.123  -4.809  1.00 67.84 ? 7  U   B "O2'" 1 
ATOM   478  C  "C1'" . U   B 2 7  ? 11.749  -4.529  -4.556  1.00 67.69 ? 7  U   B "C1'" 1 
ATOM   479  N  N1    . U   B 2 7  ? 12.563  -3.838  -3.542  1.00 67.33 ? 7  U   B N1    1 
ATOM   480  C  C2    . U   B 2 7  ? 13.243  -4.611  -2.612  1.00 67.10 ? 7  U   B C2    1 
ATOM   481  O  O2    . U   B 2 7  ? 13.161  -5.824  -2.567  1.00 67.33 ? 7  U   B O2    1 
ATOM   482  N  N3    . U   B 2 7  ? 14.019  -3.909  -1.731  1.00 66.70 ? 7  U   B N3    1 
ATOM   483  C  C4    . U   B 2 7  ? 14.175  -2.547  -1.670  1.00 66.65 ? 7  U   B C4    1 
ATOM   484  O  O4    . U   B 2 7  ? 14.904  -2.062  -0.806  1.00 66.65 ? 7  U   B O4    1 
ATOM   485  C  C5    . U   B 2 7  ? 13.428  -1.814  -2.643  1.00 66.89 ? 7  U   B C5    1 
ATOM   486  C  C6    . U   B 2 7  ? 12.663  -2.470  -3.524  1.00 67.24 ? 7  U   B C6    1 
ATOM   487  P  P     . U   B 2 8  ? 7.431   -4.192  -2.724  1.00 64.65 ? 8  U   B P     1 
ATOM   488  O  OP1   . U   B 2 8  ? 6.003   -4.558  -2.995  1.00 64.37 ? 8  U   B OP1   1 
ATOM   489  O  OP2   . U   B 2 8  ? 7.746   -2.924  -2.003  1.00 64.31 ? 8  U   B OP2   1 
ATOM   490  O  "O5'" . U   B 2 8  ? 8.113   -5.400  -1.938  1.00 63.49 ? 8  U   B "O5'" 1 
ATOM   491  C  "C5'" . U   B 2 8  ? 7.819   -6.741  -2.296  1.00 61.61 ? 8  U   B "C5'" 1 
ATOM   492  C  "C4'" . U   B 2 8  ? 8.631   -7.693  -1.464  1.00 60.32 ? 8  U   B "C4'" 1 
ATOM   493  O  "O4'" . U   B 2 8  ? 10.020  -7.290  -1.564  1.00 59.30 ? 8  U   B "O4'" 1 
ATOM   494  C  "C3'" . U   B 2 8  ? 8.384   -7.686  0.036   1.00 59.77 ? 8  U   B "C3'" 1 
ATOM   495  O  "O3'" . U   B 2 8  ? 7.221   -8.445  0.410   1.00 59.38 ? 8  U   B "O3'" 1 
ATOM   496  C  "C2'" . U   B 2 8  ? 9.682   -8.311  0.532   1.00 59.26 ? 8  U   B "C2'" 1 
ATOM   497  O  "O2'" . U   B 2 8  ? 9.748   -9.704  0.282   1.00 59.28 ? 8  U   B "O2'" 1 
ATOM   498  C  "C1'" . U   B 2 8  ? 10.701  -7.614  -0.368  1.00 58.74 ? 8  U   B "C1'" 1 
ATOM   499  N  N1    . U   B 2 8  ? 11.246  -6.376  0.212   1.00 58.06 ? 8  U   B N1    1 
ATOM   500  C  C2    . U   B 2 8  ? 12.207  -6.500  1.207   1.00 57.79 ? 8  U   B C2    1 
ATOM   501  O  O2    . U   B 2 8  ? 12.630  -7.576  1.583   1.00 57.70 ? 8  U   B O2    1 
ATOM   502  N  N3    . U   B 2 8  ? 12.658  -5.316  1.739   1.00 57.56 ? 8  U   B N3    1 
ATOM   503  C  C4    . U   B 2 8  ? 12.264  -4.043  1.383   1.00 57.43 ? 8  U   B C4    1 
ATOM   504  O  O4    . U   B 2 8  ? 12.689  -3.075  2.018   1.00 56.58 ? 8  U   B O4    1 
ATOM   505  C  C5    . U   B 2 8  ? 11.289  -3.996  0.332   1.00 57.54 ? 8  U   B C5    1 
ATOM   506  C  C6    . U   B 2 8  ? 10.821  -5.139  -0.202  1.00 57.65 ? 8  U   B C6    1 
ATOM   507  P  P     . A   B 2 9  ? 6.201   -7.865  1.529   1.00 58.91 ? 9  A   B P     1 
ATOM   508  O  OP1   . A   B 2 9  ? 4.898   -8.548  1.357   1.00 58.53 ? 9  A   B OP1   1 
ATOM   509  O  OP2   . A   B 2 9  ? 6.245   -6.380  1.531   1.00 58.75 ? 9  A   B OP2   1 
ATOM   510  O  "O5'" . A   B 2 9  ? 6.824   -8.352  2.909   1.00 58.75 ? 9  A   B "O5'" 1 
ATOM   511  C  "C5'" . A   B 2 9  ? 7.033   -9.729  3.158   1.00 58.62 ? 9  A   B "C5'" 1 
ATOM   512  C  "C4'" . A   B 2 9  ? 8.129   -9.901  4.161   1.00 58.48 ? 9  A   B "C4'" 1 
ATOM   513  O  "O4'" . A   B 2 9  ? 9.346   -9.335  3.616   1.00 58.78 ? 9  A   B "O4'" 1 
ATOM   514  C  "C3'" . A   B 2 9  ? 7.904   -9.127  5.436   1.00 57.95 ? 9  A   B "C3'" 1 
ATOM   515  O  "O3'" . A   B 2 9  ? 7.052   -9.858  6.311   1.00 56.72 ? 9  A   B "O3'" 1 
ATOM   516  C  "C2'" . A   B 2 9  ? 9.328   -8.963  5.952   1.00 58.67 ? 9  A   B "C2'" 1 
ATOM   517  O  "O2'" . A   B 2 9  ? 9.839   -10.121 6.578   1.00 59.22 ? 9  A   B "O2'" 1 
ATOM   518  C  "C1'" . A   B 2 9  ? 10.084  -8.699  4.647   1.00 59.14 ? 9  A   B "C1'" 1 
ATOM   519  N  N9    . A   B 2 9  ? 10.177  -7.270  4.331   1.00 59.40 ? 9  A   B N9    1 
ATOM   520  C  C8    . A   B 2 9  ? 9.488   -6.579  3.364   1.00 59.58 ? 9  A   B C8    1 
ATOM   521  N  N7    . A   B 2 9  ? 9.729   -5.288  3.362   1.00 59.43 ? 9  A   B N7    1 
ATOM   522  C  C5    . A   B 2 9  ? 10.650  -5.119  4.388   1.00 59.40 ? 9  A   B C5    1 
ATOM   523  C  C6    . A   B 2 9  ? 11.284  -3.981  4.911   1.00 58.91 ? 9  A   B C6    1 
ATOM   524  N  N6    . A   B 2 9  ? 11.079  -2.753  4.446   1.00 58.87 ? 9  A   B N6    1 
ATOM   525  N  N1    . A   B 2 9  ? 12.140  -4.149  5.940   1.00 58.72 ? 9  A   B N1    1 
ATOM   526  C  C2    . A   B 2 9  ? 12.337  -5.381  6.404   1.00 59.23 ? 9  A   B C2    1 
ATOM   527  N  N3    . A   B 2 9  ? 11.800  -6.533  6.001   1.00 59.67 ? 9  A   B N3    1 
ATOM   528  C  C4    . A   B 2 9  ? 10.953  -6.331  4.982   1.00 59.70 ? 9  A   B C4    1 
ATOM   529  P  P     . A   B 2 10 ? 5.855   -9.098  7.082   1.00 55.48 ? 10 A   B P     1 
ATOM   530  O  OP1   . A   B 2 10 ? 4.732   -10.057 7.226   1.00 55.37 ? 10 A   B OP1   1 
ATOM   531  O  OP2   . A   B 2 10 ? 5.612   -7.776  6.446   1.00 55.47 ? 10 A   B OP2   1 
ATOM   532  O  "O5'" . A   B 2 10 ? 6.459   -8.851  8.537   1.00 54.57 ? 10 A   B "O5'" 1 
ATOM   533  C  "C5'" . A   B 2 10 ? 7.842   -9.086  8.783   1.00 52.63 ? 10 A   B "C5'" 1 
ATOM   534  C  "C4'" . A   B 2 10 ? 8.241   -8.576  10.144  1.00 50.67 ? 10 A   B "C4'" 1 
ATOM   535  O  "O4'" . A   B 2 10 ? 9.581   -8.019  10.001  1.00 50.56 ? 10 A   B "O4'" 1 
ATOM   536  C  "C3'" . A   B 2 10 ? 7.414   -7.416  10.681  1.00 49.48 ? 10 A   B "C3'" 1 
ATOM   537  O  "O3'" . A   B 2 10 ? 6.301   -7.866  11.443  1.00 47.59 ? 10 A   B "O3'" 1 
ATOM   538  C  "C2'" . A   B 2 10 ? 8.422   -6.693  11.561  1.00 49.80 ? 10 A   B "C2'" 1 
ATOM   539  O  "O2'" . A   B 2 10 ? 8.632   -7.364  12.783  1.00 50.09 ? 10 A   B "O2'" 1 
ATOM   540  C  "C1'" . A   B 2 10 ? 9.674   -6.781  10.691  1.00 49.87 ? 10 A   B "C1'" 1 
ATOM   541  N  N9    . A   B 2 10 ? 9.702   -5.709  9.696   1.00 50.00 ? 10 A   B N9    1 
ATOM   542  C  C8    . A   B 2 10 ? 8.939   -5.612  8.558   1.00 49.98 ? 10 A   B C8    1 
ATOM   543  N  N7    . A   B 2 10 ? 9.114   -4.496  7.893   1.00 50.07 ? 10 A   B N7    1 
ATOM   544  C  C5    . A   B 2 10 ? 10.069  -3.820  8.630   1.00 49.85 ? 10 A   B C5    1 
ATOM   545  C  C6    . A   B 2 10 ? 10.666  -2.571  8.463   1.00 49.88 ? 10 A   B C6    1 
ATOM   546  N  N6    . A   B 2 10 ? 10.346  -1.724  7.483   1.00 49.86 ? 10 A   B N6    1 
ATOM   547  N  N1    . A   B 2 10 ? 11.606  -2.203  9.360   1.00 49.98 ? 10 A   B N1    1 
ATOM   548  C  C2    . A   B 2 10 ? 11.899  -3.038  10.366  1.00 49.57 ? 10 A   B C2    1 
ATOM   549  N  N3    . A   B 2 10 ? 11.384  -4.231  10.643  1.00 49.63 ? 10 A   B N3    1 
ATOM   550  C  C4    . A   B 2 10 ? 10.463  -4.567  9.727   1.00 50.08 ? 10 A   B C4    1 
ATOM   551  P  P     . A   B 2 11 ? 5.203   -6.800  11.952  1.00 46.19 ? 11 A   B P     1 
ATOM   552  O  OP1   . A   B 2 11 ? 4.279   -7.470  12.921  1.00 45.68 ? 11 A   B OP1   1 
ATOM   553  O  OP2   . A   B 2 11 ? 4.642   -6.164  10.732  1.00 46.63 ? 11 A   B OP2   1 
ATOM   554  O  "O5'" . A   B 2 11 ? 6.067   -5.702  12.732  1.00 45.09 ? 11 A   B "O5'" 1 
ATOM   555  C  "C5'" . A   B 2 11 ? 5.707   -4.327  12.711  1.00 43.29 ? 11 A   B "C5'" 1 
ATOM   556  C  "C4'" . A   B 2 11 ? 6.740   -3.516  13.444  1.00 42.61 ? 11 A   B "C4'" 1 
ATOM   557  O  "O4'" . A   B 2 11 ? 8.002   -3.544  12.724  1.00 42.24 ? 11 A   B "O4'" 1 
ATOM   558  C  "C3'" . A   B 2 11 ? 6.428   -2.040  13.586  1.00 41.80 ? 11 A   B "C3'" 1 
ATOM   559  O  "O3'" . A   B 2 11 ? 5.589   -1.866  14.718  1.00 39.93 ? 11 A   B "O3'" 1 
ATOM   560  C  "C2'" . A   B 2 11 ? 7.821   -1.450  13.784  1.00 41.46 ? 11 A   B "C2'" 1 
ATOM   561  O  "O2'" . A   B 2 11 ? 8.335   -1.723  15.076  1.00 41.42 ? 11 A   B "O2'" 1 
ATOM   562  C  "C1'" . A   B 2 11 ? 8.616   -2.256  12.758  1.00 41.47 ? 11 A   B "C1'" 1 
ATOM   563  N  N9    . A   B 2 11 ? 8.517   -1.695  11.406  1.00 42.04 ? 11 A   B N9    1 
ATOM   564  C  C8    . A   B 2 11 ? 7.845   -2.284  10.358  1.00 41.63 ? 11 A   B C8    1 
ATOM   565  N  N7    . A   B 2 11 ? 7.854   -1.577  9.256   1.00 41.29 ? 11 A   B N7    1 
ATOM   566  C  C5    . A   B 2 11 ? 8.583   -0.445  9.592   1.00 41.22 ? 11 A   B C5    1 
ATOM   567  C  C6    . A   B 2 11 ? 8.925   0.704   8.859   1.00 41.48 ? 11 A   B C6    1 
ATOM   568  N  N6    . A   B 2 11 ? 8.531   0.926   7.590   1.00 41.52 ? 11 A   B N6    1 
ATOM   569  N  N1    . A   B 2 11 ? 9.674   1.639   9.478   1.00 41.63 ? 11 A   B N1    1 
ATOM   570  C  C2    . A   B 2 11 ? 10.032  1.431   10.750  1.00 41.67 ? 11 A   B C2    1 
ATOM   571  N  N3    . A   B 2 11 ? 9.753   0.407   11.551  1.00 41.42 ? 11 A   B N3    1 
ATOM   572  C  C4    . A   B 2 11 ? 9.016   -0.510  10.907  1.00 41.59 ? 11 A   B C4    1 
ATOM   573  P  P     . U   B 2 12 ? 4.266   -0.968  14.598  1.00 39.09 ? 12 U   B P     1 
ATOM   574  O  OP1   . U   B 2 12 ? 3.418   -1.261  15.792  1.00 38.66 ? 12 U   B OP1   1 
ATOM   575  O  OP2   . U   B 2 12 ? 3.694   -1.098  13.237  1.00 38.37 ? 12 U   B OP2   1 
ATOM   576  O  "O5'" . U   B 2 12 ? 4.832   0.513   14.730  1.00 39.17 ? 12 U   B "O5'" 1 
ATOM   577  C  "C5'" . U   B 2 12 ? 5.806   0.839   15.708  1.00 39.23 ? 12 U   B "C5'" 1 
ATOM   578  C  "C4'" . U   B 2 12 ? 6.534   2.087   15.298  1.00 39.30 ? 12 U   B "C4'" 1 
ATOM   579  O  "O4'" . U   B 2 12 ? 7.409   1.815   14.178  1.00 39.02 ? 12 U   B "O4'" 1 
ATOM   580  C  "C3'" . U   B 2 12 ? 5.638   3.190   14.770  1.00 40.07 ? 12 U   B "C3'" 1 
ATOM   581  O  "O3'" . U   B 2 12 ? 5.065   3.922   15.833  1.00 40.63 ? 12 U   B "O3'" 1 
ATOM   582  C  "C2'" . U   B 2 12 ? 6.618   4.048   13.988  1.00 39.66 ? 12 U   B "C2'" 1 
ATOM   583  O  "O2'" . U   B 2 12 ? 7.339   4.911   14.839  1.00 40.02 ? 12 U   B "O2'" 1 
ATOM   584  C  "C1'" . U   B 2 12 ? 7.543   2.987   13.391  1.00 38.67 ? 12 U   B "C1'" 1 
ATOM   585  N  N1    . U   B 2 12 ? 7.131   2.660   12.029  1.00 38.35 ? 12 U   B N1    1 
ATOM   586  C  C2    . U   B 2 12 ? 7.417   3.568   11.013  1.00 37.49 ? 12 U   B C2    1 
ATOM   587  O  O2    . U   B 2 12 ? 8.012   4.632   11.204  1.00 37.72 ? 12 U   B O2    1 
ATOM   588  N  N3    . U   B 2 12 ? 6.972   3.193   9.770   1.00 37.32 ? 12 U   B N3    1 
ATOM   589  C  C4    . U   B 2 12 ? 6.272   2.044   9.458   1.00 37.28 ? 12 U   B C4    1 
ATOM   590  O  O4    . U   B 2 12 ? 5.823   1.905   8.326   1.00 36.97 ? 12 U   B O4    1 
ATOM   591  C  C5    . U   B 2 12 ? 6.036   1.166   10.559  1.00 37.29 ? 12 U   B C5    1 
ATOM   592  C  C6    . U   B 2 12 ? 6.468   1.496   11.774  1.00 37.83 ? 12 U   B C6    1 
ATOM   593  P  P     . C   B 2 13 ? 3.765   4.814   15.558  1.00 41.36 ? 13 C   B P     1 
ATOM   594  O  OP1   . C   B 2 13 ? 3.251   5.201   16.903  1.00 40.80 ? 13 C   B OP1   1 
ATOM   595  O  OP2   . C   B 2 13 ? 2.874   4.115   14.588  1.00 40.10 ? 13 C   B OP2   1 
ATOM   596  O  "O5'" . C   B 2 13 ? 4.340   6.107   14.834  1.00 42.19 ? 13 C   B "O5'" 1 
ATOM   597  C  "C5'" . C   B 2 13 ? 5.141   7.043   15.543  1.00 43.64 ? 13 C   B "C5'" 1 
ATOM   598  C  "C4'" . C   B 2 13 ? 5.582   8.138   14.609  1.00 44.01 ? 13 C   B "C4'" 1 
ATOM   599  O  "O4'" . C   B 2 13 ? 6.409   7.556   13.571  1.00 44.08 ? 13 C   B "O4'" 1 
ATOM   600  C  "C3'" . C   B 2 13 ? 4.459   8.813   13.844  1.00 44.81 ? 13 C   B "C3'" 1 
ATOM   601  O  "O3'" . C   B 2 13 ? 3.942   9.887   14.598  1.00 46.44 ? 13 C   B "O3'" 1 
ATOM   602  C  "C2'" . C   B 2 13 ? 5.188   9.346   12.630  1.00 44.52 ? 13 C   B "C2'" 1 
ATOM   603  O  "O2'" . C   B 2 13 ? 5.929   10.501  12.948  1.00 45.34 ? 13 C   B "O2'" 1 
ATOM   604  C  "C1'" . C   B 2 13 ? 6.145   8.198   12.339  1.00 43.94 ? 13 C   B "C1'" 1 
ATOM   605  N  N1    . C   B 2 13 ? 5.553   7.213   11.429  1.00 43.41 ? 13 C   B N1    1 
ATOM   606  C  C2    . C   B 2 13 ? 5.573   7.484   10.086  1.00 42.98 ? 13 C   B C2    1 
ATOM   607  O  O2    . C   B 2 13 ? 6.095   8.545   9.713   1.00 43.35 ? 13 C   B O2    1 
ATOM   608  N  N3    . C   B 2 13 ? 5.046   6.599   9.219   1.00 42.88 ? 13 C   B N3    1 
ATOM   609  C  C4    . C   B 2 13 ? 4.503   5.482   9.672   1.00 42.83 ? 13 C   B C4    1 
ATOM   610  N  N4    . C   B 2 13 ? 3.997   4.623   8.781   1.00 42.57 ? 13 C   B N4    1 
ATOM   611  C  C5    . C   B 2 13 ? 4.458   5.183   11.058  1.00 43.15 ? 13 C   B C5    1 
ATOM   612  C  C6    . C   B 2 13 ? 4.986   6.070   11.894  1.00 43.56 ? 13 C   B C6    1 
ATOM   613  P  P     . U   B 2 14 ? 2.446   10.388  14.329  1.00 47.63 ? 14 U   B P     1 
ATOM   614  O  OP1   . U   B 2 14 ? 2.100   11.293  15.471  1.00 47.15 ? 14 U   B OP1   1 
ATOM   615  O  OP2   . U   B 2 14 ? 1.594   9.193   14.045  1.00 47.43 ? 14 U   B OP2   1 
ATOM   616  O  "O5'" . U   B 2 14 ? 2.562   11.236  12.980  1.00 48.34 ? 14 U   B "O5'" 1 
ATOM   617  C  "C5'" . U   B 2 14 ? 3.273   12.474  12.951  1.00 49.51 ? 14 U   B "C5'" 1 
ATOM   618  C  "C4'" . U   B 2 14 ? 3.362   13.000  11.537  1.00 49.90 ? 14 U   B "C4'" 1 
ATOM   619  O  "O4'" . U   B 2 14 ? 4.131   12.077  10.723  1.00 48.93 ? 14 U   B "O4'" 1 
ATOM   620  C  "C3'" . U   B 2 14 ? 2.050   13.109  10.788  1.00 50.75 ? 14 U   B "C3'" 1 
ATOM   621  O  "O3'" . U   B 2 14 ? 1.321   14.279  11.132  1.00 53.79 ? 14 U   B "O3'" 1 
ATOM   622  C  "C2'" . U   B 2 14 ? 2.524   13.104  9.344   1.00 49.71 ? 14 U   B "C2'" 1 
ATOM   623  O  "O2'" . U   B 2 14 ? 3.139   14.317  8.939   1.00 50.23 ? 14 U   B "O2'" 1 
ATOM   624  C  "C1'" . U   B 2 14 ? 3.597   12.029  9.413   1.00 48.43 ? 14 U   B "C1'" 1 
ATOM   625  N  N1    . U   B 2 14 ? 3.036   10.693  9.198   1.00 47.05 ? 14 U   B N1    1 
ATOM   626  C  C2    . U   B 2 14 ? 2.766   10.335  7.899   1.00 46.36 ? 14 U   B C2    1 
ATOM   627  O  O2    . U   B 2 14 ? 2.899   11.109  6.965   1.00 46.06 ? 14 U   B O2    1 
ATOM   628  N  N3    . U   B 2 14 ? 2.312   9.054   7.725   1.00 46.35 ? 14 U   B N3    1 
ATOM   629  C  C4    . U   B 2 14 ? 2.069   8.125   8.699   1.00 46.41 ? 14 U   B C4    1 
ATOM   630  O  O4    . U   B 2 14 ? 1.571   7.041   8.380   1.00 46.01 ? 14 U   B O4    1 
ATOM   631  C  C5    . U   B 2 14 ? 2.342   8.582   10.039  1.00 46.72 ? 14 U   B C5    1 
ATOM   632  C  C6    . U   B 2 14 ? 2.804   9.824   10.234  1.00 46.92 ? 14 U   B C6    1 
ATOM   633  P  P     . G   B 2 15 ? -0.265  14.169  11.371  1.00 55.78 ? 15 G   B P     1 
ATOM   634  O  OP1   . G   B 2 15 ? -0.677  15.326  12.215  1.00 55.66 ? 15 G   B OP1   1 
ATOM   635  O  OP2   . G   B 2 15 ? -0.560  12.785  11.825  1.00 55.95 ? 15 G   B OP2   1 
ATOM   636  O  "O5'" . G   B 2 15 ? -0.876  14.358  9.920   1.00 57.72 ? 15 G   B "O5'" 1 
ATOM   637  C  "C5'" . G   B 2 15 ? -0.625  15.551  9.203   1.00 60.88 ? 15 G   B "C5'" 1 
ATOM   638  C  "C4'" . G   B 2 15 ? -0.776  15.296  7.737   1.00 63.06 ? 15 G   B "C4'" 1 
ATOM   639  O  "O4'" . G   B 2 15 ? 0.162   14.256  7.355   1.00 63.64 ? 15 G   B "O4'" 1 
ATOM   640  C  "C3'" . G   B 2 15 ? -2.116  14.718  7.335   1.00 64.36 ? 15 G   B "C3'" 1 
ATOM   641  O  "O3'" . G   B 2 15 ? -3.106  15.718  7.213   1.00 66.13 ? 15 G   B "O3'" 1 
ATOM   642  C  "C2'" . G   B 2 15 ? -1.775  14.056  6.011   1.00 64.40 ? 15 G   B "C2'" 1 
ATOM   643  O  "O2'" . G   B 2 15 ? -1.631  14.982  4.945   1.00 64.51 ? 15 G   B "O2'" 1 
ATOM   644  C  "C1'" . G   B 2 15 ? -0.417  13.442  6.351   1.00 63.98 ? 15 G   B "C1'" 1 
ATOM   645  N  N9    . G   B 2 15 ? -0.555  12.093  6.887   1.00 63.90 ? 15 G   B N9    1 
ATOM   646  C  C8    . G   B 2 15 ? -0.472  11.701  8.199   1.00 63.69 ? 15 G   B C8    1 
ATOM   647  N  N7    . G   B 2 15 ? -0.609  10.411  8.354   1.00 63.76 ? 15 G   B N7    1 
ATOM   648  C  C5    . G   B 2 15 ? -0.803  9.928   7.065   1.00 63.57 ? 15 G   B C5    1 
ATOM   649  C  C6    . G   B 2 15 ? -1.002  8.600   6.594   1.00 63.50 ? 15 G   B C6    1 
ATOM   650  O  O6    . G   B 2 15 ? -1.040  7.551   7.242   1.00 63.27 ? 15 G   B O6    1 
ATOM   651  N  N1    . G   B 2 15 ? -1.159  8.568   5.214   1.00 63.33 ? 15 G   B N1    1 
ATOM   652  C  C2    . G   B 2 15 ? -1.120  9.664   4.390   1.00 63.28 ? 15 G   B C2    1 
ATOM   653  N  N2    . G   B 2 15 ? -1.264  9.425   3.081   1.00 62.94 ? 15 G   B N2    1 
ATOM   654  N  N3    . G   B 2 15 ? -0.944  10.901  4.816   1.00 63.33 ? 15 G   B N3    1 
ATOM   655  C  C4    . G   B 2 15 ? -0.787  10.957  6.152   1.00 63.73 ? 15 G   B C4    1 
ATOM   656  P  P     . C   B 2 16 ? -4.551  15.462  7.851   1.00 67.27 ? 16 C   B P     1 
ATOM   657  O  OP1   . C   B 2 16 ? -5.213  16.788  7.980   1.00 67.79 ? 16 C   B OP1   1 
ATOM   658  O  OP2   . C   B 2 16 ? -4.383  14.609  9.057   1.00 67.14 ? 16 C   B OP2   1 
ATOM   659  O  "O5'" . C   B 2 16 ? -5.320  14.625  6.734   1.00 68.01 ? 16 C   B "O5'" 1 
ATOM   660  C  "C5'" . C   B 2 16 ? -5.734  15.253  5.534   1.00 68.97 ? 16 C   B "C5'" 1 
ATOM   661  C  "C4'" . C   B 2 16 ? -5.569  14.311  4.375   1.00 69.61 ? 16 C   B "C4'" 1 
ATOM   662  O  "O4'" . C   B 2 16 ? -4.360  13.542  4.607   1.00 69.86 ? 16 C   B "O4'" 1 
ATOM   663  C  "C3'" . C   B 2 16 ? -6.634  13.237  4.199   1.00 69.94 ? 16 C   B "C3'" 1 
ATOM   664  O  "O3'" . C   B 2 16 ? -7.936  13.683  3.724   1.00 70.40 ? 16 C   B "O3'" 1 
ATOM   665  C  "C2'" . C   B 2 16 ? -5.880  12.195  3.373   1.00 69.84 ? 16 C   B "C2'" 1 
ATOM   666  O  "O2'" . C   B 2 16 ? -5.719  12.506  2.002   1.00 69.78 ? 16 C   B "O2'" 1 
ATOM   667  C  "C1'" . C   B 2 16 ? -4.500  12.249  4.033   1.00 69.76 ? 16 C   B "C1'" 1 
ATOM   668  N  N1    . C   B 2 16 ? -4.364  11.236  5.095   1.00 69.71 ? 16 C   B N1    1 
ATOM   669  C  C2    . C   B 2 16 ? -4.238  9.884   4.719   1.00 69.62 ? 16 C   B C2    1 
ATOM   670  O  O2    . C   B 2 16 ? -4.190  9.592   3.504   1.00 69.48 ? 16 C   B O2    1 
ATOM   671  N  N3    . C   B 2 16 ? -4.172  8.936   5.680   1.00 69.38 ? 16 C   B N3    1 
ATOM   672  C  C4    . C   B 2 16 ? -4.222  9.285   6.965   1.00 69.31 ? 16 C   B C4    1 
ATOM   673  N  N4    . C   B 2 16 ? -4.192  8.308   7.871   1.00 69.29 ? 16 C   B N4    1 
ATOM   674  C  C5    . C   B 2 16 ? -4.314  10.650  7.378   1.00 69.28 ? 16 C   B C5    1 
ATOM   675  C  C6    . C   B 2 16 ? -4.381  11.584  6.418   1.00 69.46 ? 16 C   B C6    1 
ATOM   676  O  "O5'" . G   C 1 1  ? -39.519 11.727  4.846   1.00 35.32 ? 1  G   C "O5'" 1 
ATOM   677  C  "C5'" . G   C 1 1  ? -38.796 12.412  5.882   1.00 36.28 ? 1  G   C "C5'" 1 
ATOM   678  C  "C4'" . G   C 1 1  ? -38.966 11.773  7.240   1.00 36.63 ? 1  G   C "C4'" 1 
ATOM   679  O  "O4'" . G   C 1 1  ? -40.346 11.880  7.674   1.00 36.48 ? 1  G   C "O4'" 1 
ATOM   680  C  "C3'" . G   C 1 1  ? -38.664 10.292  7.244   1.00 36.68 ? 1  G   C "C3'" 1 
ATOM   681  O  "O3'" . G   C 1 1  ? -37.289 10.101  7.484   1.00 36.75 ? 1  G   C "O3'" 1 
ATOM   682  C  "C2'" . G   C 1 1  ? -39.532 9.765   8.378   1.00 37.10 ? 1  G   C "C2'" 1 
ATOM   683  O  "O2'" . G   C 1 1  ? -38.978 9.963   9.670   1.00 37.75 ? 1  G   C "O2'" 1 
ATOM   684  C  "C1'" . G   C 1 1  ? -40.774 10.640  8.224   1.00 37.37 ? 1  G   C "C1'" 1 
ATOM   685  N  N9    . G   C 1 1  ? -41.751 10.049  7.316   1.00 37.25 ? 1  G   C N9    1 
ATOM   686  C  C8    . G   C 1 1  ? -42.128 10.525  6.086   1.00 37.88 ? 1  G   C C8    1 
ATOM   687  N  N7    . G   C 1 1  ? -43.033 9.788   5.504   1.00 37.96 ? 1  G   C N7    1 
ATOM   688  C  C5    . G   C 1 1  ? -43.255 8.759   6.401   1.00 38.22 ? 1  G   C C5    1 
ATOM   689  C  C6    . G   C 1 1  ? -44.119 7.651   6.313   1.00 38.33 ? 1  G   C C6    1 
ATOM   690  O  O6    . G   C 1 1  ? -44.877 7.337   5.387   1.00 38.39 ? 1  G   C O6    1 
ATOM   691  N  N1    . G   C 1 1  ? -44.040 6.858   7.449   1.00 38.24 ? 1  G   C N1    1 
ATOM   692  C  C2    . G   C 1 1  ? -43.211 7.092   8.518   1.00 38.22 ? 1  G   C C2    1 
ATOM   693  N  N2    . G   C 1 1  ? -43.262 6.198   9.503   1.00 37.90 ? 1  G   C N2    1 
ATOM   694  N  N3    . G   C 1 1  ? -42.391 8.122   8.607   1.00 38.01 ? 1  G   C N3    1 
ATOM   695  C  C4    . G   C 1 1  ? -42.470 8.908   7.525   1.00 37.69 ? 1  G   C C4    1 
ATOM   696  P  P     . C   C 1 2  ? -36.525 8.898   6.751   1.00 36.85 ? 2  C   C P     1 
ATOM   697  O  OP1   . C   C 1 2  ? -35.064 9.145   6.987   1.00 36.38 ? 2  C   C OP1   1 
ATOM   698  O  OP2   . C   C 1 2  ? -37.035 8.770   5.347   1.00 36.71 ? 2  C   C OP2   1 
ATOM   699  O  "O5'" . C   C 1 2  ? -37.007 7.623   7.578   1.00 37.28 ? 2  C   C "O5'" 1 
ATOM   700  C  "C5'" . C   C 1 2  ? -36.755 7.556   8.963   1.00 38.33 ? 2  C   C "C5'" 1 
ATOM   701  C  "C4'" . C   C 1 2  ? -37.456 6.381   9.546   1.00 39.27 ? 2  C   C "C4'" 1 
ATOM   702  O  "O4'" . C   C 1 2  ? -38.887 6.578   9.491   1.00 39.82 ? 2  C   C "O4'" 1 
ATOM   703  C  "C3'" . C   C 1 2  ? -37.271 5.113   8.762   1.00 39.25 ? 2  C   C "C3'" 1 
ATOM   704  O  "O3'" . C   C 1 2  ? -36.040 4.534   9.108   1.00 39.23 ? 2  C   C "O3'" 1 
ATOM   705  C  "C2'" . C   C 1 2  ? -38.407 4.285   9.307   1.00 39.88 ? 2  C   C "C2'" 1 
ATOM   706  O  "O2'" . C   C 1 2  ? -38.067 3.990   10.641  1.00 39.60 ? 2  C   C "O2'" 1 
ATOM   707  C  "C1'" . C   C 1 2  ? -39.531 5.320   9.316   1.00 40.14 ? 2  C   C "C1'" 1 
ATOM   708  N  N1    . C   C 1 2  ? -40.318 5.369   8.067   1.00 39.97 ? 2  C   C N1    1 
ATOM   709  C  C2    . C   C 1 2  ? -41.258 4.368   7.797   1.00 40.08 ? 2  C   C C2    1 
ATOM   710  O  O2    . C   C 1 2  ? -41.443 3.485   8.626   1.00 40.37 ? 2  C   C O2    1 
ATOM   711  N  N3    . C   C 1 2  ? -41.937 4.397   6.636   1.00 40.01 ? 2  C   C N3    1 
ATOM   712  C  C4    . C   C 1 2  ? -41.708 5.377   5.759   1.00 39.91 ? 2  C   C C4    1 
ATOM   713  N  N4    . C   C 1 2  ? -42.370 5.362   4.600   1.00 39.84 ? 2  C   C N4    1 
ATOM   714  C  C5    . C   C 1 2  ? -40.782 6.420   6.023   1.00 40.11 ? 2  C   C C5    1 
ATOM   715  C  C6    . C   C 1 2  ? -40.118 6.379   7.178   1.00 40.14 ? 2  C   C C6    1 
ATOM   716  P  P     . A   C 1 3  ? -35.320 3.554   8.073   1.00 39.30 ? 3  A   C P     1 
ATOM   717  O  OP1   . A   C 1 3  ? -34.066 3.098   8.735   1.00 39.76 ? 3  A   C OP1   1 
ATOM   718  O  OP2   . A   C 1 3  ? -35.248 4.249   6.765   1.00 38.63 ? 3  A   C OP2   1 
ATOM   719  O  "O5'" . A   C 1 3  ? -36.313 2.314   7.961   1.00 39.31 ? 3  A   C "O5'" 1 
ATOM   720  C  "C5'" . A   C 1 3  ? -36.404 1.393   9.024   1.00 39.69 ? 3  A   C "C5'" 1 
ATOM   721  C  "C4'" . A   C 1 3  ? -37.463 0.370   8.731   1.00 40.03 ? 3  A   C "C4'" 1 
ATOM   722  O  "O4'" . A   C 1 3  ? -38.729 1.048   8.552   1.00 40.28 ? 3  A   C "O4'" 1 
ATOM   723  C  "C3'" . A   C 1 3  ? -37.327 -0.414  7.440   1.00 40.00 ? 3  A   C "C3'" 1 
ATOM   724  O  "O3'" . A   C 1 3  ? -36.378 -1.464  7.557   1.00 40.68 ? 3  A   C "O3'" 1 
ATOM   725  C  "C2'" . A   C 1 3  ? -38.743 -0.945  7.279   1.00 40.20 ? 3  A   C "C2'" 1 
ATOM   726  O  "O2'" . A   C 1 3  ? -39.008 -1.977  8.212   1.00 39.86 ? 3  A   C "O2'" 1 
ATOM   727  C  "C1'" . A   C 1 3  ? -39.551 0.296   7.665   1.00 39.85 ? 3  A   C "C1'" 1 
ATOM   728  N  N9    . A   C 1 3  ? -39.870 1.146   6.513   1.00 39.41 ? 3  A   C N9    1 
ATOM   729  C  C8    . A   C 1 3  ? -39.228 2.307   6.151   1.00 39.49 ? 3  A   C C8    1 
ATOM   730  N  N7    . A   C 1 3  ? -39.694 2.843   5.049   1.00 39.29 ? 3  A   C N7    1 
ATOM   731  C  C5    . A   C 1 3  ? -40.709 1.980   4.663   1.00 38.82 ? 3  A   C C5    1 
ATOM   732  C  C6    . A   C 1 3  ? -41.571 1.976   3.556   1.00 38.60 ? 3  A   C C6    1 
ATOM   733  N  N6    . A   C 1 3  ? -41.520 2.894   2.592   1.00 38.22 ? 3  A   C N6    1 
ATOM   734  N  N1    . A   C 1 3  ? -42.479 0.986   3.462   1.00 38.20 ? 3  A   C N1    1 
ATOM   735  C  C2    . A   C 1 3  ? -42.499 0.059   4.410   1.00 38.27 ? 3  A   C C2    1 
ATOM   736  N  N3    . A   C 1 3  ? -41.732 -0.062  5.492   1.00 38.70 ? 3  A   C N3    1 
ATOM   737  C  C4    . A   C 1 3  ? -40.847 0.940   5.563   1.00 38.90 ? 3  A   C C4    1 
ATOM   738  P  P     . G   C 1 4  ? -35.453 -1.836  6.295   1.00 40.95 ? 4  G   C P     1 
ATOM   739  O  OP1   . G   C 1 4  ? -34.324 -2.660  6.806   1.00 41.41 ? 4  G   C OP1   1 
ATOM   740  O  OP2   . G   C 1 4  ? -35.161 -0.595  5.531   1.00 40.63 ? 4  G   C OP2   1 
ATOM   741  O  "O5'" . G   C 1 4  ? -36.382 -2.808  5.446   1.00 41.13 ? 4  G   C "O5'" 1 
ATOM   742  C  "C5'" . G   C 1 4  ? -36.776 -4.040  6.022   1.00 41.62 ? 4  G   C "C5'" 1 
ATOM   743  C  "C4'" . G   C 1 4  ? -37.925 -4.637  5.270   1.00 41.61 ? 4  G   C "C4'" 1 
ATOM   744  O  "O4'" . G   C 1 4  ? -39.058 -3.743  5.362   1.00 41.39 ? 4  G   C "O4'" 1 
ATOM   745  C  "C3'" . G   C 1 4  ? -37.724 -4.829  3.777   1.00 41.52 ? 4  G   C "C3'" 1 
ATOM   746  O  "O3'" . G   C 1 4  ? -37.024 -6.029  3.474   1.00 42.29 ? 4  G   C "O3'" 1 
ATOM   747  C  "C2'" . G   C 1 4  ? -39.163 -4.927  3.316   1.00 41.17 ? 4  G   C "C2'" 1 
ATOM   748  O  "O2'" . G   C 1 4  ? -39.670 -6.186  3.687   1.00 41.45 ? 4  G   C "O2'" 1 
ATOM   749  C  "C1'" . G   C 1 4  ? -39.812 -3.825  4.165   1.00 41.01 ? 4  G   C "C1'" 1 
ATOM   750  N  N9    . G   C 1 4  ? -39.753 -2.527  3.490   1.00 40.32 ? 4  G   C N9    1 
ATOM   751  C  C8    . G   C 1 4  ? -38.977 -1.432  3.810   1.00 39.91 ? 4  G   C C8    1 
ATOM   752  N  N7    . G   C 1 4  ? -39.123 -0.441  2.973   1.00 39.55 ? 4  G   C N7    1 
ATOM   753  C  C5    . G   C 1 4  ? -40.061 -0.907  2.056   1.00 39.56 ? 4  G   C C5    1 
ATOM   754  C  C6    . G   C 1 4  ? -40.630 -0.280  0.916   1.00 39.15 ? 4  G   C C6    1 
ATOM   755  O  O6    . G   C 1 4  ? -40.403 0.846   0.462   1.00 38.35 ? 4  G   C O6    1 
ATOM   756  N  N1    . G   C 1 4  ? -41.550 -1.108  0.284   1.00 39.12 ? 4  G   C N1    1 
ATOM   757  C  C2    . G   C 1 4  ? -41.878 -2.374  0.692   1.00 39.44 ? 4  G   C C2    1 
ATOM   758  N  N2    . G   C 1 4  ? -42.799 -3.021  -0.036  1.00 39.36 ? 4  G   C N2    1 
ATOM   759  N  N3    . G   C 1 4  ? -41.348 -2.969  1.741   1.00 39.34 ? 4  G   C N3    1 
ATOM   760  C  C4    . G   C 1 4  ? -40.460 -2.185  2.370   1.00 39.47 ? 4  G   C C4    1 
ATOM   761  P  P     . A   C 1 5  ? -35.916 -6.007  2.317   1.00 42.43 ? 5  A   C P     1 
ATOM   762  O  OP1   . A   C 1 5  ? -34.748 -6.855  2.676   1.00 41.96 ? 5  A   C OP1   1 
ATOM   763  O  OP2   . A   C 1 5  ? -35.719 -4.566  2.008   1.00 42.74 ? 5  A   C OP2   1 
ATOM   764  O  "O5'" . A   C 1 5  ? -36.634 -6.639  1.049   1.00 42.70 ? 5  A   C "O5'" 1 
ATOM   765  C  "C5'" . A   C 1 5  ? -37.795 -7.440  1.184   1.00 42.84 ? 5  A   C "C5'" 1 
ATOM   766  C  "C4'" . A   C 1 5  ? -38.658 -7.297  -0.046  1.00 42.25 ? 5  A   C "C4'" 1 
ATOM   767  O  "O4'" . A   C 1 5  ? -39.603 -6.208  0.104   1.00 41.66 ? 5  A   C "O4'" 1 
ATOM   768  C  "C3'" . A   C 1 5  ? -37.895 -6.946  -1.309  1.00 42.35 ? 5  A   C "C3'" 1 
ATOM   769  O  "O3'" . A   C 1 5  ? -37.312 -8.103  -1.893  1.00 43.05 ? 5  A   C "O3'" 1 
ATOM   770  C  "C2'" . A   C 1 5  ? -39.003 -6.378  -2.187  1.00 41.79 ? 5  A   C "C2'" 1 
ATOM   771  O  "O2'" . A   C 1 5  ? -39.813 -7.388  -2.755  1.00 42.49 ? 5  A   C "O2'" 1 
ATOM   772  C  "C1'" . A   C 1 5  ? -39.822 -5.600  -1.162  1.00 40.78 ? 5  A   C "C1'" 1 
ATOM   773  N  N9    . A   C 1 5  ? -39.364 -4.215  -1.082  1.00 40.24 ? 5  A   C N9    1 
ATOM   774  C  C8    . A   C 1 5  ? -38.513 -3.677  -0.155  1.00 39.82 ? 5  A   C C8    1 
ATOM   775  N  N7    . A   C 1 5  ? -38.254 -2.409  -0.357  1.00 39.43 ? 5  A   C N7    1 
ATOM   776  C  C5    . A   C 1 5  ? -38.984 -2.097  -1.486  1.00 38.67 ? 5  A   C C5    1 
ATOM   777  C  C6    . A   C 1 5  ? -39.118 -0.923  -2.207  1.00 38.31 ? 5  A   C C6    1 
ATOM   778  N  N6    . A   C 1 5  ? -38.464 0.194   -1.893  1.00 37.21 ? 5  A   C N6    1 
ATOM   779  N  N1    . A   C 1 5  ? -39.942 -0.930  -3.278  1.00 38.20 ? 5  A   C N1    1 
ATOM   780  C  C2    . A   C 1 5  ? -40.570 -2.058  -3.588  1.00 38.24 ? 5  A   C C2    1 
ATOM   781  N  N3    . A   C 1 5  ? -40.509 -3.238  -2.995  1.00 38.74 ? 5  A   C N3    1 
ATOM   782  C  C4    . A   C 1 5  ? -39.689 -3.191  -1.939  1.00 39.33 ? 5  A   C C4    1 
HETATM 783  P  P     . A5M C 1 6  ? -35.963 -7.961  -2.755  1.00 43.37 ? 6  A5M C P     1 
HETATM 784  O  OP1   . A5M C 1 6  ? -35.602 -9.334  -3.208  1.00 43.19 ? 6  A5M C OP1   1 
HETATM 785  O  OP2   . A5M C 1 6  ? -34.994 -7.162  -1.971  1.00 43.63 ? 6  A5M C OP2   1 
HETATM 786  O  "O5'" . A5M C 1 6  ? -36.391 -7.104  -4.027  1.00 43.96 ? 6  A5M C "O5'" 1 
HETATM 787  C  "C5'" . A5M C 1 6  ? -37.209 -7.698  -5.018  1.00 44.77 ? 6  A5M C "C5'" 1 
HETATM 788  C  "C4'" . A5M C 1 6  ? -37.515 -6.724  -6.114  1.00 44.89 ? 6  A5M C "C4'" 1 
HETATM 789  O  "O4'" . A5M C 1 6  ? -38.323 -5.634  -5.610  1.00 44.78 ? 6  A5M C "O4'" 1 
HETATM 790  C  "C1'" . A5M C 1 6  ? -38.038 -4.462  -6.349  1.00 44.84 ? 6  A5M C "C1'" 1 
HETATM 791  N  N1    . A5M C 1 6  ? -37.503 -3.485  -5.423  1.00 44.86 ? 6  A5M C N1    1 
HETATM 792  C  C6    . A5M C 1 6  ? -37.106 -3.865  -4.180  1.00 44.94 ? 6  A5M C C6    1 
HETATM 793  C  C2    . A5M C 1 6  ? -37.387 -2.161  -5.835  1.00 45.07 ? 6  A5M C C2    1 
HETATM 794  O  O2    . A5M C 1 6  ? -37.770 -1.858  -6.981  1.00 45.45 ? 6  A5M C O2    1 
HETATM 795  N  N3    . A5M C 1 6  ? -36.862 -1.251  -4.983  1.00 44.94 ? 6  A5M C N3    1 
HETATM 796  C  C4    . A5M C 1 6  ? -36.458 -1.638  -3.769  1.00 44.75 ? 6  A5M C C4    1 
HETATM 797  N  N4    . A5M C 1 6  ? -35.929 -0.729  -2.950  1.00 44.07 ? 6  A5M C N4    1 
HETATM 798  C  C5    . A5M C 1 6  ? -36.577 -2.984  -3.331  1.00 44.87 ? 6  A5M C C5    1 
HETATM 799  C  "C2'" . A5M C 1 6  ? -36.973 -4.826  -7.379  1.00 44.87 ? 6  A5M C "C2'" 1 
HETATM 800  N  "N2'" . A5M C 1 6  ? -37.620 -5.148  -8.636  1.00 45.04 ? 6  A5M C "N2'" 1 
HETATM 801  C  "C3'" . A5M C 1 6  ? -36.320 -6.025  -6.708  1.00 44.99 ? 6  A5M C "C3'" 1 
HETATM 802  O  "O3'" . A5M C 1 6  ? -35.650 -6.867  -7.629  1.00 45.25 ? 6  A5M C "O3'" 1 
ATOM   803  P  P     . U   C 1 7  ? -34.107 -6.588  -7.979  1.00 45.68 ? 7  U   C P     1 
ATOM   804  O  OP1   . U   C 1 7  ? -33.663 -7.686  -8.880  1.00 45.61 ? 7  U   C OP1   1 
ATOM   805  O  OP2   . U   C 1 7  ? -33.355 -6.343  -6.721  1.00 45.34 ? 7  U   C OP2   1 
ATOM   806  O  "O5'" . U   C 1 7  ? -34.186 -5.225  -8.805  1.00 46.12 ? 7  U   C "O5'" 1 
ATOM   807  C  "C5'" . U   C 1 7  ? -34.733 -5.213  -10.106 1.00 47.26 ? 7  U   C "C5'" 1 
ATOM   808  C  "C4'" . U   C 1 7  ? -34.748 -3.812  -10.665 1.00 48.56 ? 7  U   C "C4'" 1 
ATOM   809  O  "O4'" . U   C 1 7  ? -35.553 -2.964  -9.812  1.00 48.54 ? 7  U   C "O4'" 1 
ATOM   810  C  "C3'" . U   C 1 7  ? -33.432 -3.053  -10.738 1.00 49.21 ? 7  U   C "C3'" 1 
ATOM   811  O  "O3'" . U   C 1 7  ? -32.675 -3.403  -11.887 1.00 50.90 ? 7  U   C "O3'" 1 
ATOM   812  C  "C2'" . U   C 1 7  ? -33.914 -1.620  -10.886 1.00 49.04 ? 7  U   C "C2'" 1 
ATOM   813  O  "O2'" . U   C 1 7  ? -34.294 -1.319  -12.207 1.00 48.78 ? 7  U   C "O2'" 1 
ATOM   814  C  "C1'" . U   C 1 7  ? -35.145 -1.620  -9.984  1.00 48.35 ? 7  U   C "C1'" 1 
ATOM   815  N  N1    . U   C 1 7  ? -34.805 -1.058  -8.677  1.00 47.94 ? 7  U   C N1    1 
ATOM   816  C  C2    . U   C 1 7  ? -34.711 0.313   -8.596  1.00 47.77 ? 7  U   C C2    1 
ATOM   817  O  O2    . U   C 1 7  ? -34.906 1.045   -9.550  1.00 47.32 ? 7  U   C O2    1 
ATOM   818  N  N3    . U   C 1 7  ? -34.375 0.797   -7.363  1.00 47.44 ? 7  U   C N3    1 
ATOM   819  C  C4    . U   C 1 7  ? -34.112 0.058   -6.233  1.00 47.53 ? 7  U   C C4    1 
ATOM   820  O  O4    . U   C 1 7  ? -33.667 0.626   -5.242  1.00 47.35 ? 7  U   C O4    1 
ATOM   821  C  C5    . U   C 1 7  ? -34.244 -1.358  -6.397  1.00 47.33 ? 7  U   C C5    1 
ATOM   822  C  C6    . U   C 1 7  ? -34.579 -1.854  -7.587  1.00 47.56 ? 7  U   C C6    1 
ATOM   823  P  P     . U   C 1 8  ? -31.108 -3.058  -11.942 1.00 51.22 ? 8  U   C P     1 
ATOM   824  O  OP1   . U   C 1 8  ? -30.573 -3.619  -13.224 1.00 51.04 ? 8  U   C OP1   1 
ATOM   825  O  OP2   . U   C 1 8  ? -30.498 -3.464  -10.642 1.00 51.42 ? 8  U   C OP2   1 
ATOM   826  O  "O5'" . U   C 1 8  ? -31.035 -1.472  -12.043 1.00 52.07 ? 8  U   C "O5'" 1 
ATOM   827  C  "C5'" . U   C 1 8  ? -31.203 -0.835  -13.293 1.00 53.47 ? 8  U   C "C5'" 1 
ATOM   828  C  "C4'" . U   C 1 8  ? -31.183 0.667   -13.136 1.00 55.04 ? 8  U   C "C4'" 1 
ATOM   829  O  "O4'" . U   C 1 8  ? -32.119 1.056   -12.102 1.00 55.12 ? 8  U   C "O4'" 1 
ATOM   830  C  "C3'" . U   C 1 8  ? -29.882 1.307   -12.691 1.00 55.70 ? 8  U   C "C3'" 1 
ATOM   831  O  "O3'" . U   C 1 8  ? -28.989 1.472   -13.790 1.00 56.21 ? 8  U   C "O3'" 1 
ATOM   832  C  "C2'" . U   C 1 8  ? -30.383 2.644   -12.179 1.00 55.97 ? 8  U   C "C2'" 1 
ATOM   833  O  "O2'" . U   C 1 8  ? -30.743 3.511   -13.235 1.00 56.29 ? 8  U   C "O2'" 1 
ATOM   834  C  "C1'" . U   C 1 8  ? -31.640 2.208   -11.433 1.00 55.51 ? 8  U   C "C1'" 1 
ATOM   835  N  N1    . U   C 1 8  ? -31.389 1.843   -10.031 1.00 55.08 ? 8  U   C N1    1 
ATOM   836  C  C2    . U   C 1 8  ? -31.186 2.860   -9.119  1.00 54.89 ? 8  U   C C2    1 
ATOM   837  O  O2    . U   C 1 8  ? -31.241 4.043   -9.419  1.00 55.27 ? 8  U   C O2    1 
ATOM   838  N  N3    . U   C 1 8  ? -30.924 2.447   -7.839  1.00 54.72 ? 8  U   C N3    1 
ATOM   839  C  C4    . U   C 1 8  ? -30.862 1.151   -7.387  1.00 54.67 ? 8  U   C C4    1 
ATOM   840  O  O4    . U   C 1 8  ? -30.556 0.929   -6.207  1.00 54.64 ? 8  U   C O4    1 
ATOM   841  C  C5    . U   C 1 8  ? -31.112 0.161   -8.386  1.00 54.90 ? 8  U   C C5    1 
ATOM   842  C  C6    . U   C 1 8  ? -31.357 0.533   -9.641  1.00 55.14 ? 8  U   C C6    1 
ATOM   843  P  P     . A   C 1 9  ? -27.411 1.264   -13.566 1.00 55.58 ? 9  A   C P     1 
ATOM   844  O  OP1   . A   C 1 9  ? -26.762 1.263   -14.910 1.00 55.55 ? 9  A   C OP1   1 
ATOM   845  O  OP2   . A   C 1 9  ? -27.248 0.083   -12.671 1.00 55.27 ? 9  A   C OP2   1 
ATOM   846  O  "O5'" . A   C 1 9  ? -26.980 2.577   -12.761 1.00 55.34 ? 9  A   C "O5'" 1 
ATOM   847  C  "C5'" . A   C 1 9  ? -27.029 3.868   -13.372 1.00 54.49 ? 9  A   C "C5'" 1 
ATOM   848  C  "C4'" . A   C 1 9  ? -26.717 4.950   -12.355 1.00 54.15 ? 9  A   C "C4'" 1 
ATOM   849  O  "O4'" . A   C 1 9  ? -27.758 4.974   -11.340 1.00 53.51 ? 9  A   C "O4'" 1 
ATOM   850  C  "C3'" . A   C 1 9  ? -25.441 4.792   -11.542 1.00 53.80 ? 9  A   C "C3'" 1 
ATOM   851  O  "O3'" . A   C 1 9  ? -24.277 5.234   -12.236 1.00 53.92 ? 9  A   C "O3'" 1 
ATOM   852  C  "C2'" . A   C 1 9  ? -25.722 5.682   -10.339 1.00 53.61 ? 9  A   C "C2'" 1 
ATOM   853  O  "O2'" . A   C 1 9  ? -25.522 7.053   -10.615 1.00 53.42 ? 9  A   C "O2'" 1 
ATOM   854  C  "C1'" . A   C 1 9  ? -27.204 5.395   -10.099 1.00 53.02 ? 9  A   C "C1'" 1 
ATOM   855  N  N9    . A   C 1 9  ? -27.387 4.323   -9.122  1.00 52.14 ? 9  A   C N9    1 
ATOM   856  C  C8    . A   C 1 9  ? -27.661 3.000   -9.361  1.00 51.61 ? 9  A   C C8    1 
ATOM   857  N  N7    . A   C 1 9  ? -27.757 2.277   -8.274  1.00 51.24 ? 9  A   C N7    1 
ATOM   858  C  C5    . A   C 1 9  ? -27.533 3.183   -7.249  1.00 51.13 ? 9  A   C C5    1 
ATOM   859  C  C6    . A   C 1 9  ? -27.505 3.039   -5.852  1.00 50.59 ? 9  A   C C6    1 
ATOM   860  N  N6    . A   C 1 9  ? -27.740 1.874   -5.234  1.00 50.25 ? 9  A   C N6    1 
ATOM   861  N  N1    . A   C 1 9  ? -27.236 4.142   -5.105  1.00 50.51 ? 9  A   C N1    1 
ATOM   862  C  C2    . A   C 1 9  ? -27.032 5.308   -5.739  1.00 50.73 ? 9  A   C C2    1 
ATOM   863  N  N3    . A   C 1 9  ? -27.050 5.569   -7.051  1.00 51.25 ? 9  A   C N3    1 
ATOM   864  C  C4    . A   C 1 9  ? -27.305 4.449   -7.756  1.00 51.49 ? 9  A   C C4    1 
ATOM   865  P  P     . A   C 1 10 ? -22.870 4.488   -11.972 1.00 53.19 ? 10 A   C P     1 
ATOM   866  O  OP1   . A   C 1 10 ? -21.875 4.966   -12.987 1.00 53.55 ? 10 A   C OP1   1 
ATOM   867  O  OP2   . A   C 1 10 ? -23.135 3.025   -11.819 1.00 53.20 ? 10 A   C OP2   1 
ATOM   868  O  "O5'" . A   C 1 10 ? -22.423 5.039   -10.552 1.00 52.48 ? 10 A   C "O5'" 1 
ATOM   869  C  "C5'" . A   C 1 10 ? -21.919 6.345   -10.430 1.00 50.71 ? 10 A   C "C5'" 1 
ATOM   870  C  "C4'" . A   C 1 10 ? -21.697 6.676   -8.988  1.00 49.22 ? 10 A   C "C4'" 1 
ATOM   871  O  "O4'" . A   C 1 10 ? -22.944 6.531   -8.258  1.00 48.48 ? 10 A   C "O4'" 1 
ATOM   872  C  "C3'" . A   C 1 10 ? -20.796 5.751   -8.205  1.00 48.30 ? 10 A   C "C3'" 1 
ATOM   873  O  "O3'" . A   C 1 10 ? -19.432 5.970   -8.500  1.00 48.07 ? 10 A   C "O3'" 1 
ATOM   874  C  "C2'" . A   C 1 10 ? -21.135 6.198   -6.799  1.00 48.22 ? 10 A   C "C2'" 1 
ATOM   875  O  "O2'" . A   C 1 10 ? -20.627 7.498   -6.585  1.00 47.89 ? 10 A   C "O2'" 1 
ATOM   876  C  "C1'" . A   C 1 10 ? -22.658 6.268   -6.892  1.00 48.04 ? 10 A   C "C1'" 1 
ATOM   877  N  N9    . A   C 1 10 ? -23.248 4.984   -6.523  1.00 46.80 ? 10 A   C N9    1 
ATOM   878  C  C8    . A   C 1 10 ? -23.612 3.950   -7.335  1.00 46.49 ? 10 A   C C8    1 
ATOM   879  N  N7    . A   C 1 10 ? -24.032 2.891   -6.685  1.00 46.65 ? 10 A   C N7    1 
ATOM   880  C  C5    . A   C 1 10 ? -23.954 3.266   -5.352  1.00 46.53 ? 10 A   C C5    1 
ATOM   881  C  C6    . A   C 1 10 ? -24.223 2.577   -4.150  1.00 46.22 ? 10 A   C C6    1 
ATOM   882  N  N6    . A   C 1 10 ? -24.623 1.311   -4.091  1.00 46.46 ? 10 A   C N6    1 
ATOM   883  N  N1    . A   C 1 10 ? -24.046 3.242   -2.990  1.00 45.97 ? 10 A   C N1    1 
ATOM   884  C  C2    . A   C 1 10 ? -23.614 4.503   -3.037  1.00 45.87 ? 10 A   C C2    1 
ATOM   885  N  N3    . A   C 1 10 ? -23.308 5.254   -4.101  1.00 46.29 ? 10 A   C N3    1 
ATOM   886  C  C4    . A   C 1 10 ? -23.500 4.563   -5.242  1.00 46.59 ? 10 A   C C4    1 
ATOM   887  P  P     . A   C 1 11 ? -18.338 4.886   -8.032  1.00 47.72 ? 11 A   C P     1 
ATOM   888  O  OP1   . A   C 1 11 ? -17.039 5.404   -8.545  1.00 47.73 ? 11 A   C OP1   1 
ATOM   889  O  OP2   . A   C 1 11 ? -18.757 3.502   -8.377  1.00 47.29 ? 11 A   C OP2   1 
ATOM   890  O  "O5'" . A   C 1 11 ? -18.382 4.984   -6.444  1.00 46.84 ? 11 A   C "O5'" 1 
ATOM   891  C  "C5'" . A   C 1 11 ? -17.948 6.158   -5.774  1.00 45.33 ? 11 A   C "C5'" 1 
ATOM   892  C  "C4'" . A   C 1 11 ? -17.797 5.881   -4.299  1.00 43.79 ? 11 A   C "C4'" 1 
ATOM   893  O  "O4'" . A   C 1 11 ? -19.117 5.649   -3.730  1.00 43.05 ? 11 A   C "O4'" 1 
ATOM   894  C  "C3'" . A   C 1 11 ? -17.004 4.634   -3.921  1.00 42.97 ? 11 A   C "C3'" 1 
ATOM   895  O  "O3'" . A   C 1 11 ? -15.597 4.874   -3.879  1.00 43.04 ? 11 A   C "O3'" 1 
ATOM   896  C  "C2'" . A   C 1 11 ? -17.519 4.371   -2.520  1.00 42.69 ? 11 A   C "C2'" 1 
ATOM   897  O  "O2'" . A   C 1 11 ? -16.849 5.229   -1.615  1.00 42.82 ? 11 A   C "O2'" 1 
ATOM   898  C  "C1'" . A   C 1 11 ? -19.013 4.725   -2.666  1.00 42.10 ? 11 A   C "C1'" 1 
ATOM   899  N  N9    . A   C 1 11 ? -19.837 3.561   -2.994  1.00 40.97 ? 11 A   C N9    1 
ATOM   900  C  C8    . A   C 1 11 ? -20.221 3.113   -4.230  1.00 40.58 ? 11 A   C C8    1 
ATOM   901  N  N7    . A   C 1 11 ? -20.886 1.982   -4.201  1.00 40.42 ? 11 A   C N7    1 
ATOM   902  C  C5    . A   C 1 11 ? -20.955 1.671   -2.848  1.00 40.33 ? 11 A   C C5    1 
ATOM   903  C  C6    . A   C 1 11 ? -21.507 0.574   -2.145  1.00 40.18 ? 11 A   C C6    1 
ATOM   904  N  N6    . A   C 1 11 ? -22.091 -0.472  -2.735  1.00 39.81 ? 11 A   C N6    1 
ATOM   905  N  N1    . A   C 1 11 ? -21.422 0.584   -0.799  1.00 39.98 ? 11 A   C N1    1 
ATOM   906  C  C2    . A   C 1 11 ? -20.807 1.619   -0.203  1.00 40.34 ? 11 A   C C2    1 
ATOM   907  N  N3    . A   C 1 11 ? -20.235 2.693   -0.749  1.00 40.58 ? 11 A   C N3    1 
ATOM   908  C  C4    . A   C 1 11 ? -20.342 2.655   -2.092  1.00 40.52 ? 11 A   C C4    1 
ATOM   909  P  P     . U   C 1 12 ? -14.571 3.647   -4.099  1.00 42.66 ? 12 U   C P     1 
ATOM   910  O  OP1   . U   C 1 12 ? -13.179 4.154   -3.920  1.00 42.54 ? 12 U   C OP1   1 
ATOM   911  O  OP2   . U   C 1 12 ? -14.921 2.911   -5.350  1.00 42.13 ? 12 U   C OP2   1 
ATOM   912  O  "O5'" . U   C 1 12 ? -14.883 2.700   -2.865  1.00 42.49 ? 12 U   C "O5'" 1 
ATOM   913  C  "C5'" . U   C 1 12 ? -14.527 3.104   -1.562  1.00 42.56 ? 12 U   C "C5'" 1 
ATOM   914  C  "C4'" . U   C 1 12 ? -14.855 2.026   -0.579  1.00 41.96 ? 12 U   C "C4'" 1 
ATOM   915  O  "O4'" . U   C 1 12 ? -16.298 1.955   -0.422  1.00 41.50 ? 12 U   C "O4'" 1 
ATOM   916  C  "C3'" . U   C 1 12 ? -14.476 0.608   -0.974  1.00 41.35 ? 12 U   C "C3'" 1 
ATOM   917  O  "O3'" . U   C 1 12 ? -13.084 0.340   -0.775  1.00 41.50 ? 12 U   C "O3'" 1 
ATOM   918  C  "C2'" . U   C 1 12 ? -15.368 -0.171  -0.016  1.00 41.47 ? 12 U   C "C2'" 1 
ATOM   919  O  "O2'" . U   C 1 12 ? -14.910 -0.106  1.322   1.00 41.78 ? 12 U   C "O2'" 1 
ATOM   920  C  "C1'" . U   C 1 12 ? -16.671 0.625   -0.102  1.00 41.42 ? 12 U   C "C1'" 1 
ATOM   921  N  N1    . U   C 1 12 ? -17.546 0.090   -1.158  1.00 41.05 ? 12 U   C N1    1 
ATOM   922  C  C2    . U   C 1 12 ? -18.339 -0.988  -0.823  1.00 41.43 ? 12 U   C C2    1 
ATOM   923  O  O2    . U   C 1 12 ? -18.396 -1.434  0.307   1.00 40.75 ? 12 U   C O2    1 
ATOM   924  N  N3    . U   C 1 12 ? -19.067 -1.522  -1.853  1.00 41.52 ? 12 U   C N3    1 
ATOM   925  C  C4    . U   C 1 12 ? -19.098 -1.089  -3.154  1.00 41.46 ? 12 U   C C4    1 
ATOM   926  O  O4    . U   C 1 12 ? -19.738 -1.741  -3.989  1.00 41.31 ? 12 U   C O4    1 
ATOM   927  C  C5    . U   C 1 12 ? -18.285 0.067   -3.417  1.00 41.35 ? 12 U   C C5    1 
ATOM   928  C  C6    . U   C 1 12 ? -17.560 0.603   -2.433  1.00 41.32 ? 12 U   C C6    1 
ATOM   929  P  P     . C   C 1 13 ? -12.373 -0.897  -1.534  1.00 41.41 ? 13 C   C P     1 
ATOM   930  O  OP1   . C   C 1 13 ? -10.937 -0.543  -1.751  1.00 41.52 ? 13 C   C OP1   1 
ATOM   931  O  OP2   . C   C 1 13 ? -13.195 -1.348  -2.679  1.00 41.73 ? 13 C   C OP2   1 
ATOM   932  O  "O5'" . C   C 1 13 ? -12.370 -2.084  -0.468  1.00 41.53 ? 13 C   C "O5'" 1 
ATOM   933  C  "C5'" . C   C 1 13 ? -13.486 -2.295  0.368   1.00 41.31 ? 13 C   C "C5'" 1 
ATOM   934  C  "C4'" . C   C 1 13 ? -13.600 -3.737  0.759   1.00 40.73 ? 13 C   C "C4'" 1 
ATOM   935  O  "O4'" . C   C 1 13 ? -15.017 -3.969  0.974   1.00 40.58 ? 13 C   C "O4'" 1 
ATOM   936  C  "C3'" . C   C 1 13 ? -13.203 -4.763  -0.295  1.00 40.01 ? 13 C   C "C3'" 1 
ATOM   937  O  "O3'" . C   C 1 13 ? -11.849 -5.145  -0.118  1.00 39.06 ? 13 C   C "O3'" 1 
ATOM   938  C  "C2'" . C   C 1 13 ? -14.123 -5.922  0.053   1.00 40.32 ? 13 C   C "C2'" 1 
ATOM   939  O  "O2'" . C   C 1 13 ? -13.721 -6.581  1.249   1.00 40.76 ? 13 C   C "O2'" 1 
ATOM   940  C  "C1'" . C   C 1 13 ? -15.415 -5.159  0.311   1.00 40.42 ? 13 C   C "C1'" 1 
ATOM   941  N  N1    . C   C 1 13 ? -16.076 -4.770  -0.951  1.00 40.71 ? 13 C   C N1    1 
ATOM   942  C  C2    . C   C 1 13 ? -16.947 -5.677  -1.573  1.00 40.72 ? 13 C   C C2    1 
ATOM   943  O  O2    . C   C 1 13 ? -17.144 -6.771  -1.041  1.00 40.39 ? 13 C   C O2    1 
ATOM   944  N  N3    . C   C 1 13 ? -17.550 -5.328  -2.729  1.00 40.68 ? 13 C   C N3    1 
ATOM   945  C  C4    . C   C 1 13 ? -17.318 -4.125  -3.261  1.00 40.59 ? 13 C   C C4    1 
ATOM   946  N  N4    . C   C 1 13 ? -17.942 -3.813  -4.395  1.00 40.59 ? 13 C   C N4    1 
ATOM   947  C  C5    . C   C 1 13 ? -16.437 -3.182  -2.651  1.00 40.50 ? 13 C   C C5    1 
ATOM   948  C  C6    . C   C 1 13 ? -15.844 -3.542  -1.510  1.00 40.81 ? 13 C   C C6    1 
ATOM   949  P  P     . U   C 1 14 ? -11.063 -5.875  -1.312  1.00 38.08 ? 14 U   C P     1 
ATOM   950  O  OP1   . U   C 1 14 ? -9.710  -6.194  -0.799  1.00 38.28 ? 14 U   C OP1   1 
ATOM   951  O  OP2   . U   C 1 14 ? -11.207 -4.996  -2.505  1.00 38.43 ? 14 U   C OP2   1 
ATOM   952  O  "O5'" . U   C 1 14 ? -11.856 -7.231  -1.597  1.00 37.83 ? 14 U   C "O5'" 1 
ATOM   953  C  "C5'" . U   C 1 14 ? -11.829 -8.306  -0.670  1.00 37.22 ? 14 U   C "C5'" 1 
ATOM   954  C  "C4'" . U   C 1 14 ? -12.749 -9.423  -1.120  1.00 36.64 ? 14 U   C "C4'" 1 
ATOM   955  O  "O4'" . U   C 1 14 ? -14.126 -8.980  -1.129  1.00 35.44 ? 14 U   C "O4'" 1 
ATOM   956  C  "C3'" . U   C 1 14 ? -12.526 -9.924  -2.527  1.00 36.47 ? 14 U   C "C3'" 1 
ATOM   957  O  "O3'" . U   C 1 14 ? -11.504 -10.893 -2.524  1.00 36.78 ? 14 U   C "O3'" 1 
ATOM   958  C  "C2'" . U   C 1 14 ? -13.852 -10.575 -2.832  1.00 35.84 ? 14 U   C "C2'" 1 
ATOM   959  O  "O2'" . U   C 1 14 ? -13.952 -11.787 -2.147  1.00 35.53 ? 14 U   C "O2'" 1 
ATOM   960  C  "C1'" . U   C 1 14 ? -14.815 -9.580  -2.205  1.00 34.88 ? 14 U   C "C1'" 1 
ATOM   961  N  N1    . U   C 1 14 ? -15.200 -8.525  -3.153  1.00 34.37 ? 14 U   C N1    1 
ATOM   962  C  C2    . U   C 1 14 ? -16.217 -8.809  -4.045  1.00 33.40 ? 14 U   C C2    1 
ATOM   963  O  O2    . U   C 1 14 ? -16.825 -9.864  -4.038  1.00 33.49 ? 14 U   C O2    1 
ATOM   964  N  N3    . U   C 1 14 ? -16.495 -7.814  -4.940  1.00 33.55 ? 14 U   C N3    1 
ATOM   965  C  C4    . U   C 1 14 ? -15.869 -6.597  -5.030  1.00 33.68 ? 14 U   C C4    1 
ATOM   966  O  O4    . U   C 1 14 ? -16.063 -5.895  -6.024  1.00 33.51 ? 14 U   C O4    1 
ATOM   967  C  C5    . U   C 1 14 ? -14.863 -6.373  -4.043  1.00 33.83 ? 14 U   C C5    1 
ATOM   968  C  C6    . U   C 1 14 ? -14.570 -7.317  -3.165  1.00 33.97 ? 14 U   C C6    1 
ATOM   969  P  P     . G   C 1 15 ? -10.795 -11.292 -3.897  1.00 37.22 ? 15 G   C P     1 
ATOM   970  O  OP1   . G   C 1 15 ? -9.665  -12.147 -3.462  1.00 37.40 ? 15 G   C OP1   1 
ATOM   971  O  OP2   . G   C 1 15 ? -10.523 -10.064 -4.718  1.00 36.90 ? 15 G   C OP2   1 
ATOM   972  O  "O5'" . G   C 1 15 ? -11.911 -12.191 -4.603  1.00 37.94 ? 15 G   C "O5'" 1 
ATOM   973  C  "C5'" . G   C 1 15 ? -12.315 -13.426 -4.026  1.00 39.12 ? 15 G   C "C5'" 1 
ATOM   974  C  "C4'" . G   C 1 15 ? -13.393 -14.070 -4.861  1.00 39.97 ? 15 G   C "C4'" 1 
ATOM   975  O  "O4'" . G   C 1 15 ? -14.604 -13.275 -4.824  1.00 40.83 ? 15 G   C "O4'" 1 
ATOM   976  C  "C3'" . G   C 1 15 ? -13.079 -14.196 -6.334  1.00 40.31 ? 15 G   C "C3'" 1 
ATOM   977  O  "O3'" . G   C 1 15 ? -12.350 -15.375 -6.559  1.00 40.49 ? 15 G   C "O3'" 1 
ATOM   978  C  "C2'" . G   C 1 15 ? -14.467 -14.289 -6.947  1.00 40.85 ? 15 G   C "C2'" 1 
ATOM   979  O  "O2'" . G   C 1 15 ? -15.051 -15.559 -6.732  1.00 40.44 ? 15 G   C "O2'" 1 
ATOM   980  C  "C1'" . G   C 1 15 ? -15.207 -13.245 -6.114  1.00 40.95 ? 15 G   C "C1'" 1 
ATOM   981  N  N9    . G   C 1 15 ? -15.050 -11.886 -6.626  1.00 40.89 ? 15 G   C N9    1 
ATOM   982  C  C8    . G   C 1 15 ? -14.197 -10.929 -6.125  1.00 40.69 ? 15 G   C C8    1 
ATOM   983  N  N7    . G   C 1 15 ? -14.310 -9.779  -6.724  1.00 40.69 ? 15 G   C N7    1 
ATOM   984  C  C5    . G   C 1 15 ? -15.283 -9.992  -7.690  1.00 40.73 ? 15 G   C C5    1 
ATOM   985  C  C6    . G   C 1 15 ? -15.834 -9.098  -8.640  1.00 40.62 ? 15 G   C C6    1 
ATOM   986  O  O6    . G   C 1 15 ? -15.588 -7.896  -8.801  1.00 40.17 ? 15 G   C O6    1 
ATOM   987  N  N1    . G   C 1 15 ? -16.770 -9.727  -9.446  1.00 40.50 ? 15 G   C N1    1 
ATOM   988  C  C2    . G   C 1 15 ? -17.139 -11.037 -9.342  1.00 40.62 ? 15 G   C C2    1 
ATOM   989  N  N2    . G   C 1 15 ? -18.064 -11.445 -10.218 1.00 40.25 ? 15 G   C N2    1 
ATOM   990  N  N3    . G   C 1 15 ? -16.642 -11.883 -8.446  1.00 40.52 ? 15 G   C N3    1 
ATOM   991  C  C4    . G   C 1 15 ? -15.729 -11.295 -7.659  1.00 40.70 ? 15 G   C C4    1 
ATOM   992  P  P     . C   C 1 16 ? -11.179 -15.380 -7.651  1.00 40.04 ? 16 C   C P     1 
ATOM   993  O  OP1   . C   C 1 16 ? -10.581 -16.739 -7.521  1.00 40.04 ? 16 C   C OP1   1 
ATOM   994  O  OP2   . C   C 1 16 ? -10.327 -14.178 -7.417  1.00 39.29 ? 16 C   C OP2   1 
ATOM   995  O  "O5'" . C   C 1 16 ? -11.957 -15.259 -9.047  1.00 40.14 ? 16 C   C "O5'" 1 
ATOM   996  C  "C5'" . C   C 1 16 ? -12.750 -16.344 -9.530  1.00 40.29 ? 16 C   C "C5'" 1 
ATOM   997  C  "C4'" . C   C 1 16 ? -13.736 -15.878 -10.578 1.00 39.90 ? 16 C   C "C4'" 1 
ATOM   998  O  "O4'" . C   C 1 16 ? -14.441 -14.736 -10.050 1.00 39.60 ? 16 C   C "O4'" 1 
ATOM   999  C  "C3'" . C   C 1 16 ? -13.208 -15.352 -11.907 1.00 39.72 ? 16 C   C "C3'" 1 
ATOM   1000 O  "O3'" . C   C 1 16 ? -12.754 -16.259 -12.929 1.00 40.35 ? 16 C   C "O3'" 1 
ATOM   1001 C  "C2'" . C   C 1 16 ? -14.392 -14.548 -12.414 1.00 39.49 ? 16 C   C "C2'" 1 
ATOM   1002 O  "O2'" . C   C 1 16 ? -15.417 -15.356 -12.936 1.00 39.92 ? 16 C   C "O2'" 1 
ATOM   1003 C  "C1'" . C   C 1 16 ? -14.883 -13.911 -11.120 1.00 39.49 ? 16 C   C "C1'" 1 
ATOM   1004 N  N1    . C   C 1 16 ? -14.345 -12.555 -10.929 1.00 38.99 ? 16 C   C N1    1 
ATOM   1005 C  C2    . C   C 1 16 ? -14.899 -11.516 -11.668 1.00 38.85 ? 16 C   C C2    1 
ATOM   1006 O  O2    . C   C 1 16 ? -15.808 -11.771 -12.457 1.00 39.09 ? 16 C   C O2    1 
ATOM   1007 N  N3    . C   C 1 16 ? -14.431 -10.266 -11.506 1.00 38.67 ? 16 C   C N3    1 
ATOM   1008 C  C4    . C   C 1 16 ? -13.439 -10.032 -10.648 1.00 38.61 ? 16 C   C C4    1 
ATOM   1009 N  N4    . C   C 1 16 ? -13.008 -8.779  -10.527 1.00 38.45 ? 16 C   C N4    1 
ATOM   1010 C  C5    . C   C 1 16 ? -12.845 -11.078 -9.878  1.00 39.18 ? 16 C   C C5    1 
ATOM   1011 C  C6    . C   C 1 16 ? -13.327 -12.313 -10.046 1.00 39.33 ? 16 C   C C6    1 
HETATM 1012 CA CA    . CA  D 3 .  ? 38.561  2.383   -8.621  1.00 27.20 ? 17 CA  A CA    1 
HETATM 1013 CA CA    . CA  E 3 .  ? -30.199 -2.472  -2.331  0.5  73.27 ? 17 CA  C CA    1 
HETATM 1014 O  O     . HOH F 4 .  ? -4.519  4.793   9.581   1.00 48.81 ? 18 HOH A O     1 
HETATM 1015 O  O     . HOH F 4 .  ? 20.022  -2.894  0.855   1.00 24.11 ? 19 HOH A O     1 
HETATM 1016 O  O     . HOH F 4 .  ? 23.418  -5.559  2.507   1.00 48.26 ? 20 HOH A O     1 
HETATM 1017 O  O     . HOH G 4 .  ? -1.720  -0.982  14.052  1.00 55.35 ? 17 HOH B O     1 
HETATM 1018 O  O     . HOH H 4 .  ? -15.252 -1.591  3.504   1.00 38.18 ? 18 HOH C O     1 
HETATM 1019 O  O     . HOH H 4 .  ? -31.774 -3.598  -0.716  1.00 51.34 ? 19 HOH C O     1 
HETATM 1020 O  O     . HOH H 4 .  ? -28.313 -2.342  -3.946  1.00 58.71 ? 20 HOH C O     1 
HETATM 1021 O  O     . HOH H 4 .  ? -23.390 -2.411  -10.534 1.00 21.42 ? 21 HOH C O     1 
# 
